data_6M11
#
_entry.id   6M11
#
_cell.length_a   59.240
_cell.length_b   111.000
_cell.length_c   262.670
_cell.angle_alpha   90.000
_cell.angle_beta   90.000
_cell.angle_gamma   90.000
#
_symmetry.space_group_name_H-M   'P 21 21 21'
#
loop_
_entity.id
_entity.type
_entity.pdbx_description
1 polymer 'Ribonuclease L'
2 non-polymer "5'-O-MONOPHOSPHORYLADENYLYL(2'->5')ADENYLYL(2'->5')ADENOSINE"
3 non-polymer 'N-[2-(diethylamino)ethyl]-5-[(Z)-(5-fluoro-2-oxo-1,2-dihydro-3H-indol-3-ylidene)methyl]-2,4-dimethyl-1H-pyrrole-3-carbo xamide'
4 non-polymer 'PHOSPHATE ION'
5 water water
#
_entity_poly.entity_id   1
_entity_poly.type   'polypeptide(L)'
_entity_poly.pdbx_seq_one_letter_code
;GAMDPASLEEMLTQAVQEADIEQVRQLLERGADANFQEEEWGWSPLHSAVQMDSEDLVALLLKHGADPCLRKRNGATPFI
IAGITGNVRLLQLLLPNVEDVNECDVNGFTAFMEAAVYGRVEALRFLYENGADVNMHRKTKQDQERIRKGGATALMDAAE
KGHVGVVTILLHAMKAEVDARDNMGRNALVYALLNPDDGKAKAITRLLLDHGADVNVRGEGSKTPLILAVERKNLDLVQM
LLEQEQIEVNDTDREGKTALLLAVELRLEEIAKLLCHRGASTNCGDLVAIARRNYDSDLVKFLRLHKAGEDFRPPAENWK
PQSSRWGEALKHLHRIWRPMIGKLKIFIDEEYKIADTAEGGIYLGLYEDQEVAVKRFSEGSTRGQQEVSCLQSSRANDNV
VTFYGSESDGSCLHVCLALCEYTLQEHLANHRGDAVPNEEDESARNILSSLFKAIGELHRSGYSHQDLQPQNILIDSKNG
TFLADFDKSIKWAEDPQKIKRDLEALGLLVLYVVKKGDISFETLKNQSFEEVIQGSPDEETRDLIHHLFHPGDNVEDRLS
SLLAHPFFWSWESRYRTLRDVGNESDIKTRNQNSRILQLLQPGTSELSTSFAQWTTKIDSFVMEEMNAYYKKISKKKKAK
HTNEGNLYQDTLGDLLKFIRNLGEHINEQKNKKMKSIIGEPSQYFQEKFPDLVMYVYTKLQNTEYMKHFPKTHNPNK
;
_entity_poly.pdbx_strand_id   a,b
#
# COMPACT_ATOMS: atom_id res chain seq x y z
N SER A 7 -33.85 -11.83 31.21
CA SER A 7 -35.17 -11.55 30.55
C SER A 7 -35.97 -10.45 31.27
N LEU A 8 -35.75 -10.27 32.58
CA LEU A 8 -36.53 -9.30 33.36
C LEU A 8 -36.10 -7.87 32.98
N GLU A 9 -34.88 -7.49 33.37
CA GLU A 9 -34.26 -6.23 32.96
C GLU A 9 -34.24 -6.01 31.45
N GLU A 10 -34.16 -7.12 30.71
CA GLU A 10 -34.27 -7.11 29.26
C GLU A 10 -35.66 -6.72 28.75
N MET A 11 -36.72 -7.12 29.47
CA MET A 11 -38.07 -6.64 29.18
C MET A 11 -38.25 -5.17 29.59
N LEU A 12 -37.60 -4.78 30.69
CA LEU A 12 -37.53 -3.38 31.10
C LEU A 12 -36.84 -2.54 30.01
N THR A 13 -35.66 -2.97 29.58
CA THR A 13 -34.92 -2.31 28.49
C THR A 13 -35.81 -2.11 27.26
N GLN A 14 -36.44 -3.21 26.84
CA GLN A 14 -37.39 -3.18 25.72
C GLN A 14 -38.56 -2.21 26.01
N ALA A 15 -39.09 -2.28 27.22
CA ALA A 15 -40.24 -1.53 27.60
C ALA A 15 -39.94 -0.06 27.45
N VAL A 16 -38.80 0.37 27.98
CA VAL A 16 -38.38 1.75 27.87
C VAL A 16 -38.25 2.17 26.40
N GLN A 17 -37.54 1.40 25.60
CA GLN A 17 -37.43 1.66 24.17
C GLN A 17 -38.77 1.85 23.43
N GLU A 18 -39.80 1.10 23.86
CA GLU A 18 -41.14 1.25 23.31
C GLU A 18 -41.89 2.47 23.85
N ALA A 19 -41.50 2.91 25.06
CA ALA A 19 -42.24 3.91 25.89
C ALA A 19 -43.65 3.45 26.31
N ASP A 20 -43.68 2.21 26.82
CA ASP A 20 -44.86 1.68 27.52
C ASP A 20 -44.68 2.03 29.01
N ILE A 21 -45.29 3.15 29.46
CA ILE A 21 -45.08 3.69 30.82
C ILE A 21 -45.53 2.70 31.92
N GLU A 22 -46.66 2.03 31.66
CA GLU A 22 -47.28 1.09 32.63
C GLU A 22 -46.41 -0.16 32.79
N GLN A 23 -46.04 -0.76 31.66
CA GLN A 23 -45.19 -1.94 31.63
C GLN A 23 -43.84 -1.71 32.32
N VAL A 24 -43.36 -0.46 32.32
CA VAL A 24 -42.19 -0.07 33.09
C VAL A 24 -42.49 -0.11 34.60
N ARG A 25 -43.59 0.53 34.99
CA ARG A 25 -44.06 0.59 36.40
C ARG A 25 -44.16 -0.79 37.03
N GLN A 26 -44.77 -1.73 36.32
CA GLN A 26 -44.97 -3.12 36.81
C GLN A 26 -43.65 -3.81 37.12
N LEU A 27 -42.66 -3.61 36.25
CA LEU A 27 -41.40 -4.30 36.36
C LEU A 27 -40.47 -3.72 37.40
N LEU A 28 -40.60 -2.42 37.66
CA LEU A 28 -39.87 -1.77 38.77
C LEU A 28 -40.37 -2.30 40.14
N GLU A 29 -41.68 -2.54 40.21
CA GLU A 29 -42.30 -3.10 41.40
C GLU A 29 -42.03 -4.59 41.51
N ARG A 30 -41.92 -5.25 40.35
CA ARG A 30 -41.47 -6.65 40.28
C ARG A 30 -40.03 -6.83 40.77
N GLY A 31 -39.26 -5.74 40.80
CA GLY A 31 -37.92 -5.71 41.37
C GLY A 31 -36.74 -5.57 40.42
N ALA A 32 -37.04 -5.11 39.18
CA ALA A 32 -36.07 -5.01 38.07
C ALA A 32 -35.10 -3.86 38.28
N ASP A 33 -33.83 -4.08 37.93
CA ASP A 33 -32.75 -3.11 38.21
C ASP A 33 -32.62 -1.97 37.21
N ALA A 34 -32.96 -0.75 37.63
CA ALA A 34 -32.76 0.47 36.82
C ALA A 34 -31.30 0.97 36.75
N ASN A 35 -30.41 0.29 37.49
CA ASN A 35 -28.98 0.41 37.37
C ASN A 35 -28.33 -0.73 36.55
N PHE A 36 -29.15 -1.51 35.82
CA PHE A 36 -28.65 -2.48 34.86
C PHE A 36 -28.00 -1.76 33.70
N GLN A 37 -26.85 -2.25 33.25
CA GLN A 37 -26.18 -1.78 32.06
C GLN A 37 -25.88 -2.97 31.13
N GLU A 38 -26.32 -2.89 29.88
CA GLU A 38 -25.90 -3.84 28.84
C GLU A 38 -24.38 -3.81 28.66
N GLU A 39 -23.78 -4.99 28.53
CA GLU A 39 -22.33 -5.16 28.69
C GLU A 39 -21.50 -4.55 27.54
N GLU A 40 -22.14 -4.25 26.42
CA GLU A 40 -21.48 -3.76 25.20
C GLU A 40 -21.11 -2.27 25.34
N TRP A 41 -22.13 -1.41 25.38
CA TRP A 41 -21.89 0.04 25.35
C TRP A 41 -22.23 0.74 26.64
N GLY A 42 -22.58 -0.05 27.67
CA GLY A 42 -22.91 0.46 29.01
C GLY A 42 -24.21 1.23 29.27
N TRP A 43 -25.13 1.25 28.31
CA TRP A 43 -26.39 2.00 28.40
C TRP A 43 -27.32 1.42 29.47
N SER A 44 -27.82 2.31 30.32
CA SER A 44 -28.84 2.05 31.35
C SER A 44 -30.26 2.44 30.88
N PRO A 45 -31.32 1.92 31.54
CA PRO A 45 -32.66 2.45 31.21
C PRO A 45 -32.76 3.97 31.47
N LEU A 46 -32.09 4.46 32.50
CA LEU A 46 -32.00 5.90 32.73
C LEU A 46 -31.29 6.70 31.64
N HIS A 47 -30.14 6.22 31.15
CA HIS A 47 -29.52 6.76 29.91
C HIS A 47 -30.49 6.81 28.74
N SER A 48 -31.17 5.68 28.49
CA SER A 48 -32.09 5.53 27.36
C SER A 48 -33.33 6.40 27.40
N ALA A 49 -33.90 6.56 28.60
CA ALA A 49 -35.10 7.37 28.83
C ALA A 49 -34.82 8.83 28.53
N VAL A 50 -33.72 9.35 29.08
CA VAL A 50 -33.18 10.69 28.74
C VAL A 50 -32.96 10.91 27.23
N GLN A 51 -32.19 10.04 26.54
CA GLN A 51 -31.94 10.15 25.09
C GLN A 51 -33.21 10.24 24.19
N MET A 52 -34.24 9.51 24.57
CA MET A 52 -35.52 9.47 23.82
C MET A 52 -36.50 10.58 24.22
N ASP A 53 -36.18 11.33 25.29
CA ASP A 53 -36.99 12.44 25.82
C ASP A 53 -38.46 12.12 26.12
N SER A 54 -38.66 11.33 27.16
CA SER A 54 -39.98 11.10 27.75
C SER A 54 -39.79 11.32 29.23
N GLU A 55 -40.25 12.47 29.72
CA GLU A 55 -40.06 12.89 31.11
C GLU A 55 -40.66 11.86 32.08
N ASP A 56 -41.85 11.37 31.74
CA ASP A 56 -42.60 10.41 32.57
C ASP A 56 -41.70 9.25 32.99
N LEU A 57 -40.96 8.69 32.04
CA LEU A 57 -40.02 7.59 32.28
C LEU A 57 -38.82 7.98 33.15
N VAL A 58 -38.35 9.22 33.04
CA VAL A 58 -37.19 9.70 33.82
C VAL A 58 -37.55 9.91 35.28
N ALA A 59 -38.75 10.47 35.49
CA ALA A 59 -39.37 10.62 36.81
C ALA A 59 -39.59 9.25 37.46
N LEU A 60 -40.27 8.36 36.73
CA LEU A 60 -40.57 7.01 37.23
C LEU A 60 -39.34 6.22 37.68
N LEU A 61 -38.26 6.34 36.92
CA LEU A 61 -37.01 5.60 37.20
C LEU A 61 -36.20 6.21 38.34
N LEU A 62 -36.20 7.54 38.43
CA LEU A 62 -35.55 8.26 39.53
C LEU A 62 -36.16 7.96 40.89
N LYS A 63 -37.49 7.73 40.91
CA LYS A 63 -38.24 7.25 42.08
C LYS A 63 -37.69 5.92 42.58
N HIS A 64 -37.29 5.06 41.63
CA HIS A 64 -36.78 3.72 41.93
C HIS A 64 -35.26 3.57 42.09
N GLY A 65 -34.60 4.65 42.56
CA GLY A 65 -33.18 4.67 42.89
C GLY A 65 -32.17 4.68 41.76
N ALA A 66 -32.61 4.91 40.52
CA ALA A 66 -31.70 4.94 39.35
C ALA A 66 -30.68 6.07 39.49
N ASP A 67 -29.40 5.66 39.49
CA ASP A 67 -28.27 6.57 39.69
C ASP A 67 -28.13 7.46 38.46
N PRO A 68 -28.16 8.80 38.68
CA PRO A 68 -27.99 9.76 37.57
C PRO A 68 -26.53 10.08 37.26
N CYS A 69 -25.61 9.52 38.06
CA CYS A 69 -24.17 9.64 37.81
C CYS A 69 -23.55 8.30 37.32
N LEU A 70 -24.43 7.45 36.76
CA LEU A 70 -24.06 6.13 36.25
C LEU A 70 -23.41 6.23 34.87
N ARG A 71 -22.15 5.80 34.77
CA ARG A 71 -21.37 5.97 33.55
C ARG A 71 -21.51 4.83 32.54
N LYS A 72 -21.86 5.17 31.28
CA LYS A 72 -21.78 4.19 30.16
C LYS A 72 -20.35 3.97 29.64
N ARG A 73 -20.15 3.31 28.51
CA ARG A 73 -18.79 2.95 28.05
C ARG A 73 -17.90 4.20 27.93
N ASN A 74 -18.41 5.25 27.27
CA ASN A 74 -17.70 6.51 27.11
C ASN A 74 -17.63 7.40 28.37
N GLY A 75 -18.09 6.90 29.53
CA GLY A 75 -18.05 7.65 30.81
C GLY A 75 -19.16 8.67 30.99
N ALA A 76 -19.97 8.87 29.96
CA ALA A 76 -21.15 9.71 30.00
C ALA A 76 -22.26 9.25 30.95
N THR A 77 -22.80 10.19 31.73
CA THR A 77 -23.87 10.01 32.70
C THR A 77 -25.18 10.54 32.09
N PRO A 78 -26.38 10.04 32.53
CA PRO A 78 -27.64 10.52 31.91
C PRO A 78 -27.85 12.05 31.98
N PHE A 79 -27.23 12.68 32.98
CA PHE A 79 -27.20 14.15 33.05
C PHE A 79 -26.49 14.74 31.81
N ILE A 80 -25.23 14.34 31.56
CA ILE A 80 -24.46 14.75 30.37
C ILE A 80 -25.32 14.62 29.12
N ILE A 81 -25.97 13.44 28.98
CA ILE A 81 -26.93 13.13 27.89
C ILE A 81 -28.08 14.10 27.77
N ALA A 82 -28.60 14.61 28.90
CA ALA A 82 -29.67 15.63 28.87
C ALA A 82 -29.27 16.91 28.17
N GLY A 83 -27.98 17.27 28.27
CA GLY A 83 -27.38 18.37 27.48
C GLY A 83 -27.58 18.24 25.97
N ILE A 84 -27.35 17.02 25.49
CA ILE A 84 -27.58 16.63 24.09
C ILE A 84 -29.09 16.67 23.81
N THR A 85 -29.88 16.17 24.77
CA THR A 85 -31.36 16.15 24.61
C THR A 85 -31.97 17.55 24.54
N GLY A 86 -31.49 18.46 25.40
CA GLY A 86 -31.92 19.84 25.51
C GLY A 86 -33.32 20.14 26.05
N ASN A 87 -33.85 19.19 26.82
CA ASN A 87 -35.07 19.42 27.60
C ASN A 87 -34.66 19.86 29.00
N VAL A 88 -35.18 21.02 29.40
CA VAL A 88 -34.74 21.69 30.63
C VAL A 88 -35.27 21.01 31.90
N ARG A 89 -36.47 20.41 31.81
CA ARG A 89 -37.08 19.75 32.98
C ARG A 89 -36.46 18.40 33.33
N LEU A 90 -35.72 17.83 32.37
CA LEU A 90 -34.90 16.64 32.63
C LEU A 90 -33.69 17.05 33.46
N LEU A 91 -32.98 18.11 33.03
CA LEU A 91 -31.82 18.62 33.78
C LEU A 91 -32.19 19.08 35.23
N GLN A 92 -33.39 19.68 35.34
CA GLN A 92 -33.95 20.00 36.66
C GLN A 92 -34.10 18.75 37.54
N LEU A 93 -34.72 17.71 36.97
CA LEU A 93 -34.99 16.46 37.67
C LEU A 93 -33.75 15.69 38.14
N LEU A 94 -32.63 15.86 37.43
CA LEU A 94 -31.39 15.12 37.70
C LEU A 94 -30.35 15.88 38.55
N LEU A 95 -30.43 17.23 38.52
CA LEU A 95 -29.50 18.10 39.28
C LEU A 95 -29.36 17.86 40.81
N PRO A 96 -30.49 17.63 41.56
CA PRO A 96 -30.36 17.41 43.02
C PRO A 96 -29.69 16.09 43.47
N ASN A 97 -29.28 15.26 42.51
CA ASN A 97 -28.50 14.06 42.77
C ASN A 97 -27.10 14.12 42.17
N VAL A 98 -26.87 15.13 41.34
CA VAL A 98 -25.61 15.33 40.62
C VAL A 98 -24.57 15.90 41.59
N GLU A 99 -23.42 15.24 41.70
CA GLU A 99 -22.31 15.71 42.57
C GLU A 99 -21.65 17.00 42.05
N ASP A 100 -21.16 16.94 40.81
CA ASP A 100 -20.56 18.07 40.10
C ASP A 100 -21.32 18.22 38.77
N VAL A 101 -21.73 19.45 38.46
CA VAL A 101 -22.37 19.81 37.18
C VAL A 101 -21.36 19.76 35.98
N ASN A 102 -20.08 19.88 36.33
CA ASN A 102 -18.95 19.85 35.39
C ASN A 102 -18.33 18.46 35.20
N GLU A 103 -19.12 17.40 35.48
CA GLU A 103 -18.63 16.03 35.33
C GLU A 103 -18.38 15.79 33.87
N CYS A 104 -17.24 15.21 33.52
CA CYS A 104 -16.93 14.88 32.12
C CYS A 104 -16.93 13.37 31.83
N ASP A 105 -17.35 12.99 30.62
CA ASP A 105 -17.08 11.66 30.07
C ASP A 105 -15.59 11.43 29.79
N VAL A 106 -15.18 10.27 29.25
CA VAL A 106 -13.73 10.00 29.15
C VAL A 106 -12.99 10.88 28.11
N ASN A 107 -13.75 11.51 27.22
CA ASN A 107 -13.21 12.45 26.22
C ASN A 107 -13.29 13.92 26.65
N GLY A 108 -13.55 14.16 27.94
CA GLY A 108 -13.64 15.51 28.51
C GLY A 108 -14.93 16.30 28.30
N PHE A 109 -15.95 15.67 27.70
CA PHE A 109 -17.24 16.31 27.43
C PHE A 109 -18.12 16.50 28.71
N THR A 110 -18.71 17.70 28.84
CA THR A 110 -19.64 18.07 29.92
C THR A 110 -21.01 18.33 29.32
N ALA A 111 -22.04 18.36 30.16
CA ALA A 111 -23.41 18.67 29.74
C ALA A 111 -23.55 19.99 29.02
N PHE A 112 -22.69 20.94 29.42
CA PHE A 112 -22.59 22.28 28.84
C PHE A 112 -21.96 22.23 27.45
N MET A 113 -20.81 21.54 27.31
CA MET A 113 -20.26 21.21 25.98
C MET A 113 -21.30 20.56 25.07
N GLU A 114 -21.97 19.54 25.62
CA GLU A 114 -23.00 18.83 24.87
C GLU A 114 -24.16 19.69 24.47
N ALA A 115 -24.50 20.68 25.33
CA ALA A 115 -25.51 21.68 25.00
C ALA A 115 -25.05 22.57 23.86
N ALA A 116 -23.76 22.91 23.88
CA ALA A 116 -23.17 23.74 22.83
C ALA A 116 -23.09 23.01 21.49
N VAL A 117 -22.63 21.74 21.52
CA VAL A 117 -22.56 20.87 20.34
C VAL A 117 -23.94 20.74 19.69
N TYR A 118 -25.00 20.62 20.48
CA TYR A 118 -26.28 20.37 19.85
C TYR A 118 -27.15 21.59 19.60
N GLY A 119 -26.59 22.76 19.89
CA GLY A 119 -27.26 24.06 19.68
C GLY A 119 -28.59 24.14 20.41
N ARG A 120 -28.51 23.87 21.71
CA ARG A 120 -29.66 23.86 22.61
C ARG A 120 -29.55 25.04 23.57
N VAL A 121 -30.09 26.18 23.11
CA VAL A 121 -29.98 27.50 23.77
C VAL A 121 -30.44 27.52 25.26
N GLU A 122 -31.67 27.06 25.46
CA GLU A 122 -32.38 26.93 26.75
C GLU A 122 -31.63 26.07 27.78
N ALA A 123 -31.03 24.97 27.32
CA ALA A 123 -30.28 24.08 28.23
C ALA A 123 -28.97 24.72 28.63
N LEU A 124 -28.37 25.45 27.70
CA LEU A 124 -27.13 26.21 27.94
C LEU A 124 -27.34 27.30 29.02
N ARG A 125 -28.49 27.99 28.93
CA ARG A 125 -28.94 29.00 29.90
C ARG A 125 -29.08 28.42 31.30
N PHE A 126 -29.87 27.33 31.41
CA PHE A 126 -30.01 26.56 32.66
C PHE A 126 -28.68 26.19 33.31
N LEU A 127 -27.82 25.52 32.55
CA LEU A 127 -26.54 25.10 33.07
C LEU A 127 -25.60 26.27 33.31
N TYR A 128 -25.88 27.40 32.65
CA TYR A 128 -25.16 28.62 32.95
C TYR A 128 -25.34 29.07 34.40
N GLU A 129 -26.59 29.34 34.77
CA GLU A 129 -26.96 29.82 36.11
C GLU A 129 -26.65 28.83 37.24
N ASN A 130 -26.15 27.65 36.88
CA ASN A 130 -26.02 26.53 37.81
C ASN A 130 -24.58 26.03 38.06
N GLY A 131 -23.59 26.85 37.70
CA GLY A 131 -22.19 26.52 37.99
C GLY A 131 -21.36 25.99 36.82
N ALA A 132 -22.00 25.78 35.65
CA ALA A 132 -21.31 25.13 34.51
C ALA A 132 -20.22 26.04 33.93
N ASP A 133 -18.98 25.61 34.09
CA ASP A 133 -17.80 26.28 33.54
C ASP A 133 -17.83 26.39 32.00
N VAL A 134 -17.61 27.63 31.55
CA VAL A 134 -17.80 28.06 30.16
C VAL A 134 -16.51 27.95 29.35
N ASN A 135 -15.37 28.09 30.03
CA ASN A 135 -14.07 27.98 29.40
C ASN A 135 -13.32 26.77 29.98
N MET A 136 -14.08 25.67 30.06
CA MET A 136 -13.54 24.36 30.36
C MET A 136 -13.03 23.82 29.01
N HIS A 137 -11.76 23.46 29.01
CA HIS A 137 -11.16 22.67 27.95
C HIS A 137 -11.45 21.19 28.25
N ARG A 138 -11.62 20.38 27.21
CA ARG A 138 -11.77 18.92 27.43
C ARG A 138 -10.48 18.24 27.87
N LYS A 139 -10.52 17.60 29.03
CA LYS A 139 -9.37 16.87 29.54
C LYS A 139 -9.62 15.43 29.15
N THR A 140 -8.74 14.93 28.28
CA THR A 140 -8.92 13.59 27.69
C THR A 140 -7.96 12.54 28.30
N LYS A 141 -8.00 11.28 27.81
CA LYS A 141 -7.11 10.21 28.31
C LYS A 141 -5.67 10.38 27.79
N GLN A 142 -4.70 9.71 28.41
CA GLN A 142 -3.28 10.02 28.17
C GLN A 142 -2.79 9.81 26.73
N ASP A 143 -3.38 8.81 26.08
CA ASP A 143 -3.10 8.50 24.68
C ASP A 143 -3.54 9.61 23.76
N GLN A 144 -4.70 10.20 24.04
CA GLN A 144 -5.23 11.29 23.22
C GLN A 144 -4.44 12.57 23.40
N GLU A 145 -4.00 12.83 24.63
CA GLU A 145 -3.19 14.00 24.94
C GLU A 145 -1.81 13.94 24.34
N ARG A 146 -1.19 12.76 24.33
CA ARG A 146 0.22 12.63 23.88
C ARG A 146 0.39 12.89 22.39
N ILE A 147 -0.69 12.74 21.63
CA ILE A 147 -0.76 13.20 20.24
C ILE A 147 -1.54 14.52 20.13
N ARG A 148 -1.50 15.30 21.21
CA ARG A 148 -2.11 16.62 21.29
C ARG A 148 -3.58 16.74 20.85
N LYS A 149 -4.38 15.72 21.13
CA LYS A 149 -5.85 15.85 20.96
C LYS A 149 -6.49 16.42 22.24
N GLY A 150 -7.75 16.85 22.13
CA GLY A 150 -8.51 17.47 23.21
C GLY A 150 -8.29 18.97 23.38
N GLY A 151 -8.70 19.50 24.54
CA GLY A 151 -8.51 20.90 24.91
C GLY A 151 -9.53 21.91 24.37
N ALA A 152 -10.53 21.43 23.63
CA ALA A 152 -11.49 22.28 22.99
C ALA A 152 -12.54 22.73 24.03
N THR A 153 -13.35 23.71 23.63
CA THR A 153 -14.26 24.45 24.52
C THR A 153 -15.64 24.43 23.90
N ALA A 154 -16.62 24.96 24.64
CA ALA A 154 -17.95 25.14 24.12
C ALA A 154 -17.99 26.12 22.95
N LEU A 155 -17.08 27.11 22.98
CA LEU A 155 -17.07 28.12 21.91
C LEU A 155 -16.66 27.47 20.59
N MET A 156 -15.54 26.76 20.64
CA MET A 156 -15.01 26.02 19.49
C MET A 156 -16.01 25.02 18.93
N ASP A 157 -16.62 24.25 19.85
CA ASP A 157 -17.72 23.35 19.49
C ASP A 157 -18.84 24.04 18.73
N ALA A 158 -19.33 25.14 19.30
CA ALA A 158 -20.43 25.89 18.73
C ALA A 158 -20.07 26.49 17.38
N ALA A 159 -18.83 26.97 17.26
CA ALA A 159 -18.34 27.57 16.01
C ALA A 159 -18.27 26.56 14.86
N GLU A 160 -17.73 25.37 15.15
CA GLU A 160 -17.60 24.28 14.17
C GLU A 160 -18.98 23.87 13.67
N LYS A 161 -19.91 23.66 14.60
CA LYS A 161 -21.24 23.26 14.23
C LYS A 161 -22.06 24.38 13.56
N GLY A 162 -21.59 25.62 13.67
CA GLY A 162 -22.20 26.76 12.98
C GLY A 162 -23.48 27.29 13.60
N HIS A 163 -23.63 27.04 14.91
CA HIS A 163 -24.80 27.51 15.66
C HIS A 163 -24.63 28.97 16.02
N VAL A 164 -25.29 29.83 15.24
CA VAL A 164 -25.13 31.29 15.38
C VAL A 164 -25.60 31.68 16.79
N GLY A 165 -26.81 31.20 17.13
CA GLY A 165 -27.42 31.48 18.40
C GLY A 165 -26.47 31.24 19.53
N VAL A 166 -25.91 30.04 19.59
CA VAL A 166 -25.06 29.64 20.69
C VAL A 166 -23.79 30.50 20.81
N VAL A 167 -23.25 30.91 19.68
CA VAL A 167 -22.04 31.72 19.63
C VAL A 167 -22.31 33.08 20.23
N THR A 168 -23.43 33.69 19.83
CA THR A 168 -23.89 35.02 20.30
C THR A 168 -24.04 35.04 21.83
N ILE A 169 -24.68 34.02 22.36
CA ILE A 169 -25.08 33.92 23.76
C ILE A 169 -23.86 33.67 24.65
N LEU A 170 -22.86 32.95 24.14
CA LEU A 170 -21.69 32.59 24.93
C LEU A 170 -20.70 33.72 25.10
N LEU A 171 -20.50 34.48 24.04
CA LEU A 171 -19.49 35.55 24.05
C LEU A 171 -19.98 36.73 24.87
N HIS A 172 -21.30 36.99 24.78
CA HIS A 172 -21.95 38.18 25.32
C HIS A 172 -22.48 37.93 26.73
N ALA A 173 -23.57 37.16 26.84
CA ALA A 173 -24.17 36.79 28.12
C ALA A 173 -23.23 36.02 29.08
N MET A 174 -22.33 35.20 28.52
CA MET A 174 -21.69 34.12 29.28
C MET A 174 -20.17 34.24 29.53
N LYS A 175 -19.57 35.30 29.00
CA LYS A 175 -18.13 35.62 29.22
C LYS A 175 -17.11 34.60 28.66
N ALA A 176 -17.44 34.02 27.51
CA ALA A 176 -16.51 33.10 26.83
C ALA A 176 -15.19 33.76 26.40
N GLU A 177 -14.08 33.09 26.67
CA GLU A 177 -12.76 33.52 26.18
C GLU A 177 -12.63 33.18 24.70
N VAL A 178 -12.50 34.22 23.90
CA VAL A 178 -12.46 34.13 22.44
C VAL A 178 -11.17 33.48 21.92
N ASP A 179 -10.05 33.77 22.57
CA ASP A 179 -8.74 33.32 22.12
C ASP A 179 -8.20 32.06 22.84
N ALA A 180 -9.13 31.30 23.44
CA ALA A 180 -8.82 30.04 24.13
C ALA A 180 -8.31 29.01 23.12
N ARG A 181 -7.24 28.29 23.49
CA ARG A 181 -6.61 27.31 22.60
C ARG A 181 -6.85 25.88 23.02
N ASP A 182 -7.07 25.01 22.02
CA ASP A 182 -6.97 23.56 22.22
C ASP A 182 -5.51 23.09 22.26
N ASN A 183 -5.26 21.84 22.60
CA ASN A 183 -3.85 21.35 22.71
C ASN A 183 -3.08 21.41 21.38
N MET A 184 -3.79 21.34 20.26
CA MET A 184 -3.23 21.47 18.91
C MET A 184 -2.81 22.94 18.59
N GLY A 185 -3.27 23.89 19.40
CA GLY A 185 -3.01 25.33 19.23
C GLY A 185 -4.08 26.09 18.45
N ARG A 186 -5.21 25.45 18.26
CA ARG A 186 -6.32 26.01 17.50
C ARG A 186 -7.30 26.76 18.37
N ASN A 187 -7.98 27.71 17.75
CA ASN A 187 -9.02 28.49 18.41
C ASN A 187 -10.29 28.49 17.55
N ALA A 188 -11.31 29.19 18.01
CA ALA A 188 -12.66 29.03 17.51
C ALA A 188 -12.80 29.52 16.08
N LEU A 189 -11.93 30.45 15.72
CA LEU A 189 -11.90 31.01 14.36
C LEU A 189 -11.62 29.93 13.33
N VAL A 190 -10.61 29.09 13.60
CA VAL A 190 -10.26 27.95 12.74
C VAL A 190 -11.48 27.02 12.59
N TYR A 191 -12.06 26.66 13.74
CA TYR A 191 -13.27 25.86 13.80
C TYR A 191 -14.42 26.48 13.04
N ALA A 192 -14.53 27.81 13.12
CA ALA A 192 -15.61 28.55 12.43
C ALA A 192 -15.48 28.40 10.95
N LEU A 193 -14.25 28.57 10.46
CA LEU A 193 -13.97 28.60 9.03
C LEU A 193 -14.17 27.25 8.29
N LEU A 194 -14.25 26.15 9.04
CA LEU A 194 -14.49 24.84 8.50
C LEU A 194 -15.96 24.49 8.26
N ASN A 195 -16.90 25.25 8.83
CA ASN A 195 -18.33 24.93 8.68
C ASN A 195 -18.86 25.09 7.23
N PRO A 196 -19.60 24.07 6.70
CA PRO A 196 -20.06 24.11 5.29
C PRO A 196 -20.92 25.30 4.84
N ASP A 197 -21.80 25.83 5.71
CA ASP A 197 -22.72 26.94 5.35
C ASP A 197 -22.12 28.36 5.31
N ASP A 198 -22.40 29.05 4.19
CA ASP A 198 -21.89 30.42 3.96
C ASP A 198 -22.26 31.45 5.04
N GLY A 199 -23.55 31.75 5.17
CA GLY A 199 -24.09 32.69 6.15
C GLY A 199 -23.67 32.43 7.57
N LYS A 200 -23.90 31.19 8.04
CA LYS A 200 -23.45 30.76 9.37
C LYS A 200 -21.95 31.00 9.59
N ALA A 201 -21.14 30.67 8.61
CA ALA A 201 -19.69 30.88 8.72
C ALA A 201 -19.41 32.37 8.81
N LYS A 202 -20.12 33.15 7.98
CA LYS A 202 -19.93 34.62 7.93
C LYS A 202 -20.21 35.26 9.30
N ALA A 203 -21.39 34.96 9.83
CA ALA A 203 -21.86 35.55 11.08
C ALA A 203 -20.94 35.26 12.27
N ILE A 204 -20.43 34.03 12.33
CA ILE A 204 -19.66 33.55 13.45
C ILE A 204 -18.27 34.17 13.51
N THR A 205 -17.70 34.39 12.32
CA THR A 205 -16.35 34.94 12.12
C THR A 205 -16.34 36.42 12.54
N ARG A 206 -17.28 37.19 11.97
CA ARG A 206 -17.69 38.53 12.44
C ARG A 206 -17.63 38.68 13.97
N LEU A 207 -18.50 37.97 14.69
CA LEU A 207 -18.51 37.98 16.16
C LEU A 207 -17.12 37.76 16.78
N LEU A 208 -16.44 36.71 16.31
CA LEU A 208 -15.20 36.24 16.89
C LEU A 208 -14.05 37.21 16.62
N LEU A 209 -14.09 37.85 15.46
CA LEU A 209 -13.06 38.82 15.07
C LEU A 209 -13.15 40.06 15.96
N ASP A 210 -14.38 40.55 16.11
CA ASP A 210 -14.72 41.73 16.90
C ASP A 210 -14.43 41.60 18.39
N HIS A 211 -14.26 40.37 18.87
CA HIS A 211 -13.93 40.09 20.27
C HIS A 211 -12.46 39.92 20.50
N GLY A 212 -11.68 39.84 19.42
CA GLY A 212 -10.23 39.65 19.50
C GLY A 212 -9.76 38.21 19.41
N ALA A 213 -10.32 37.46 18.46
CA ALA A 213 -9.71 36.16 18.07
C ALA A 213 -8.42 36.46 17.33
N ASP A 214 -7.34 35.76 17.67
CA ASP A 214 -6.09 35.78 16.90
C ASP A 214 -6.34 35.28 15.46
N VAL A 215 -5.79 36.00 14.49
CA VAL A 215 -5.93 35.62 13.11
C VAL A 215 -4.68 34.93 12.56
N ASN A 216 -3.61 34.96 13.35
CA ASN A 216 -2.34 34.35 12.95
C ASN A 216 -2.12 32.98 13.60
N VAL A 217 -3.04 32.08 13.25
CA VAL A 217 -3.10 30.77 13.89
C VAL A 217 -3.06 29.63 12.91
N ARG A 218 -2.59 28.50 13.43
CA ARG A 218 -2.39 27.31 12.62
C ARG A 218 -3.51 26.30 12.90
N GLY A 219 -4.17 25.91 11.81
CA GLY A 219 -5.19 24.86 11.80
C GLY A 219 -4.65 23.54 11.22
N GLU A 220 -5.54 22.70 10.68
CA GLU A 220 -5.10 21.46 10.03
C GLU A 220 -4.24 21.75 8.79
N GLY A 221 -3.13 21.03 8.64
CA GLY A 221 -2.24 21.15 7.48
C GLY A 221 -1.40 22.42 7.49
N SER A 222 -1.22 22.93 8.72
CA SER A 222 -0.56 24.22 9.02
C SER A 222 -1.21 25.47 8.37
N LYS A 223 -2.49 25.34 7.99
CA LYS A 223 -3.26 26.38 7.33
C LYS A 223 -3.65 27.52 8.29
N THR A 224 -3.50 28.75 7.82
CA THR A 224 -4.05 29.92 8.47
C THR A 224 -5.55 30.06 8.20
N PRO A 225 -6.24 30.95 8.95
CA PRO A 225 -7.62 31.30 8.63
C PRO A 225 -7.74 31.88 7.24
N LEU A 226 -6.74 32.67 6.83
CA LEU A 226 -6.77 33.27 5.48
C LEU A 226 -6.78 32.23 4.37
N ILE A 227 -5.87 31.27 4.45
CA ILE A 227 -5.78 30.19 3.44
C ILE A 227 -7.07 29.36 3.40
N LEU A 228 -7.69 29.18 4.56
CA LEU A 228 -8.95 28.45 4.65
C LEU A 228 -10.07 29.20 3.95
N ALA A 229 -10.05 30.53 4.07
CA ALA A 229 -11.05 31.39 3.42
C ALA A 229 -10.88 31.37 1.90
N VAL A 230 -9.62 31.46 1.46
CA VAL A 230 -9.27 31.32 0.03
C VAL A 230 -9.80 29.98 -0.52
N GLU A 231 -9.37 28.87 0.08
CA GLU A 231 -9.69 27.52 -0.43
C GLU A 231 -11.19 27.26 -0.54
N ARG A 232 -11.94 27.95 0.31
CA ARG A 232 -13.39 27.85 0.36
C ARG A 232 -14.05 28.66 -0.77
N LYS A 233 -13.29 29.55 -1.39
CA LYS A 233 -13.74 30.48 -2.47
C LYS A 233 -14.79 31.47 -1.97
N ASN A 234 -14.45 32.17 -0.89
CA ASN A 234 -15.38 33.12 -0.26
C ASN A 234 -14.80 34.51 -0.05
N LEU A 235 -15.12 35.43 -0.97
CA LEU A 235 -14.67 36.85 -0.94
C LEU A 235 -14.99 37.53 0.42
N ASP A 236 -16.23 37.31 0.83
CA ASP A 236 -16.79 37.73 2.10
C ASP A 236 -15.93 37.33 3.32
N LEU A 237 -15.59 36.05 3.45
CA LEU A 237 -14.75 35.60 4.55
C LEU A 237 -13.32 36.15 4.47
N VAL A 238 -12.89 36.54 3.26
CA VAL A 238 -11.55 37.09 3.01
C VAL A 238 -11.46 38.61 3.30
N GLN A 239 -12.49 39.37 2.92
CA GLN A 239 -12.61 40.80 3.34
C GLN A 239 -12.55 41.02 4.87
N MET A 240 -13.36 40.28 5.64
CA MET A 240 -13.29 40.33 7.12
C MET A 240 -11.91 40.07 7.71
N LEU A 241 -11.19 39.14 7.10
CA LEU A 241 -9.88 38.74 7.64
C LEU A 241 -8.80 39.71 7.22
N LEU A 242 -8.97 40.34 6.06
CA LEU A 242 -8.10 41.43 5.58
C LEU A 242 -8.45 42.86 6.07
N GLU A 243 -9.44 42.96 6.96
CA GLU A 243 -9.74 44.23 7.65
C GLU A 243 -8.77 44.54 8.79
N GLN A 244 -8.09 43.51 9.27
CA GLN A 244 -7.12 43.59 10.37
C GLN A 244 -5.75 43.79 9.73
N GLU A 245 -4.90 44.61 10.34
CA GLU A 245 -3.57 44.89 9.76
C GLU A 245 -2.49 43.90 10.14
N GLN A 246 -2.56 43.41 11.37
CA GLN A 246 -1.61 42.43 11.91
C GLN A 246 -1.68 41.03 11.23
N ILE A 247 -2.67 40.82 10.34
CA ILE A 247 -2.79 39.60 9.55
C ILE A 247 -1.57 39.37 8.66
N GLU A 248 -0.83 38.29 8.95
CA GLU A 248 0.32 37.87 8.13
C GLU A 248 -0.21 37.38 6.80
N VAL A 249 -0.01 38.20 5.78
CA VAL A 249 -0.54 37.91 4.44
C VAL A 249 0.37 36.96 3.66
N ASN A 250 1.66 37.01 3.98
CA ASN A 250 2.67 36.15 3.37
C ASN A 250 2.95 34.91 4.25
N ASP A 251 1.88 34.33 4.80
CA ASP A 251 2.01 33.06 5.53
C ASP A 251 1.89 31.84 4.61
N THR A 252 2.71 30.84 4.91
CA THR A 252 2.76 29.58 4.15
C THR A 252 2.19 28.40 4.94
N ASP A 253 1.36 27.59 4.26
CA ASP A 253 0.83 26.35 4.81
C ASP A 253 1.89 25.21 4.82
N ARG A 254 1.46 23.95 4.94
CA ARG A 254 2.33 22.78 4.94
C ARG A 254 3.35 22.78 3.80
N GLU A 255 2.88 22.95 2.57
CA GLU A 255 3.73 22.71 1.37
C GLU A 255 4.46 23.96 0.84
N GLY A 256 4.15 25.15 1.38
CA GLY A 256 4.81 26.38 0.93
C GLY A 256 3.93 27.11 -0.05
N LYS A 257 2.64 26.83 0.01
CA LYS A 257 1.66 27.56 -0.77
C LYS A 257 1.17 28.73 0.07
N THR A 258 1.02 29.86 -0.61
CA THR A 258 0.66 31.12 -0.01
C THR A 258 -0.82 31.35 -0.38
N ALA A 259 -1.49 32.23 0.36
CA ALA A 259 -2.93 32.49 0.14
C ALA A 259 -3.21 32.98 -1.31
N LEU A 260 -2.35 33.89 -1.80
CA LEU A 260 -2.37 34.40 -3.18
C LEU A 260 -2.16 33.29 -4.20
N LEU A 261 -1.05 32.56 -4.01
CA LEU A 261 -0.72 31.42 -4.83
C LEU A 261 -1.98 30.58 -4.99
N LEU A 262 -2.62 30.27 -3.86
CA LEU A 262 -3.85 29.53 -3.87
C LEU A 262 -4.98 30.16 -4.66
N ALA A 263 -5.08 31.49 -4.63
CA ALA A 263 -6.17 32.18 -5.30
C ALA A 263 -5.97 32.22 -6.81
N VAL A 264 -4.74 32.47 -7.25
CA VAL A 264 -4.44 32.30 -8.68
C VAL A 264 -4.79 30.87 -9.11
N GLU A 265 -4.20 29.88 -8.42
CA GLU A 265 -4.41 28.44 -8.71
C GLU A 265 -5.86 28.03 -8.83
N LEU A 266 -6.72 28.63 -7.99
CA LEU A 266 -8.17 28.35 -7.99
C LEU A 266 -9.02 29.17 -8.96
N ARG A 267 -8.41 30.12 -9.68
CA ARG A 267 -9.09 30.92 -10.72
C ARG A 267 -10.14 31.86 -10.11
N LEU A 268 -9.71 32.65 -9.15
CA LEU A 268 -10.58 33.55 -8.35
C LEU A 268 -10.09 35.00 -8.40
N GLU A 269 -10.54 35.72 -9.44
CA GLU A 269 -10.02 37.04 -9.83
C GLU A 269 -10.03 38.05 -8.66
N GLU A 270 -11.23 38.37 -8.19
CA GLU A 270 -11.49 39.35 -7.12
C GLU A 270 -10.58 39.15 -5.88
N ILE A 271 -10.59 37.90 -5.41
CA ILE A 271 -9.89 37.48 -4.22
C ILE A 271 -8.38 37.62 -4.42
N ALA A 272 -7.88 37.37 -5.64
CA ALA A 272 -6.46 37.57 -5.94
C ALA A 272 -6.07 39.04 -5.92
N LYS A 273 -6.84 39.88 -6.61
CA LYS A 273 -6.60 41.35 -6.67
C LYS A 273 -6.60 41.99 -5.29
N LEU A 274 -7.70 41.78 -4.56
CA LEU A 274 -7.83 42.22 -3.16
C LEU A 274 -6.62 41.83 -2.27
N LEU A 275 -6.09 40.64 -2.53
CA LEU A 275 -4.89 40.15 -1.90
C LEU A 275 -3.63 40.92 -2.27
N CYS A 276 -3.55 41.37 -3.52
CA CYS A 276 -2.37 42.17 -3.98
C CYS A 276 -2.37 43.57 -3.36
N HIS A 277 -3.54 44.22 -3.42
CA HIS A 277 -3.82 45.54 -2.85
C HIS A 277 -3.66 45.56 -1.33
N ARG A 278 -3.23 44.42 -0.75
CA ARG A 278 -3.04 44.27 0.67
C ARG A 278 -1.67 43.76 1.10
N GLY A 279 -0.74 43.61 0.16
CA GLY A 279 0.64 43.21 0.48
C GLY A 279 1.02 41.74 0.24
N ALA A 280 0.19 41.00 -0.50
CA ALA A 280 0.56 39.63 -0.86
C ALA A 280 1.67 39.77 -1.90
N SER A 281 2.90 39.44 -1.47
CA SER A 281 4.09 39.53 -2.33
C SER A 281 4.02 38.51 -3.47
N THR A 282 4.49 38.91 -4.65
CA THR A 282 4.26 38.17 -5.87
C THR A 282 5.30 37.10 -6.20
N ASN A 283 6.45 37.11 -5.55
CA ASN A 283 7.43 36.02 -5.74
C ASN A 283 7.28 34.87 -4.72
N CYS A 284 6.19 34.14 -4.92
CA CYS A 284 5.87 32.88 -4.23
C CYS A 284 5.63 31.72 -5.24
N GLY A 285 5.98 31.95 -6.52
CA GLY A 285 5.63 31.05 -7.61
C GLY A 285 5.16 31.82 -8.82
N ASP A 286 5.22 31.18 -9.98
CA ASP A 286 4.95 31.90 -11.24
C ASP A 286 3.48 32.08 -11.47
N LEU A 287 2.93 33.10 -10.82
CA LEU A 287 1.48 33.38 -10.80
C LEU A 287 0.93 33.71 -12.17
N VAL A 288 1.72 34.43 -12.95
CA VAL A 288 1.42 34.76 -14.34
C VAL A 288 1.10 33.50 -15.15
N ALA A 289 2.05 32.56 -15.21
CA ALA A 289 1.88 31.28 -15.92
C ALA A 289 0.67 30.50 -15.42
N ILE A 290 0.46 30.53 -14.11
CA ILE A 290 -0.70 29.89 -13.45
C ILE A 290 -2.03 30.52 -13.91
N ALA A 291 -2.11 31.86 -13.90
CA ALA A 291 -3.27 32.55 -14.50
C ALA A 291 -3.42 32.19 -15.98
N ARG A 292 -2.29 32.12 -16.69
CA ARG A 292 -2.31 31.81 -18.14
C ARG A 292 -2.92 30.44 -18.45
N ARG A 293 -2.52 29.39 -17.73
CA ARG A 293 -3.09 28.05 -17.97
C ARG A 293 -4.55 27.96 -17.53
N ASN A 294 -4.94 28.89 -16.66
CA ASN A 294 -6.31 28.98 -16.21
C ASN A 294 -7.27 29.60 -17.25
N TYR A 295 -6.68 30.19 -18.31
CA TYR A 295 -7.43 30.98 -19.32
C TYR A 295 -8.11 32.22 -18.69
N ASP A 296 -7.34 32.92 -17.87
CA ASP A 296 -7.82 34.06 -17.10
C ASP A 296 -7.16 35.33 -17.66
N SER A 297 -7.60 35.76 -18.86
CA SER A 297 -7.07 36.97 -19.55
C SER A 297 -6.89 38.20 -18.64
N ASP A 298 -7.96 38.50 -17.89
CA ASP A 298 -8.08 39.70 -17.07
C ASP A 298 -7.05 39.72 -15.96
N LEU A 299 -6.92 38.61 -15.23
CA LEU A 299 -5.97 38.48 -14.11
C LEU A 299 -4.50 38.42 -14.57
N VAL A 300 -4.27 37.99 -15.82
CA VAL A 300 -2.92 38.02 -16.41
C VAL A 300 -2.39 39.45 -16.38
N LYS A 301 -3.06 40.31 -17.17
CA LYS A 301 -2.70 41.75 -17.30
C LYS A 301 -2.37 42.39 -15.95
N PHE A 302 -3.26 42.22 -14.99
CA PHE A 302 -3.11 42.74 -13.63
C PHE A 302 -1.83 42.20 -12.97
N LEU A 303 -1.52 40.93 -13.23
CA LEU A 303 -0.31 40.33 -12.71
C LEU A 303 0.96 40.89 -13.32
N ARG A 304 0.87 41.31 -14.58
CA ARG A 304 2.01 41.92 -15.26
C ARG A 304 2.12 43.43 -15.01
N LEU A 305 1.12 43.99 -14.33
CA LEU A 305 1.09 45.40 -13.99
C LEU A 305 1.72 45.71 -12.64
N HIS A 306 2.40 44.73 -12.04
CA HIS A 306 3.02 44.87 -10.75
C HIS A 306 4.39 44.18 -10.72
N LYS A 307 4.95 43.93 -11.90
CA LYS A 307 6.18 43.13 -12.07
C LYS A 307 7.33 43.70 -11.27
N ALA A 308 8.03 42.82 -10.56
CA ALA A 308 9.16 43.20 -9.71
C ALA A 308 10.48 42.77 -10.36
N GLY A 309 10.52 42.78 -11.68
CA GLY A 309 11.72 42.46 -12.46
C GLY A 309 11.40 42.13 -13.90
N ASP A 311 10.19 39.21 -12.29
CA ASP A 311 10.22 37.96 -13.06
C ASP A 311 10.80 36.81 -12.24
N PHE A 312 10.12 36.50 -11.14
CA PHE A 312 10.47 35.38 -10.27
C PHE A 312 10.95 34.15 -11.02
N ARG A 313 11.88 33.45 -10.39
CA ARG A 313 12.37 32.16 -10.87
C ARG A 313 12.09 31.06 -9.84
N PRO A 314 12.12 29.76 -10.25
CA PRO A 314 11.93 28.67 -9.29
C PRO A 314 13.23 28.05 -8.79
N ALA A 316 15.11 24.97 -8.23
CA ALA A 316 16.06 23.86 -8.27
C ALA A 316 15.35 22.51 -8.34
N GLU A 317 15.70 21.70 -9.34
CA GLU A 317 15.09 20.39 -9.57
C GLU A 317 15.91 19.31 -8.87
N ASN A 318 15.36 18.75 -7.82
CA ASN A 318 16.10 17.79 -6.98
C ASN A 318 15.79 16.32 -7.33
N TRP A 319 14.50 16.02 -7.40
CA TRP A 319 13.94 14.68 -7.54
C TRP A 319 14.56 13.79 -8.63
N LYS A 320 15.14 12.68 -8.18
CA LYS A 320 15.71 11.70 -9.10
C LYS A 320 14.85 10.43 -9.11
N PRO A 321 14.46 9.95 -10.31
CA PRO A 321 13.71 8.69 -10.39
C PRO A 321 14.58 7.48 -10.05
N GLN A 322 13.95 6.42 -9.57
CA GLN A 322 14.67 5.17 -9.37
C GLN A 322 14.79 4.32 -10.64
N SER A 323 13.77 4.36 -11.51
CA SER A 323 13.76 3.58 -12.76
C SER A 323 14.77 4.08 -13.79
N SER A 324 15.41 3.13 -14.48
CA SER A 324 16.35 3.46 -15.56
C SER A 324 15.65 3.57 -16.92
N ARG A 325 14.80 2.60 -17.21
CA ARG A 325 13.98 2.58 -18.43
C ARG A 325 13.00 3.77 -18.49
N TRP A 326 12.33 4.07 -17.38
CA TRP A 326 11.26 5.05 -17.32
C TRP A 326 11.74 6.40 -16.78
N GLY A 327 13.03 6.47 -16.42
CA GLY A 327 13.65 7.66 -15.82
C GLY A 327 13.32 9.04 -16.38
N GLU A 328 13.67 9.24 -17.65
CA GLU A 328 13.58 10.55 -18.35
C GLU A 328 12.13 11.05 -18.48
N ALA A 329 11.20 10.14 -18.79
CA ALA A 329 9.77 10.45 -18.81
C ALA A 329 9.19 10.78 -17.43
N LEU A 330 9.77 10.22 -16.38
CA LEU A 330 9.32 10.44 -15.04
C LEU A 330 9.83 11.79 -14.58
N LYS A 331 11.09 12.12 -14.88
CA LYS A 331 11.60 13.49 -14.73
C LYS A 331 10.66 14.53 -15.40
N HIS A 332 10.23 14.25 -16.63
CA HIS A 332 9.31 15.15 -17.33
C HIS A 332 7.96 15.27 -16.60
N LEU A 333 7.35 14.14 -16.28
CA LEU A 333 6.13 14.14 -15.48
C LEU A 333 6.25 14.91 -14.14
N HIS A 334 7.38 14.78 -13.43
CA HIS A 334 7.60 15.51 -12.19
C HIS A 334 7.73 17.01 -12.41
N ARG A 335 8.31 17.38 -13.53
CA ARG A 335 8.54 18.77 -13.91
C ARG A 335 7.23 19.51 -14.24
N ILE A 336 6.42 18.96 -15.14
CA ILE A 336 5.21 19.66 -15.61
C ILE A 336 4.12 19.78 -14.55
N TRP A 337 3.15 20.66 -14.78
CA TRP A 337 2.07 20.83 -13.85
C TRP A 337 0.94 19.90 -14.23
N ARG A 338 0.39 19.24 -13.22
CA ARG A 338 -0.84 18.48 -13.40
C ARG A 338 -1.72 18.64 -12.17
N PRO A 339 -3.04 18.59 -12.33
CA PRO A 339 -3.92 18.49 -11.18
C PRO A 339 -3.89 17.09 -10.56
N MET A 340 -4.19 17.00 -9.26
CA MET A 340 -4.08 15.74 -8.55
C MET A 340 -5.43 15.02 -8.51
N ILE A 341 -5.41 13.69 -8.51
CA ILE A 341 -6.62 12.87 -8.36
C ILE A 341 -6.39 12.15 -7.05
N GLY A 342 -6.76 12.76 -5.92
CA GLY A 342 -6.24 12.36 -4.62
C GLY A 342 -4.72 12.47 -4.62
N LYS A 343 -4.06 11.36 -4.33
CA LYS A 343 -2.60 11.32 -4.16
C LYS A 343 -1.84 11.05 -5.48
N LEU A 344 -2.58 11.05 -6.59
CA LEU A 344 -2.03 10.67 -7.90
C LEU A 344 -1.83 11.82 -8.90
N LYS A 345 -0.59 11.94 -9.37
CA LYS A 345 -0.20 12.79 -10.50
C LYS A 345 -0.04 11.95 -11.78
N ILE A 346 -0.88 12.22 -12.76
CA ILE A 346 -0.94 11.46 -14.01
C ILE A 346 -1.27 12.32 -15.25
N PHE A 347 -0.72 11.90 -16.40
CA PHE A 347 -0.99 12.58 -17.66
C PHE A 347 -1.20 11.61 -18.81
N ILE A 348 -2.43 11.60 -19.33
CA ILE A 348 -2.79 10.70 -20.44
C ILE A 348 -2.23 11.16 -21.79
N ASP A 349 -0.94 10.87 -22.00
CA ASP A 349 -0.14 11.20 -23.19
C ASP A 349 0.66 9.97 -23.63
N GLU A 350 0.99 9.86 -24.92
CA GLU A 350 1.83 8.74 -25.41
C GLU A 350 3.19 8.66 -24.72
N GLU A 351 3.77 9.81 -24.38
CA GLU A 351 5.07 9.84 -23.76
C GLU A 351 5.12 9.07 -22.44
N TYR A 352 3.99 9.00 -21.75
CA TYR A 352 3.90 8.44 -20.43
C TYR A 352 3.29 7.06 -20.40
N LYS A 353 2.82 6.56 -21.52
CA LYS A 353 2.23 5.24 -21.65
C LYS A 353 3.30 4.17 -21.46
N ILE A 354 2.91 3.11 -20.77
CA ILE A 354 3.80 1.99 -20.52
C ILE A 354 3.42 0.90 -21.49
N ALA A 355 2.11 0.68 -21.60
CA ALA A 355 1.52 -0.42 -22.33
C ALA A 355 -0.01 -0.20 -22.58
N ASP A 356 -0.58 -1.09 -23.40
CA ASP A 356 -1.98 -1.10 -23.81
C ASP A 356 -2.71 -2.26 -23.15
N THR A 357 -3.98 -2.08 -22.77
CA THR A 357 -4.82 -3.15 -22.15
C THR A 357 -6.25 -3.30 -22.73
N ALA A 358 -6.96 -4.33 -22.29
CA ALA A 358 -8.35 -4.59 -22.64
C ALA A 358 -9.31 -3.45 -22.26
N GLU A 359 -8.86 -2.55 -21.36
CA GLU A 359 -9.54 -1.25 -21.07
C GLU A 359 -8.62 -0.24 -20.40
N GLY A 360 -8.17 0.78 -21.13
CA GLY A 360 -7.67 2.00 -20.46
C GLY A 360 -6.18 2.25 -20.44
N GLY A 361 -5.41 1.20 -20.70
CA GLY A 361 -3.95 1.28 -20.79
C GLY A 361 -3.28 1.35 -19.44
N ILE A 362 -1.95 1.48 -19.48
CA ILE A 362 -1.12 1.55 -18.28
C ILE A 362 -0.15 2.67 -18.47
N TYR A 363 -0.17 3.66 -17.56
CA TYR A 363 0.64 4.87 -17.70
C TYR A 363 1.51 5.06 -16.48
N LEU A 364 2.58 5.82 -16.64
CA LEU A 364 3.42 6.26 -15.54
C LEU A 364 2.64 7.28 -14.77
N GLY A 365 2.92 7.34 -13.47
CA GLY A 365 2.22 8.21 -12.55
C GLY A 365 3.11 8.46 -11.37
N LEU A 366 2.72 9.42 -10.53
CA LEU A 366 3.39 9.68 -9.27
C LEU A 366 2.33 9.60 -8.15
N TYR A 367 2.66 8.88 -7.10
CA TYR A 367 1.71 8.62 -6.04
C TYR A 367 2.47 8.94 -4.79
N GLU A 368 2.00 9.97 -4.06
CA GLU A 368 2.74 10.53 -2.92
C GLU A 368 4.20 10.74 -3.29
N ASP A 369 4.41 11.28 -4.49
CA ASP A 369 5.76 11.57 -5.01
C ASP A 369 6.66 10.34 -5.29
N GLN A 370 6.04 9.17 -5.31
CA GLN A 370 6.73 7.90 -5.63
C GLN A 370 6.29 7.52 -7.04
N GLU A 371 7.22 7.04 -7.86
CA GLU A 371 6.89 6.51 -9.20
C GLU A 371 6.02 5.25 -9.19
N VAL A 372 4.99 5.21 -10.03
CA VAL A 372 4.08 4.08 -10.13
C VAL A 372 3.59 3.84 -11.54
N ALA A 373 3.16 2.61 -11.77
CA ALA A 373 2.41 2.16 -12.93
C ALA A 373 0.95 2.30 -12.56
N VAL A 374 0.15 2.83 -13.48
CA VAL A 374 -1.24 3.13 -13.18
C VAL A 374 -2.10 2.44 -14.21
N LYS A 375 -2.87 1.48 -13.75
CA LYS A 375 -3.75 0.70 -14.59
C LYS A 375 -5.10 1.37 -14.50
N ARG A 376 -5.76 1.59 -15.64
CA ARG A 376 -7.04 2.34 -15.65
C ARG A 376 -8.24 1.49 -15.94
N PHE A 377 -9.30 1.67 -15.16
CA PHE A 377 -10.59 1.01 -15.40
C PHE A 377 -11.73 2.04 -15.42
N SER A 378 -12.83 1.71 -16.09
CA SER A 378 -14.08 2.48 -15.91
C SER A 378 -14.57 2.21 -14.48
N GLU A 379 -15.00 3.25 -13.76
CA GLU A 379 -15.17 3.07 -12.32
C GLU A 379 -16.25 2.05 -11.98
N GLY A 380 -17.13 1.78 -12.93
CA GLY A 380 -18.15 0.76 -12.75
C GLY A 380 -17.73 -0.65 -13.06
N SER A 381 -16.57 -0.81 -13.69
CA SER A 381 -16.08 -2.09 -14.25
C SER A 381 -16.04 -3.25 -13.25
N THR A 382 -16.62 -4.39 -13.61
CA THR A 382 -16.41 -5.66 -12.85
C THR A 382 -14.90 -5.97 -12.76
N ARG A 383 -14.21 -5.76 -13.88
CA ARG A 383 -12.82 -6.09 -14.00
C ARG A 383 -11.93 -5.28 -13.03
N GLY A 384 -12.06 -3.96 -13.01
CA GLY A 384 -11.43 -3.11 -12.03
C GLY A 384 -11.69 -3.47 -10.58
N GLN A 385 -12.93 -3.84 -10.29
CA GLN A 385 -13.30 -4.30 -8.96
C GLN A 385 -12.58 -5.60 -8.59
N GLN A 386 -12.51 -6.56 -9.50
CA GLN A 386 -11.78 -7.82 -9.26
C GLN A 386 -10.29 -7.60 -8.94
N GLU A 387 -9.66 -6.72 -9.72
CA GLU A 387 -8.25 -6.34 -9.57
C GLU A 387 -8.00 -5.73 -8.19
N VAL A 388 -8.77 -4.69 -7.83
CA VAL A 388 -8.56 -3.98 -6.56
C VAL A 388 -8.75 -4.98 -5.41
N SER A 389 -9.73 -5.85 -5.57
CA SER A 389 -10.09 -6.79 -4.53
C SER A 389 -8.96 -7.77 -4.27
N CYS A 390 -8.48 -8.39 -5.34
CA CYS A 390 -7.32 -9.32 -5.27
C CYS A 390 -6.04 -8.66 -4.78
N LEU A 391 -5.75 -7.45 -5.29
CA LEU A 391 -4.57 -6.72 -4.84
C LEU A 391 -4.58 -6.36 -3.36
N GLN A 392 -5.72 -5.87 -2.86
CA GLN A 392 -5.90 -5.64 -1.39
C GLN A 392 -5.68 -6.85 -0.48
N SER A 393 -5.87 -8.06 -1.00
CA SER A 393 -5.56 -9.28 -0.24
C SER A 393 -4.13 -9.78 -0.38
N SER A 394 -3.35 -9.11 -1.23
CA SER A 394 -2.08 -9.67 -1.69
C SER A 394 -0.86 -8.96 -1.14
N ARG A 395 -1.14 -7.94 -0.36
CA ARG A 395 -0.16 -7.12 0.32
C ARG A 395 0.99 -7.89 1.02
N ALA A 396 0.70 -9.05 1.62
CA ALA A 396 1.73 -9.95 2.19
C ALA A 396 2.46 -10.80 1.16
N ASN A 397 1.89 -11.00 -0.04
CA ASN A 397 2.51 -11.87 -1.04
C ASN A 397 3.68 -11.17 -1.68
N ASP A 398 4.89 -11.60 -1.30
CA ASP A 398 6.13 -10.94 -1.72
C ASP A 398 6.44 -10.96 -3.21
N ASN A 399 5.76 -11.82 -3.97
CA ASN A 399 6.01 -11.93 -5.36
C ASN A 399 4.84 -11.46 -6.18
N VAL A 400 4.06 -10.57 -5.60
CA VAL A 400 3.01 -9.89 -6.29
C VAL A 400 3.37 -8.42 -6.30
N VAL A 401 3.05 -7.76 -7.38
CA VAL A 401 3.49 -6.42 -7.61
C VAL A 401 2.90 -5.58 -6.44
N THR A 402 3.74 -4.74 -5.82
CA THR A 402 3.31 -3.88 -4.74
C THR A 402 2.16 -2.93 -5.16
N PHE A 403 1.13 -2.90 -4.34
CA PHE A 403 -0.04 -2.07 -4.52
C PHE A 403 0.02 -0.77 -3.70
N TYR A 404 0.02 0.37 -4.36
CA TYR A 404 0.06 1.64 -3.66
C TYR A 404 -1.31 2.07 -3.17
N GLY A 405 -2.29 2.04 -4.06
CA GLY A 405 -3.67 2.32 -3.70
C GLY A 405 -4.44 2.70 -4.97
N SER A 406 -5.75 2.87 -4.82
CA SER A 406 -6.65 3.18 -5.92
C SER A 406 -7.35 4.51 -5.71
N GLU A 407 -7.37 5.31 -6.76
CA GLU A 407 -7.95 6.65 -6.74
C GLU A 407 -9.04 6.77 -7.81
N SER A 408 -10.15 7.40 -7.43
CA SER A 408 -11.25 7.65 -8.39
C SER A 408 -11.33 9.13 -8.80
N ASP A 409 -11.35 9.41 -10.12
CA ASP A 409 -11.73 10.76 -10.63
C ASP A 409 -13.25 10.91 -10.90
N GLY A 410 -14.00 9.89 -10.51
CA GLY A 410 -15.43 9.90 -10.68
C GLY A 410 -15.88 9.14 -11.89
N SER A 411 -15.09 9.17 -12.96
CA SER A 411 -15.41 8.34 -14.14
C SER A 411 -14.33 7.28 -14.45
N CYS A 412 -13.25 7.26 -13.68
CA CYS A 412 -12.11 6.36 -13.92
C CYS A 412 -11.40 5.85 -12.64
N LEU A 413 -11.54 4.56 -12.32
CA LEU A 413 -10.74 3.89 -11.28
C LEU A 413 -9.26 3.73 -11.68
N HIS A 414 -8.39 4.46 -10.99
CA HIS A 414 -6.96 4.34 -11.19
C HIS A 414 -6.41 3.35 -10.19
N VAL A 415 -5.74 2.32 -10.68
CA VAL A 415 -5.03 1.36 -9.82
C VAL A 415 -3.53 1.65 -9.94
N CYS A 416 -2.89 2.04 -8.83
CA CYS A 416 -1.47 2.35 -8.80
C CYS A 416 -0.61 1.21 -8.25
N LEU A 417 0.44 0.89 -9.00
CA LEU A 417 1.27 -0.27 -8.75
C LEU A 417 2.72 0.12 -8.79
N ALA A 418 3.58 -0.67 -8.17
CA ALA A 418 5.00 -0.41 -8.20
C ALA A 418 5.37 -0.52 -9.67
N LEU A 419 6.34 0.28 -10.07
CA LEU A 419 6.80 0.29 -11.42
C LEU A 419 7.89 -0.75 -11.58
N CYS A 420 7.79 -1.58 -12.60
CA CYS A 420 8.88 -2.50 -12.89
C CYS A 420 9.60 -2.15 -14.18
N GLU A 421 10.84 -2.65 -14.32
CA GLU A 421 11.62 -2.41 -15.53
C GLU A 421 11.03 -3.12 -16.75
N TYR A 422 10.91 -4.45 -16.70
CA TYR A 422 10.51 -5.27 -17.85
C TYR A 422 9.51 -6.34 -17.50
N THR A 423 8.75 -6.73 -18.51
CA THR A 423 7.92 -7.90 -18.61
C THR A 423 8.90 -9.09 -18.73
N LEU A 424 8.40 -10.29 -18.47
CA LEU A 424 9.21 -11.48 -18.55
C LEU A 424 9.70 -11.66 -19.98
N GLN A 425 8.83 -11.50 -20.96
CA GLN A 425 9.18 -11.62 -22.38
C GLN A 425 10.34 -10.68 -22.78
N GLU A 426 10.30 -9.43 -22.37
CA GLU A 426 11.39 -8.49 -22.66
C GLU A 426 12.70 -8.95 -22.01
N HIS A 427 12.61 -9.32 -20.74
CA HIS A 427 13.75 -9.67 -19.93
C HIS A 427 14.52 -10.86 -20.55
N LEU A 428 13.78 -11.87 -21.02
CA LEU A 428 14.39 -13.03 -21.62
C LEU A 428 15.09 -12.66 -22.92
N ALA A 429 14.49 -11.78 -23.71
CA ALA A 429 15.13 -11.20 -24.90
C ALA A 429 16.48 -10.52 -24.59
N ASN A 430 16.50 -9.61 -23.62
CA ASN A 430 17.70 -8.87 -23.23
C ASN A 430 18.81 -9.74 -22.70
N HIS A 431 18.45 -10.86 -22.09
CA HIS A 431 19.42 -11.74 -21.47
C HIS A 431 19.68 -13.03 -22.28
N ARG A 432 19.17 -13.06 -23.53
CA ARG A 432 19.24 -14.24 -24.38
C ARG A 432 20.69 -14.55 -24.81
N GLY A 433 21.48 -13.49 -25.04
CA GLY A 433 22.87 -13.62 -25.48
C GLY A 433 23.93 -13.70 -24.40
N ASP A 434 23.52 -13.97 -23.15
CA ASP A 434 24.43 -14.06 -21.98
C ASP A 434 25.08 -15.45 -21.77
N ALA A 435 24.29 -16.52 -21.92
CA ALA A 435 24.70 -17.89 -21.60
C ALA A 435 25.24 -18.70 -22.80
N VAL A 436 26.44 -19.27 -22.62
CA VAL A 436 26.97 -20.28 -23.52
C VAL A 436 25.85 -21.33 -23.77
N PRO A 437 25.62 -21.71 -25.04
CA PRO A 437 24.51 -22.63 -25.38
C PRO A 437 24.20 -23.88 -24.51
N ASN A 438 25.18 -24.55 -23.88
CA ASN A 438 24.81 -25.69 -22.98
C ASN A 438 24.88 -25.48 -21.45
N GLU A 439 25.14 -24.24 -21.03
CA GLU A 439 25.25 -23.86 -19.63
C GLU A 439 24.03 -24.33 -18.85
N GLU A 440 24.24 -24.65 -17.58
CA GLU A 440 23.15 -24.81 -16.59
C GLU A 440 22.31 -23.52 -16.50
N ASP A 441 20.99 -23.63 -16.53
CA ASP A 441 20.10 -22.44 -16.51
C ASP A 441 19.57 -22.10 -15.12
N GLU A 442 20.42 -21.48 -14.32
CA GLU A 442 20.09 -21.06 -12.94
C GLU A 442 18.97 -20.02 -12.96
N SER A 443 19.05 -19.11 -13.90
CA SER A 443 18.09 -18.02 -14.07
C SER A 443 16.64 -18.53 -14.19
N ALA A 444 16.42 -19.59 -14.97
CA ALA A 444 15.10 -20.20 -15.13
C ALA A 444 14.52 -20.73 -13.83
N ARG A 445 15.35 -21.37 -13.02
CA ARG A 445 14.92 -21.85 -11.71
C ARG A 445 14.50 -20.71 -10.81
N ASN A 446 15.26 -19.62 -10.80
CA ASN A 446 14.92 -18.48 -9.93
C ASN A 446 13.59 -17.92 -10.33
N ILE A 447 13.44 -17.67 -11.63
CA ILE A 447 12.21 -17.06 -12.14
C ILE A 447 11.04 -17.94 -11.76
N LEU A 448 11.13 -19.22 -12.10
CA LEU A 448 10.05 -20.14 -11.88
C LEU A 448 9.76 -20.44 -10.38
N SER A 449 10.78 -20.53 -9.52
CA SER A 449 10.47 -20.67 -8.08
C SER A 449 9.76 -19.41 -7.49
N SER A 450 10.18 -18.23 -7.92
CA SER A 450 9.39 -17.03 -7.58
C SER A 450 7.93 -17.12 -8.07
N LEU A 451 7.69 -17.66 -9.28
CA LEU A 451 6.30 -17.82 -9.74
C LEU A 451 5.52 -18.82 -8.93
N PHE A 452 6.13 -19.98 -8.64
CA PHE A 452 5.46 -21.00 -7.81
C PHE A 452 5.06 -20.40 -6.49
N LYS A 453 5.98 -19.69 -5.82
CA LYS A 453 5.68 -19.04 -4.56
C LYS A 453 4.59 -18.02 -4.72
N ALA A 454 4.67 -17.18 -5.75
CA ALA A 454 3.61 -16.18 -5.93
C ALA A 454 2.19 -16.79 -6.12
N ILE A 455 2.11 -17.82 -6.95
CA ILE A 455 0.84 -18.42 -7.27
C ILE A 455 0.35 -19.25 -6.08
N GLY A 456 1.27 -19.95 -5.44
CA GLY A 456 0.98 -20.71 -4.22
C GLY A 456 0.38 -19.82 -3.12
N GLU A 457 0.97 -18.64 -2.90
CA GLU A 457 0.47 -17.69 -1.92
C GLU A 457 -0.86 -17.10 -2.36
N LEU A 458 -1.03 -16.93 -3.67
CA LEU A 458 -2.24 -16.35 -4.17
C LEU A 458 -3.38 -17.32 -3.92
N HIS A 459 -3.15 -18.61 -4.15
CA HIS A 459 -4.14 -19.61 -3.86
C HIS A 459 -4.50 -19.67 -2.37
N ARG A 460 -3.51 -19.72 -1.49
CA ARG A 460 -3.78 -19.76 -0.04
C ARG A 460 -4.66 -18.58 0.45
N SER A 461 -4.58 -17.45 -0.25
CA SER A 461 -5.35 -16.24 0.03
C SER A 461 -6.78 -16.29 -0.59
N GLY A 462 -7.12 -17.42 -1.22
CA GLY A 462 -8.40 -17.63 -1.85
C GLY A 462 -8.60 -17.07 -3.26
N TYR A 463 -7.52 -16.67 -3.94
CA TYR A 463 -7.62 -16.12 -5.28
C TYR A 463 -6.91 -16.97 -6.30
N SER A 464 -7.45 -16.96 -7.52
CA SER A 464 -6.80 -17.58 -8.67
C SER A 464 -6.65 -16.51 -9.75
N HIS A 465 -5.58 -16.57 -10.52
CA HIS A 465 -5.23 -15.54 -11.44
C HIS A 465 -6.04 -15.53 -12.75
N GLN A 466 -6.17 -16.72 -13.36
CA GLN A 466 -6.91 -16.99 -14.61
C GLN A 466 -6.28 -16.56 -15.94
N ASP A 467 -5.19 -15.80 -15.90
CA ASP A 467 -4.58 -15.30 -17.12
C ASP A 467 -3.03 -15.28 -17.02
N LEU A 468 -2.44 -16.32 -16.45
CA LEU A 468 -1.00 -16.37 -16.36
C LEU A 468 -0.40 -16.50 -17.78
N GLN A 469 0.36 -15.49 -18.17
CA GLN A 469 1.08 -15.44 -19.40
C GLN A 469 2.23 -14.45 -19.22
N PRO A 470 3.22 -14.49 -20.10
CA PRO A 470 4.48 -13.78 -19.85
C PRO A 470 4.37 -12.28 -19.82
N GLN A 471 3.33 -11.72 -20.42
CA GLN A 471 3.14 -10.27 -20.36
C GLN A 471 2.61 -9.79 -18.99
N ASN A 472 2.03 -10.71 -18.21
CA ASN A 472 1.56 -10.46 -16.86
C ASN A 472 2.61 -10.70 -15.75
N ILE A 473 3.84 -11.02 -16.15
CA ILE A 473 4.92 -11.26 -15.23
C ILE A 473 6.00 -10.20 -15.41
N LEU A 474 6.39 -9.55 -14.33
CA LEU A 474 7.29 -8.42 -14.42
C LEU A 474 8.57 -8.68 -13.67
N ILE A 475 9.64 -8.06 -14.16
CA ILE A 475 10.97 -8.21 -13.56
C ILE A 475 11.44 -6.84 -13.14
N ASP A 476 11.89 -6.70 -11.90
CA ASP A 476 12.32 -5.36 -11.41
C ASP A 476 13.80 -5.04 -11.74
N SER A 477 14.31 -3.91 -11.26
CA SER A 477 15.72 -3.53 -11.51
C SER A 477 16.73 -4.52 -10.89
N LYS A 478 16.35 -5.13 -9.77
CA LYS A 478 17.15 -6.09 -9.04
C LYS A 478 16.89 -7.57 -9.38
N ASN A 479 16.41 -7.84 -10.61
CA ASN A 479 16.14 -9.21 -11.13
C ASN A 479 15.06 -10.04 -10.39
N GLY A 480 14.23 -9.41 -9.57
CA GLY A 480 13.12 -10.10 -8.95
C GLY A 480 11.91 -10.21 -9.89
N THR A 481 11.13 -11.28 -9.78
CA THR A 481 9.95 -11.48 -10.60
C THR A 481 8.61 -11.37 -9.84
N PHE A 482 7.66 -10.68 -10.43
CA PHE A 482 6.36 -10.44 -9.81
C PHE A 482 5.21 -10.76 -10.73
N LEU A 483 4.13 -11.24 -10.17
CA LEU A 483 2.89 -11.50 -10.92
C LEU A 483 2.09 -10.24 -11.04
N ALA A 484 1.25 -10.12 -12.07
CA ALA A 484 0.47 -8.92 -12.25
C ALA A 484 -0.81 -9.17 -13.05
N ASP A 485 -1.48 -8.06 -13.31
CA ASP A 485 -2.73 -7.94 -14.07
C ASP A 485 -3.86 -8.82 -13.60
N PHE A 486 -4.40 -8.53 -12.43
CA PHE A 486 -5.45 -9.34 -11.86
C PHE A 486 -6.87 -9.20 -12.35
N ASP A 487 -7.15 -8.35 -13.30
CA ASP A 487 -8.52 -8.21 -13.74
C ASP A 487 -9.45 -9.39 -14.00
N LYS A 488 -8.89 -10.51 -14.36
CA LYS A 488 -9.68 -11.67 -14.64
C LYS A 488 -9.61 -12.66 -13.52
N SER A 489 -9.11 -12.25 -12.36
CA SER A 489 -8.95 -13.16 -11.24
C SER A 489 -10.29 -13.43 -10.58
N ILE A 490 -10.40 -14.53 -9.84
CA ILE A 490 -11.64 -14.90 -9.19
C ILE A 490 -11.30 -15.51 -7.85
N LYS A 491 -12.20 -15.34 -6.89
CA LYS A 491 -12.13 -16.10 -5.62
C LYS A 491 -12.49 -17.51 -5.98
N TRP A 492 -11.54 -18.43 -5.81
CA TRP A 492 -11.71 -19.78 -6.34
C TRP A 492 -12.71 -20.63 -5.62
N ALA A 493 -13.12 -20.26 -4.40
CA ALA A 493 -14.24 -21.01 -3.72
C ALA A 493 -15.48 -21.16 -4.64
N GLU A 494 -15.80 -20.08 -5.36
CA GLU A 494 -16.82 -20.04 -6.44
C GLU A 494 -16.78 -21.16 -7.49
N ASP A 495 -15.58 -21.56 -7.94
CA ASP A 495 -15.41 -22.79 -8.73
C ASP A 495 -14.03 -23.38 -8.49
N PRO A 496 -13.89 -24.31 -7.51
CA PRO A 496 -12.53 -24.78 -7.09
C PRO A 496 -11.64 -25.41 -8.20
N GLN A 497 -12.27 -26.03 -9.20
CA GLN A 497 -11.50 -26.69 -10.25
C GLN A 497 -11.08 -25.73 -11.39
N LYS A 498 -11.37 -24.44 -11.23
CA LYS A 498 -10.78 -23.41 -12.09
C LYS A 498 -9.33 -23.05 -11.69
N ILE A 499 -8.89 -23.45 -10.48
CA ILE A 499 -7.45 -23.44 -10.14
C ILE A 499 -6.61 -24.12 -11.23
N LYS A 500 -7.11 -25.22 -11.76
CA LYS A 500 -6.47 -25.98 -12.87
C LYS A 500 -5.86 -25.11 -13.99
N ARG A 501 -6.63 -24.13 -14.46
CA ARG A 501 -6.13 -23.18 -15.45
C ARG A 501 -4.85 -22.40 -15.05
N ASP A 502 -4.74 -22.03 -13.78
CA ASP A 502 -3.46 -21.48 -13.27
C ASP A 502 -2.32 -22.50 -13.37
N LEU A 503 -2.63 -23.74 -13.05
CA LEU A 503 -1.61 -24.79 -12.97
C LEU A 503 -1.15 -25.18 -14.36
N GLU A 504 -2.08 -25.18 -15.33
CA GLU A 504 -1.77 -25.52 -16.71
C GLU A 504 -0.95 -24.41 -17.33
N ALA A 505 -1.31 -23.17 -17.04
CA ALA A 505 -0.53 -22.05 -17.61
C ALA A 505 0.89 -22.03 -17.00
N LEU A 506 1.00 -22.42 -15.73
CA LEU A 506 2.27 -22.47 -15.10
C LEU A 506 3.15 -23.53 -15.77
N GLY A 507 2.62 -24.70 -16.07
CA GLY A 507 3.23 -25.69 -16.97
C GLY A 507 3.64 -25.08 -18.31
N LEU A 508 2.79 -24.27 -18.94
CA LEU A 508 3.28 -23.68 -20.18
C LEU A 508 4.46 -22.67 -19.94
N LEU A 509 4.42 -21.97 -18.80
CA LEU A 509 5.44 -21.01 -18.43
C LEU A 509 6.74 -21.71 -18.05
N VAL A 510 6.67 -22.92 -17.52
CA VAL A 510 7.86 -23.70 -17.32
C VAL A 510 8.63 -23.88 -18.64
N LEU A 511 7.95 -24.43 -19.64
CA LEU A 511 8.52 -24.61 -20.97
C LEU A 511 9.02 -23.29 -21.53
N TYR A 512 8.19 -22.28 -21.39
CA TYR A 512 8.49 -20.98 -21.95
C TYR A 512 9.81 -20.48 -21.48
N VAL A 513 10.04 -20.58 -20.18
CA VAL A 513 11.21 -20.00 -19.55
C VAL A 513 12.43 -20.91 -19.78
N VAL A 514 12.24 -22.22 -19.67
CA VAL A 514 13.31 -23.17 -20.00
C VAL A 514 13.78 -23.02 -21.45
N LYS A 515 12.90 -22.57 -22.34
CA LYS A 515 13.23 -22.37 -23.76
C LYS A 515 13.72 -20.97 -24.02
N LYS A 516 13.95 -20.23 -22.93
CA LYS A 516 14.65 -18.93 -22.92
C LYS A 516 13.89 -17.93 -23.74
N GLY A 517 12.59 -18.20 -23.94
CA GLY A 517 11.72 -17.31 -24.67
C GLY A 517 11.72 -17.49 -26.16
N ASP A 518 12.42 -18.51 -26.65
CA ASP A 518 12.52 -18.76 -28.09
C ASP A 518 11.18 -19.26 -28.72
N ILE A 519 10.45 -20.09 -28.00
CA ILE A 519 9.11 -20.46 -28.40
C ILE A 519 8.15 -19.41 -27.82
N SER A 520 7.31 -18.83 -28.67
CA SER A 520 6.30 -17.87 -28.24
C SER A 520 5.22 -18.60 -27.41
N PHE A 521 4.58 -17.86 -26.51
CA PHE A 521 3.58 -18.41 -25.65
C PHE A 521 2.31 -18.82 -26.40
N GLU A 522 1.93 -17.99 -27.40
CA GLU A 522 0.91 -18.33 -28.40
C GLU A 522 1.12 -19.72 -28.94
N THR A 523 2.33 -19.97 -29.48
CA THR A 523 2.65 -21.28 -30.03
C THR A 523 2.31 -22.35 -29.01
N LEU A 524 2.77 -22.14 -27.78
CA LEU A 524 2.67 -23.13 -26.71
C LEU A 524 1.26 -23.35 -26.23
N LYS A 525 0.40 -22.32 -26.31
CA LYS A 525 -1.04 -22.48 -26.03
C LYS A 525 -1.80 -23.31 -27.06
N ASN A 526 -1.36 -23.29 -28.31
CA ASN A 526 -2.01 -24.03 -29.41
C ASN A 526 -1.60 -25.51 -29.44
N GLN A 527 -0.56 -25.83 -28.66
CA GLN A 527 -0.09 -27.21 -28.52
C GLN A 527 -0.92 -27.96 -27.49
N SER A 528 -1.02 -29.28 -27.70
CA SER A 528 -1.75 -30.17 -26.79
C SER A 528 -0.76 -30.70 -25.75
N PHE A 529 -1.28 -31.32 -24.69
CA PHE A 529 -0.44 -31.82 -23.60
C PHE A 529 0.84 -32.54 -24.07
N GLU A 530 0.67 -33.54 -24.92
CA GLU A 530 1.77 -34.42 -25.36
C GLU A 530 2.79 -33.73 -26.26
N GLU A 531 2.32 -32.75 -27.05
CA GLU A 531 3.23 -31.88 -27.80
C GLU A 531 4.15 -31.07 -26.86
N VAL A 532 3.56 -30.47 -25.82
CA VAL A 532 4.30 -29.77 -24.77
C VAL A 532 5.34 -30.64 -24.05
N ILE A 533 4.93 -31.85 -23.66
CA ILE A 533 5.85 -32.82 -23.05
C ILE A 533 7.01 -33.13 -24.01
N GLN A 534 6.70 -33.37 -25.29
CA GLN A 534 7.73 -33.70 -26.28
C GLN A 534 8.68 -32.53 -26.52
N GLY A 535 8.16 -31.30 -26.43
CA GLY A 535 8.97 -30.08 -26.60
C GLY A 535 9.99 -29.81 -25.49
N SER A 536 9.86 -30.53 -24.37
CA SER A 536 10.71 -30.35 -23.19
C SER A 536 12.11 -30.92 -23.40
N PRO A 537 13.16 -30.11 -23.13
CA PRO A 537 14.53 -30.58 -23.35
C PRO A 537 15.08 -31.63 -22.37
N ASP A 538 14.42 -31.87 -21.23
CA ASP A 538 14.91 -32.88 -20.25
C ASP A 538 13.79 -33.52 -19.47
N GLU A 539 14.11 -34.58 -18.73
CA GLU A 539 13.16 -35.35 -17.93
C GLU A 539 12.58 -34.65 -16.69
N GLU A 540 13.35 -33.74 -16.10
CA GLU A 540 12.90 -33.03 -14.90
C GLU A 540 11.81 -32.08 -15.31
N THR A 541 11.99 -31.45 -16.47
CA THR A 541 11.01 -30.52 -17.01
C THR A 541 9.77 -31.28 -17.37
N ARG A 542 9.95 -32.44 -18.00
CA ARG A 542 8.82 -33.22 -18.46
C ARG A 542 8.03 -33.60 -17.22
N ASP A 543 8.69 -34.23 -16.25
CA ASP A 543 8.01 -34.63 -15.04
C ASP A 543 7.35 -33.46 -14.28
N LEU A 544 8.05 -32.34 -14.13
CA LEU A 544 7.45 -31.15 -13.49
C LEU A 544 6.15 -30.73 -14.15
N ILE A 545 6.16 -30.60 -15.47
CA ILE A 545 5.00 -30.11 -16.23
C ILE A 545 3.83 -31.05 -16.07
N HIS A 546 4.15 -32.34 -16.16
CA HIS A 546 3.20 -33.41 -15.94
C HIS A 546 2.43 -33.21 -14.67
N HIS A 547 3.16 -32.90 -13.59
CA HIS A 547 2.54 -32.75 -12.29
C HIS A 547 1.69 -31.53 -12.19
N LEU A 548 1.88 -30.55 -13.08
CA LEU A 548 1.06 -29.34 -13.13
C LEU A 548 -0.27 -29.60 -13.86
N PHE A 549 -0.22 -30.33 -14.97
CA PHE A 549 -1.44 -30.75 -15.66
C PHE A 549 -2.20 -31.85 -14.95
N HIS A 550 -1.52 -32.65 -14.14
CA HIS A 550 -2.21 -33.68 -13.31
C HIS A 550 -1.92 -33.48 -11.81
N PRO A 551 -2.52 -32.45 -11.20
CA PRO A 551 -2.22 -32.19 -9.77
C PRO A 551 -3.00 -33.12 -8.83
N GLY A 552 -2.68 -33.08 -7.52
CA GLY A 552 -3.44 -33.81 -6.48
C GLY A 552 -4.72 -33.15 -5.97
N GLU A 556 -4.52 -28.53 -2.85
CA GLU A 556 -4.53 -27.06 -2.99
C GLU A 556 -3.30 -26.36 -2.38
N ASP A 557 -2.28 -27.16 -2.02
CA ASP A 557 -0.92 -26.71 -1.60
C ASP A 557 0.21 -27.49 -2.30
N ARG A 558 -0.13 -27.96 -3.48
CA ARG A 558 0.70 -28.81 -4.30
C ARG A 558 1.91 -28.04 -4.76
N LEU A 559 1.69 -26.74 -5.00
CA LEU A 559 2.71 -25.84 -5.52
C LEU A 559 3.96 -25.70 -4.69
N SER A 560 3.80 -25.44 -3.39
CA SER A 560 4.94 -25.35 -2.46
C SER A 560 5.66 -26.70 -2.29
N SER A 561 4.97 -27.81 -2.44
CA SER A 561 5.59 -29.14 -2.45
C SER A 561 6.42 -29.39 -3.71
N LEU A 562 6.03 -28.73 -4.81
CA LEU A 562 6.71 -28.92 -6.09
C LEU A 562 8.05 -28.19 -6.12
N LEU A 563 8.23 -27.15 -5.31
CA LEU A 563 9.56 -26.52 -5.10
C LEU A 563 10.64 -27.51 -4.62
N ALA A 564 10.24 -28.70 -4.13
CA ALA A 564 11.16 -29.79 -3.72
C ALA A 564 11.62 -30.67 -4.84
N HIS A 565 10.99 -30.50 -6.01
CA HIS A 565 11.21 -31.31 -7.22
C HIS A 565 12.62 -31.15 -7.81
N PRO A 566 13.17 -32.23 -8.33
CA PRO A 566 14.54 -32.14 -8.85
C PRO A 566 14.80 -31.12 -9.94
N PHE A 567 13.78 -30.72 -10.68
CA PHE A 567 13.90 -29.57 -11.54
C PHE A 567 14.59 -28.36 -10.85
N PHE A 568 14.28 -28.09 -9.59
CA PHE A 568 14.82 -26.95 -8.85
C PHE A 568 16.12 -27.32 -8.13
N TRP A 569 16.62 -28.55 -8.30
CA TRP A 569 17.97 -28.87 -7.85
C TRP A 569 19.02 -28.45 -8.85
N SER A 570 20.03 -27.74 -8.35
CA SER A 570 21.22 -27.44 -9.13
C SER A 570 21.88 -28.73 -9.62
N TRP A 571 22.71 -28.63 -10.66
CA TRP A 571 23.42 -29.80 -11.19
C TRP A 571 24.30 -30.40 -10.14
N GLU A 572 24.86 -29.55 -9.28
CA GLU A 572 25.72 -29.96 -8.18
C GLU A 572 24.94 -30.75 -7.15
N SER A 573 23.92 -30.17 -6.51
CA SER A 573 22.93 -30.92 -5.73
C SER A 573 22.41 -32.29 -6.28
N ARG A 574 22.18 -32.38 -7.59
CA ARG A 574 21.72 -33.63 -8.18
C ARG A 574 22.81 -34.66 -8.07
N TYR A 575 24.00 -34.25 -8.50
CA TYR A 575 25.20 -35.05 -8.43
C TYR A 575 25.51 -35.46 -6.97
N ARG A 576 25.35 -34.51 -6.06
CA ARG A 576 25.54 -34.75 -4.65
C ARG A 576 24.58 -35.80 -4.13
N THR A 577 23.33 -35.76 -4.58
CA THR A 577 22.35 -36.71 -4.10
C THR A 577 22.67 -38.12 -4.61
N LEU A 578 23.11 -38.23 -5.87
CA LEU A 578 23.43 -39.54 -6.42
C LEU A 578 24.62 -40.17 -5.70
N ARG A 579 25.60 -39.33 -5.39
CA ARG A 579 26.79 -39.73 -4.63
C ARG A 579 26.46 -40.17 -3.21
N ASP A 580 25.54 -39.45 -2.56
CA ASP A 580 25.13 -39.75 -1.19
C ASP A 580 24.35 -41.05 -1.10
N VAL A 581 23.41 -41.25 -2.03
CA VAL A 581 22.67 -42.49 -2.15
C VAL A 581 23.67 -43.64 -2.36
N GLY A 582 24.55 -43.48 -3.35
CA GLY A 582 25.61 -44.45 -3.62
C GLY A 582 26.63 -44.75 -2.52
N ASN A 583 26.54 -44.07 -1.38
CA ASN A 583 27.42 -44.33 -0.24
C ASN A 583 26.73 -45.08 0.87
N GLU A 584 25.46 -45.44 0.67
CA GLU A 584 24.72 -46.29 1.61
C GLU A 584 25.39 -47.66 1.68
N SER A 585 25.54 -48.14 2.91
CA SER A 585 26.19 -49.42 3.20
C SER A 585 25.69 -50.57 2.30
N ASP A 586 24.38 -50.66 2.13
CA ASP A 586 23.76 -51.79 1.47
C ASP A 586 23.87 -51.73 -0.05
N ILE A 587 24.15 -50.54 -0.59
CA ILE A 587 24.54 -50.42 -2.01
C ILE A 587 25.98 -50.89 -2.18
N LYS A 588 26.87 -50.49 -1.28
CA LYS A 588 28.29 -50.90 -1.33
C LYS A 588 28.53 -52.40 -1.07
N THR A 589 27.80 -52.99 -0.11
CA THR A 589 27.89 -54.43 0.16
C THR A 589 26.99 -55.28 -0.77
N ARG A 590 26.27 -54.60 -1.68
CA ARG A 590 25.28 -55.22 -2.59
C ARG A 590 24.25 -56.13 -1.89
N ASN A 591 23.77 -55.70 -0.72
CA ASN A 591 22.78 -56.44 0.06
C ASN A 591 21.40 -56.43 -0.64
N GLN A 592 21.09 -57.54 -1.31
CA GLN A 592 19.81 -57.79 -1.97
C GLN A 592 18.58 -57.74 -1.04
N ASN A 593 18.78 -58.08 0.24
CA ASN A 593 17.80 -57.96 1.32
C ASN A 593 17.30 -56.53 1.58
N SER A 594 18.23 -55.60 1.57
CA SER A 594 18.08 -54.26 2.17
C SER A 594 16.91 -53.45 1.66
N ARG A 595 16.44 -52.58 2.53
CA ARG A 595 15.31 -51.75 2.22
C ARG A 595 15.60 -50.81 1.02
N ILE A 596 16.79 -50.24 0.96
CA ILE A 596 17.20 -49.34 -0.16
C ILE A 596 17.10 -50.02 -1.53
N LEU A 597 17.70 -51.20 -1.67
CA LEU A 597 17.71 -51.92 -2.95
C LEU A 597 16.35 -52.53 -3.28
N GLN A 598 15.55 -52.82 -2.25
CA GLN A 598 14.12 -53.13 -2.38
C GLN A 598 13.43 -52.00 -3.15
N LEU A 599 13.56 -50.77 -2.62
CA LEU A 599 12.97 -49.55 -3.17
C LEU A 599 13.46 -49.22 -4.58
N LEU A 600 14.75 -49.43 -4.85
CA LEU A 600 15.30 -49.17 -6.16
C LEU A 600 15.08 -50.33 -7.12
N GLN A 601 14.27 -51.32 -6.74
CA GLN A 601 14.06 -52.52 -7.54
C GLN A 601 12.67 -52.83 -8.11
N PRO A 602 12.35 -52.27 -9.29
CA PRO A 602 11.20 -52.64 -10.12
C PRO A 602 11.57 -52.88 -11.60
N SER A 605 6.53 -54.19 -14.80
CA SER A 605 6.26 -53.04 -13.94
C SER A 605 6.64 -51.72 -14.63
N GLU A 606 7.91 -51.34 -14.56
CA GLU A 606 8.39 -50.10 -15.17
C GLU A 606 8.73 -50.31 -16.67
N LEU A 607 9.07 -49.23 -17.36
CA LEU A 607 9.49 -49.35 -18.76
C LEU A 607 11.01 -49.42 -18.87
N SER A 608 11.53 -49.24 -20.08
CA SER A 608 12.95 -49.39 -20.34
C SER A 608 13.71 -48.13 -19.88
N THR A 609 14.69 -48.34 -19.02
CA THR A 609 15.49 -47.23 -18.52
C THR A 609 16.65 -46.94 -19.45
N SER A 610 17.32 -45.81 -19.25
CA SER A 610 18.50 -45.49 -20.06
C SER A 610 19.80 -45.98 -19.41
N PHE A 611 19.71 -46.49 -18.19
CA PHE A 611 20.86 -47.01 -17.47
C PHE A 611 20.86 -48.55 -17.39
N ALA A 612 19.83 -49.17 -17.97
CA ALA A 612 19.79 -50.61 -18.13
C ALA A 612 21.00 -50.93 -19.01
N GLN A 613 21.81 -51.85 -18.54
CA GLN A 613 23.11 -52.10 -19.18
C GLN A 613 23.97 -50.83 -19.41
N TRP A 614 24.05 -50.01 -18.37
CA TRP A 614 24.84 -48.77 -18.31
C TRP A 614 26.34 -48.96 -18.51
N THR A 615 26.83 -50.16 -18.15
CA THR A 615 28.25 -50.50 -18.23
C THR A 615 28.75 -50.53 -19.68
N THR A 616 27.86 -50.85 -20.62
CA THR A 616 28.21 -50.84 -22.06
C THR A 616 28.20 -49.44 -22.69
N LYS A 617 27.62 -48.44 -22.01
CA LYS A 617 27.60 -47.10 -22.60
C LYS A 617 28.45 -46.06 -21.89
N ILE A 618 29.32 -46.56 -21.06
CA ILE A 618 30.32 -45.72 -20.40
C ILE A 618 31.71 -46.13 -20.94
N ASP A 619 32.53 -45.14 -21.31
CA ASP A 619 33.86 -45.34 -21.94
C ASP A 619 34.68 -46.51 -21.39
N SER A 620 35.17 -47.37 -22.29
CA SER A 620 35.77 -48.66 -21.89
C SER A 620 37.06 -48.54 -21.05
N PHE A 621 37.76 -47.41 -21.19
CA PHE A 621 38.94 -47.09 -20.39
C PHE A 621 38.61 -46.81 -18.92
N VAL A 622 37.56 -46.02 -18.72
CA VAL A 622 37.02 -45.65 -17.41
C VAL A 622 36.52 -46.93 -16.72
N MET A 623 35.82 -47.76 -17.49
CA MET A 623 35.26 -49.02 -17.02
C MET A 623 36.29 -49.93 -16.36
N GLU A 624 37.44 -50.07 -17.03
CA GLU A 624 38.54 -50.91 -16.55
C GLU A 624 39.17 -50.35 -15.29
N GLU A 625 39.52 -49.07 -15.33
CA GLU A 625 40.19 -48.39 -14.23
C GLU A 625 39.37 -48.41 -12.94
N MET A 626 38.05 -48.30 -13.09
CA MET A 626 37.17 -48.36 -11.93
C MET A 626 36.95 -49.79 -11.43
N ASN A 627 36.88 -50.78 -12.31
CA ASN A 627 36.78 -52.21 -11.84
C ASN A 627 38.01 -52.68 -10.97
N ALA A 628 39.19 -52.22 -11.35
CA ALA A 628 40.33 -52.07 -10.44
C ALA A 628 39.95 -51.37 -9.12
N LEU A 647 33.45 -56.43 -11.65
CA LEU A 647 32.37 -56.71 -10.69
C LEU A 647 31.17 -55.71 -10.71
N TYR A 648 31.34 -54.52 -11.32
CA TYR A 648 30.18 -53.62 -11.63
C TYR A 648 29.16 -54.28 -12.59
N GLN A 649 27.97 -54.54 -12.05
CA GLN A 649 26.83 -55.10 -12.77
C GLN A 649 25.84 -54.02 -13.21
N ASP A 650 24.96 -54.39 -14.14
CA ASP A 650 23.94 -53.48 -14.69
C ASP A 650 22.75 -53.29 -13.79
N THR A 651 22.98 -53.22 -12.48
CA THR A 651 21.96 -52.76 -11.55
C THR A 651 22.03 -51.22 -11.44
N LEU A 652 20.92 -50.64 -10.98
CA LEU A 652 20.90 -49.24 -10.58
C LEU A 652 21.84 -49.02 -9.39
N GLY A 653 21.77 -49.94 -8.41
CA GLY A 653 22.63 -49.91 -7.23
C GLY A 653 24.10 -49.76 -7.59
N ASP A 654 24.55 -50.54 -8.55
CA ASP A 654 25.96 -50.45 -8.99
C ASP A 654 26.29 -49.20 -9.82
N LEU A 655 25.30 -48.61 -10.50
CA LEU A 655 25.47 -47.27 -11.08
C LEU A 655 25.67 -46.18 -10.02
N LEU A 656 24.81 -46.18 -8.98
CA LEU A 656 24.94 -45.22 -7.89
C LEU A 656 26.28 -45.33 -7.20
N LYS A 657 26.68 -46.57 -6.89
CA LYS A 657 28.03 -46.87 -6.32
C LYS A 657 29.16 -46.38 -7.26
N PHE A 658 28.95 -46.56 -8.57
CA PHE A 658 29.92 -46.10 -9.56
C PHE A 658 30.07 -44.57 -9.48
N ILE A 659 28.93 -43.88 -9.32
CA ILE A 659 28.91 -42.45 -9.15
C ILE A 659 29.62 -42.03 -7.88
N ARG A 660 29.33 -42.75 -6.78
CA ARG A 660 29.96 -42.46 -5.51
C ARG A 660 31.48 -42.53 -5.59
N ASN A 661 32.00 -43.60 -6.18
CA ASN A 661 33.48 -43.85 -6.21
C ASN A 661 34.14 -42.86 -7.11
N LEU A 662 33.57 -42.65 -8.30
CA LEU A 662 34.12 -41.70 -9.23
C LEU A 662 34.15 -40.30 -8.62
N GLY A 663 33.08 -39.94 -7.90
CA GLY A 663 33.04 -38.68 -7.18
C GLY A 663 34.16 -38.51 -6.19
N GLU A 664 34.48 -39.60 -5.48
CA GLU A 664 35.51 -39.57 -4.46
C GLU A 664 36.94 -39.50 -5.02
N HIS A 665 37.19 -40.13 -6.16
CA HIS A 665 38.56 -40.40 -6.60
C HIS A 665 38.97 -39.66 -7.86
N ILE A 666 37.98 -39.11 -8.57
CA ILE A 666 38.20 -38.38 -9.83
C ILE A 666 39.36 -37.40 -9.76
N ASN A 667 39.60 -36.79 -8.59
CA ASN A 667 40.59 -35.70 -8.47
C ASN A 667 42.02 -36.10 -8.08
N GLU A 668 42.22 -37.40 -7.90
CA GLU A 668 43.48 -37.97 -7.51
C GLU A 668 44.42 -38.08 -8.70
N GLN A 669 45.72 -37.88 -8.44
CA GLN A 669 46.81 -37.96 -9.43
C GLN A 669 46.67 -39.10 -10.45
N LYS A 670 46.43 -40.32 -9.93
CA LYS A 670 46.36 -41.54 -10.74
C LYS A 670 45.09 -41.69 -11.62
N ASN A 671 44.20 -40.70 -11.60
CA ASN A 671 43.02 -40.71 -12.41
C ASN A 671 42.96 -39.57 -13.41
N LYS A 672 44.08 -38.88 -13.62
CA LYS A 672 44.09 -37.68 -14.44
C LYS A 672 43.57 -37.90 -15.88
N LYS A 673 43.88 -39.07 -16.45
CA LYS A 673 43.43 -39.49 -17.80
C LYS A 673 41.90 -39.79 -17.85
N MET A 674 41.40 -40.45 -16.81
CA MET A 674 39.98 -40.67 -16.58
C MET A 674 39.22 -39.34 -16.46
N LYS A 675 39.72 -38.44 -15.60
CA LYS A 675 39.12 -37.11 -15.37
C LYS A 675 38.83 -36.37 -16.67
N SER A 676 39.77 -36.38 -17.60
CA SER A 676 39.64 -35.65 -18.86
C SER A 676 38.66 -36.29 -19.85
N ILE A 677 38.52 -37.63 -19.79
CA ILE A 677 37.48 -38.34 -20.55
C ILE A 677 36.07 -37.95 -20.07
N ILE A 678 35.93 -37.87 -18.75
CA ILE A 678 34.65 -37.53 -18.13
C ILE A 678 34.26 -36.06 -18.28
N GLY A 679 35.21 -35.16 -18.06
CA GLY A 679 34.94 -33.73 -17.97
C GLY A 679 34.25 -33.45 -16.64
N GLU A 680 33.28 -32.53 -16.64
CA GLU A 680 32.52 -32.25 -15.40
C GLU A 680 31.51 -33.37 -15.08
N PRO A 681 31.75 -34.11 -13.99
CA PRO A 681 31.04 -35.37 -13.73
C PRO A 681 29.50 -35.24 -13.63
N SER A 682 28.97 -34.20 -12.99
CA SER A 682 27.55 -33.99 -12.95
C SER A 682 26.93 -33.98 -14.34
N GLN A 683 27.46 -33.12 -15.22
CA GLN A 683 27.03 -33.06 -16.61
C GLN A 683 27.12 -34.41 -17.27
N TYR A 684 28.17 -35.18 -16.95
CA TYR A 684 28.47 -36.45 -17.62
C TYR A 684 27.36 -37.47 -17.41
N PHE A 685 27.04 -37.71 -16.15
CA PHE A 685 26.04 -38.72 -15.78
C PHE A 685 24.65 -38.35 -16.25
N GLN A 686 24.30 -37.08 -16.11
CA GLN A 686 22.96 -36.63 -16.49
C GLN A 686 22.75 -36.71 -18.00
N GLU A 687 23.82 -36.46 -18.77
CA GLU A 687 23.78 -36.48 -20.24
C GLU A 687 23.68 -37.94 -20.71
N LYS A 688 24.57 -38.80 -20.18
CA LYS A 688 24.60 -40.18 -20.55
C LYS A 688 23.36 -40.96 -20.11
N PHE A 689 22.75 -40.51 -19.01
CA PHE A 689 21.56 -41.12 -18.44
C PHE A 689 20.50 -40.10 -17.96
N PRO A 690 19.67 -39.55 -18.90
CA PRO A 690 18.80 -38.38 -18.57
C PRO A 690 17.70 -38.68 -17.54
N ASP A 691 17.29 -39.92 -17.50
CA ASP A 691 16.27 -40.42 -16.60
C ASP A 691 16.78 -40.76 -15.20
N LEU A 692 18.09 -40.68 -14.95
CA LEU A 692 18.63 -41.16 -13.68
C LEU A 692 18.09 -40.42 -12.45
N VAL A 693 18.25 -39.11 -12.40
CA VAL A 693 17.90 -38.29 -11.22
C VAL A 693 16.43 -38.48 -10.91
N MET A 694 15.60 -38.43 -11.96
CA MET A 694 14.16 -38.60 -11.83
C MET A 694 13.76 -39.94 -11.30
N TYR A 695 14.44 -40.98 -11.80
CA TYR A 695 14.14 -42.31 -11.37
C TYR A 695 14.40 -42.48 -9.87
N VAL A 696 15.54 -41.97 -9.41
CA VAL A 696 15.92 -42.04 -8.00
C VAL A 696 14.97 -41.21 -7.15
N TYR A 697 14.66 -39.99 -7.62
CA TYR A 697 13.76 -39.15 -6.87
C TYR A 697 12.42 -39.89 -6.71
N THR A 698 11.91 -40.49 -7.78
CA THR A 698 10.64 -41.18 -7.71
C THR A 698 10.65 -42.34 -6.72
N LYS A 699 11.74 -43.11 -6.72
CA LYS A 699 11.78 -44.26 -5.83
C LYS A 699 11.97 -43.92 -4.35
N LEU A 700 12.56 -42.77 -4.03
CA LEU A 700 12.95 -42.49 -2.66
C LEU A 700 12.13 -41.40 -2.04
N GLN A 701 11.20 -40.88 -2.83
CA GLN A 701 10.43 -39.68 -2.52
C GLN A 701 9.82 -39.67 -1.13
N ASN A 702 9.11 -40.74 -0.77
CA ASN A 702 8.39 -40.72 0.48
C ASN A 702 8.96 -41.66 1.52
N THR A 703 10.26 -41.92 1.42
CA THR A 703 10.92 -42.93 2.22
C THR A 703 11.90 -42.26 3.15
N GLU A 704 12.56 -43.05 4.00
CA GLU A 704 13.62 -42.53 4.90
C GLU A 704 14.78 -41.87 4.14
N TYR A 705 15.20 -42.46 3.02
CA TYR A 705 16.37 -42.00 2.27
C TYR A 705 16.07 -40.74 1.41
N MET A 706 14.87 -40.18 1.56
CA MET A 706 14.56 -38.83 1.14
C MET A 706 15.52 -37.84 1.81
N LYS A 707 16.20 -38.28 2.86
CA LYS A 707 17.14 -37.41 3.61
C LYS A 707 18.39 -37.04 2.83
N HIS A 708 18.63 -37.78 1.76
CA HIS A 708 19.72 -37.54 0.86
C HIS A 708 19.45 -36.48 -0.18
N PHE A 709 18.22 -36.02 -0.27
CA PHE A 709 17.85 -34.95 -1.19
C PHE A 709 18.42 -33.64 -0.67
N PRO A 710 18.67 -32.65 -1.56
CA PRO A 710 19.21 -31.36 -1.10
C PRO A 710 18.24 -30.68 -0.17
N LYS A 711 18.72 -29.82 0.72
CA LYS A 711 17.81 -29.08 1.61
C LYS A 711 17.04 -28.01 0.84
N THR A 712 15.73 -28.21 0.75
CA THR A 712 14.95 -27.75 -0.41
C THR A 712 14.06 -26.51 -0.16
N LEU B 8 17.58 32.59 -30.30
CA LEU B 8 17.01 33.94 -30.11
C LEU B 8 16.17 34.32 -31.32
N GLU B 9 15.97 33.37 -32.23
CA GLU B 9 15.15 33.61 -33.41
C GLU B 9 13.70 33.16 -33.21
N GLU B 10 13.53 32.09 -32.45
CA GLU B 10 12.24 31.50 -32.16
C GLU B 10 11.88 31.69 -30.67
N MET B 11 12.88 32.00 -29.86
CA MET B 11 12.70 32.23 -28.43
C MET B 11 12.39 33.69 -28.13
N LEU B 12 12.42 34.56 -29.14
CA LEU B 12 12.14 35.97 -28.97
C LEU B 12 10.69 36.31 -29.38
N THR B 13 9.75 35.53 -28.86
CA THR B 13 8.33 35.75 -29.07
C THR B 13 7.66 36.15 -27.77
N GLN B 14 8.42 36.23 -26.67
CA GLN B 14 7.85 36.61 -25.39
C GLN B 14 7.17 37.97 -25.44
N ALA B 15 7.63 38.81 -26.37
CA ALA B 15 7.02 40.11 -26.60
C ALA B 15 5.53 39.95 -26.77
N VAL B 16 5.16 38.94 -27.55
CA VAL B 16 3.80 38.46 -27.57
C VAL B 16 3.37 38.17 -26.13
N GLN B 17 4.32 37.73 -25.29
CA GLN B 17 4.03 37.70 -23.85
C GLN B 17 3.84 39.11 -23.33
N GLU B 18 4.86 39.96 -23.46
CA GLU B 18 4.82 41.38 -23.06
C GLU B 18 3.80 42.22 -23.87
N ALA B 19 3.17 41.57 -24.87
CA ALA B 19 1.96 42.01 -25.59
C ALA B 19 2.08 43.29 -26.42
N ASP B 20 3.26 43.93 -26.44
CA ASP B 20 3.51 45.12 -27.24
C ASP B 20 3.62 44.83 -28.76
N ILE B 21 2.78 45.50 -29.52
CA ILE B 21 2.71 45.42 -30.99
C ILE B 21 4.02 45.80 -31.70
N GLU B 22 4.76 46.75 -31.13
CA GLU B 22 6.00 47.32 -31.68
C GLU B 22 7.11 46.30 -31.98
N GLN B 23 7.45 45.50 -30.98
CA GLN B 23 8.50 44.49 -31.12
C GLN B 23 8.08 43.34 -32.03
N VAL B 24 6.77 43.16 -32.18
CA VAL B 24 6.18 42.05 -32.94
C VAL B 24 6.25 42.30 -34.45
N ARG B 25 5.61 43.38 -34.93
CA ARG B 25 5.69 43.83 -36.32
C ARG B 25 7.16 43.96 -36.78
N GLN B 26 8.00 44.56 -35.92
CA GLN B 26 9.41 44.81 -36.15
C GLN B 26 10.22 43.53 -36.30
N LEU B 27 9.87 42.51 -35.54
CA LEU B 27 10.56 41.21 -35.65
C LEU B 27 9.81 40.22 -36.56
N LEU B 28 8.64 40.61 -37.04
CA LEU B 28 7.90 39.86 -38.05
C LEU B 28 8.55 39.95 -39.42
N GLU B 29 9.42 40.93 -39.63
CA GLU B 29 10.17 41.11 -40.86
C GLU B 29 11.67 41.18 -40.57
N ARG B 30 12.08 40.76 -39.39
CA ARG B 30 13.50 40.63 -39.06
C ARG B 30 13.93 39.16 -39.02
N GLY B 31 12.97 38.24 -39.05
CA GLY B 31 13.23 36.79 -39.12
C GLY B 31 12.83 35.96 -37.91
N ALA B 32 11.65 35.34 -38.00
CA ALA B 32 11.14 34.26 -37.10
C ALA B 32 9.80 33.77 -37.64
N ASP B 33 9.60 32.45 -37.63
CA ASP B 33 8.42 31.84 -38.23
C ASP B 33 7.18 32.18 -37.42
N ALA B 34 6.14 32.63 -38.12
CA ALA B 34 4.84 32.93 -37.52
C ALA B 34 4.30 31.68 -36.85
N ASN B 35 4.42 30.55 -37.52
CA ASN B 35 3.85 29.30 -37.01
C ASN B 35 4.85 28.51 -36.14
N PHE B 36 5.80 29.23 -35.56
CA PHE B 36 6.84 28.64 -34.69
C PHE B 36 6.19 28.12 -33.39
N GLN B 37 5.86 26.83 -33.43
CA GLN B 37 5.29 26.15 -32.27
C GLN B 37 6.39 25.83 -31.28
N GLU B 38 6.27 26.30 -30.03
CA GLU B 38 7.20 25.91 -28.96
C GLU B 38 7.05 24.40 -28.72
N GLU B 39 8.18 23.75 -28.46
CA GLU B 39 8.31 22.29 -28.53
C GLU B 39 7.50 21.56 -27.46
N GLU B 40 7.52 22.12 -26.25
CA GLU B 40 6.88 21.54 -25.06
C GLU B 40 5.37 21.28 -25.16
N TRP B 41 4.56 22.26 -25.59
CA TRP B 41 3.09 22.06 -25.69
C TRP B 41 2.42 22.47 -27.01
N GLY B 42 3.18 22.98 -27.96
CA GLY B 42 2.61 23.47 -29.25
C GLY B 42 1.95 24.87 -29.27
N TRP B 43 2.27 25.72 -28.30
CA TRP B 43 1.84 27.13 -28.30
C TRP B 43 2.53 28.01 -29.36
N SER B 44 1.78 28.48 -30.35
CA SER B 44 2.25 29.48 -31.32
C SER B 44 1.99 30.89 -30.80
N PRO B 45 2.68 31.91 -31.36
CA PRO B 45 2.22 33.27 -31.18
C PRO B 45 0.75 33.52 -31.54
N LEU B 46 0.22 32.94 -32.63
CA LEU B 46 -1.24 32.98 -32.87
C LEU B 46 -2.10 32.33 -31.77
N HIS B 47 -1.72 31.13 -31.31
CA HIS B 47 -2.41 30.47 -30.19
C HIS B 47 -2.50 31.35 -28.95
N SER B 48 -1.33 31.84 -28.55
CA SER B 48 -1.12 32.58 -27.31
C SER B 48 -1.76 33.96 -27.32
N ALA B 49 -1.78 34.63 -28.48
CA ALA B 49 -2.47 35.91 -28.64
C ALA B 49 -3.97 35.77 -28.40
N VAL B 50 -4.62 34.82 -29.09
CA VAL B 50 -6.07 34.57 -28.95
C VAL B 50 -6.47 34.37 -27.46
N GLN B 51 -5.60 33.67 -26.75
CA GLN B 51 -5.78 33.35 -25.33
C GLN B 51 -5.71 34.59 -24.41
N MET B 52 -4.83 35.54 -24.72
CA MET B 52 -4.71 36.79 -23.96
C MET B 52 -5.70 37.90 -24.38
N ASP B 53 -6.53 37.59 -25.38
CA ASP B 53 -7.51 38.50 -26.02
C ASP B 53 -6.95 39.86 -26.43
N SER B 54 -5.98 39.83 -27.34
CA SER B 54 -5.45 41.02 -27.97
C SER B 54 -5.97 41.04 -29.39
N GLU B 55 -7.02 41.83 -29.59
CA GLU B 55 -7.63 42.10 -30.90
C GLU B 55 -6.61 42.52 -31.96
N ASP B 56 -5.51 43.12 -31.50
CA ASP B 56 -4.44 43.73 -32.28
C ASP B 56 -3.39 42.72 -32.78
N LEU B 57 -2.98 41.81 -31.89
CA LEU B 57 -2.04 40.75 -32.27
C LEU B 57 -2.58 39.69 -33.25
N VAL B 58 -3.87 39.39 -33.19
CA VAL B 58 -4.51 38.44 -34.14
C VAL B 58 -4.57 39.01 -35.57
N ALA B 59 -4.86 40.30 -35.68
CA ALA B 59 -4.78 41.05 -36.94
C ALA B 59 -3.36 41.04 -37.50
N LEU B 60 -2.40 41.50 -36.68
CA LEU B 60 -0.98 41.58 -37.07
C LEU B 60 -0.40 40.24 -37.56
N LEU B 61 -0.80 39.15 -36.90
CA LEU B 61 -0.27 37.81 -37.21
C LEU B 61 -1.02 37.11 -38.32
N LEU B 62 -2.33 37.34 -38.42
CA LEU B 62 -3.11 36.84 -39.58
C LEU B 62 -2.74 37.53 -40.91
N LYS B 63 -2.22 38.76 -40.81
CA LYS B 63 -1.59 39.47 -41.93
C LYS B 63 -0.37 38.71 -42.44
N HIS B 64 0.38 38.12 -41.51
CA HIS B 64 1.62 37.38 -41.79
C HIS B 64 1.47 35.85 -41.97
N GLY B 65 0.36 35.46 -42.61
CA GLY B 65 0.14 34.09 -43.09
C GLY B 65 -0.29 33.02 -42.09
N ALA B 66 -0.05 33.26 -40.80
CA ALA B 66 -0.22 32.33 -39.69
C ALA B 66 -1.52 31.52 -39.69
N ASP B 67 -1.36 30.21 -39.74
CA ASP B 67 -2.47 29.28 -39.93
C ASP B 67 -3.41 29.27 -38.74
N PRO B 68 -4.71 29.55 -38.97
CA PRO B 68 -5.75 29.42 -37.94
C PRO B 68 -6.33 28.01 -37.75
N CYS B 69 -5.83 27.06 -38.52
CA CYS B 69 -6.16 25.63 -38.33
C CYS B 69 -5.01 24.81 -37.69
N LEU B 70 -3.98 25.52 -37.23
CA LEU B 70 -2.75 24.96 -36.67
C LEU B 70 -2.96 24.36 -35.28
N ARG B 71 -2.66 23.08 -35.14
CA ARG B 71 -2.90 22.37 -33.86
C ARG B 71 -1.71 22.37 -32.90
N LYS B 72 -2.00 22.72 -31.64
CA LYS B 72 -1.08 22.55 -30.51
C LYS B 72 -1.30 21.15 -29.89
N ARG B 73 -0.44 20.83 -28.90
CA ARG B 73 -0.40 19.47 -28.31
C ARG B 73 -1.73 18.72 -28.15
N ASN B 74 -2.71 19.30 -27.46
CA ASN B 74 -4.04 18.65 -27.26
C ASN B 74 -4.98 18.74 -28.51
N GLY B 75 -4.44 19.22 -29.62
CA GLY B 75 -5.14 19.24 -30.92
C GLY B 75 -5.97 20.49 -31.12
N ALA B 76 -5.42 21.63 -30.70
CA ALA B 76 -6.25 22.83 -30.54
C ALA B 76 -5.83 23.99 -31.42
N THR B 77 -6.74 24.31 -32.33
CA THR B 77 -6.62 25.47 -33.23
C THR B 77 -6.93 26.73 -32.42
N PRO B 78 -6.27 27.87 -32.73
CA PRO B 78 -6.65 29.14 -32.07
C PRO B 78 -8.14 29.53 -32.25
N PHE B 79 -8.82 28.95 -33.26
CA PHE B 79 -10.27 29.02 -33.35
C PHE B 79 -10.95 28.46 -32.09
N ILE B 80 -10.72 27.18 -31.79
CA ILE B 80 -11.28 26.50 -30.61
C ILE B 80 -11.09 27.36 -29.37
N ILE B 81 -9.86 27.87 -29.17
CA ILE B 81 -9.45 28.80 -28.09
C ILE B 81 -10.19 30.19 -28.06
N ALA B 82 -10.72 30.61 -29.20
CA ALA B 82 -11.59 31.80 -29.23
C ALA B 82 -12.97 31.52 -28.58
N GLY B 83 -13.46 30.28 -28.69
CA GLY B 83 -14.63 29.81 -27.92
C GLY B 83 -14.50 29.95 -26.40
N ILE B 84 -13.27 29.75 -25.89
CA ILE B 84 -12.94 29.96 -24.48
C ILE B 84 -12.94 31.45 -24.17
N THR B 85 -12.05 32.23 -24.78
CA THR B 85 -11.94 33.67 -24.54
C THR B 85 -13.27 34.44 -24.71
N GLY B 86 -14.08 33.97 -25.67
CA GLY B 86 -15.49 34.38 -25.78
C GLY B 86 -15.77 35.55 -26.70
N ASN B 87 -14.73 36.28 -27.11
CA ASN B 87 -14.81 37.48 -27.95
C ASN B 87 -15.26 37.17 -29.38
N VAL B 88 -16.33 37.84 -29.79
CA VAL B 88 -17.03 37.51 -31.03
C VAL B 88 -16.25 37.91 -32.29
N ARG B 89 -15.45 38.97 -32.20
CA ARG B 89 -14.70 39.51 -33.35
C ARG B 89 -13.35 38.83 -33.60
N LEU B 90 -12.92 38.01 -32.63
CA LEU B 90 -11.82 37.06 -32.87
C LEU B 90 -12.36 35.88 -33.69
N LEU B 91 -13.54 35.38 -33.32
CA LEU B 91 -14.26 34.37 -34.10
C LEU B 91 -14.61 34.85 -35.53
N GLN B 92 -14.84 36.16 -35.70
CA GLN B 92 -15.12 36.79 -36.99
C GLN B 92 -13.89 36.93 -37.89
N LEU B 93 -12.76 37.33 -37.30
CA LEU B 93 -11.45 37.34 -37.98
C LEU B 93 -10.98 35.95 -38.48
N LEU B 94 -11.44 34.88 -37.81
CA LEU B 94 -10.98 33.51 -38.08
C LEU B 94 -11.91 32.64 -38.92
N LEU B 95 -13.23 32.80 -38.78
CA LEU B 95 -14.25 31.94 -39.46
C LEU B 95 -14.10 31.70 -41.00
N PRO B 96 -13.73 32.73 -41.80
CA PRO B 96 -13.45 32.44 -43.24
C PRO B 96 -12.25 31.54 -43.55
N ASN B 97 -11.39 31.26 -42.57
CA ASN B 97 -10.19 30.44 -42.82
C ASN B 97 -10.16 29.16 -41.95
N VAL B 98 -11.21 28.35 -42.12
CA VAL B 98 -11.51 27.14 -41.34
C VAL B 98 -12.49 26.26 -42.15
N GLU B 99 -12.17 24.97 -42.30
CA GLU B 99 -13.01 24.03 -43.07
C GLU B 99 -14.35 23.73 -42.39
N ASP B 100 -14.28 23.25 -41.15
CA ASP B 100 -15.44 22.96 -40.32
C ASP B 100 -15.37 23.83 -39.05
N VAL B 101 -16.51 24.38 -38.67
CA VAL B 101 -16.70 25.10 -37.40
C VAL B 101 -16.73 24.12 -36.18
N ASN B 102 -17.11 22.87 -36.47
CA ASN B 102 -17.25 21.77 -35.51
C ASN B 102 -16.00 20.91 -35.35
N GLU B 103 -14.84 21.55 -35.48
CA GLU B 103 -13.54 20.92 -35.40
C GLU B 103 -13.13 20.72 -33.95
N CYS B 104 -12.97 19.44 -33.58
CA CYS B 104 -12.69 19.07 -32.17
C CYS B 104 -11.26 18.67 -31.88
N ASP B 105 -10.69 19.23 -30.80
CA ASP B 105 -9.37 18.82 -30.27
C ASP B 105 -9.40 17.36 -29.78
N VAL B 106 -8.27 16.81 -29.33
CA VAL B 106 -8.18 15.34 -29.17
C VAL B 106 -9.14 14.76 -28.11
N ASN B 107 -9.65 15.61 -27.20
CA ASN B 107 -10.54 15.17 -26.14
C ASN B 107 -12.03 15.33 -26.42
N GLY B 108 -12.37 15.73 -27.65
CA GLY B 108 -13.75 15.89 -28.11
C GLY B 108 -14.33 17.30 -28.23
N PHE B 109 -13.54 18.33 -27.90
CA PHE B 109 -14.01 19.71 -27.64
C PHE B 109 -14.00 20.70 -28.82
N THR B 110 -15.18 20.90 -29.44
CA THR B 110 -15.52 22.01 -30.37
C THR B 110 -15.42 23.43 -29.77
N ALA B 111 -15.36 24.46 -30.61
CA ALA B 111 -15.35 25.86 -30.14
C ALA B 111 -16.66 26.24 -29.36
N PHE B 112 -17.74 25.55 -29.73
CA PHE B 112 -19.08 25.61 -29.14
C PHE B 112 -19.10 25.07 -27.71
N MET B 113 -18.53 23.88 -27.48
CA MET B 113 -18.43 23.34 -26.10
C MET B 113 -17.51 24.22 -25.24
N GLU B 114 -16.43 24.79 -25.81
CA GLU B 114 -15.62 25.73 -25.07
C GLU B 114 -16.35 27.04 -24.73
N ALA B 115 -17.33 27.39 -25.55
CA ALA B 115 -18.22 28.51 -25.27
C ALA B 115 -19.21 28.14 -24.15
N ALA B 116 -19.67 26.89 -24.18
CA ALA B 116 -20.54 26.35 -23.14
C ALA B 116 -19.84 26.23 -21.78
N VAL B 117 -18.62 25.70 -21.78
CA VAL B 117 -17.80 25.47 -20.59
C VAL B 117 -17.54 26.81 -19.87
N TYR B 118 -17.17 27.84 -20.62
CA TYR B 118 -16.78 29.05 -19.94
C TYR B 118 -17.93 30.10 -19.85
N GLY B 119 -19.15 29.67 -20.18
CA GLY B 119 -20.37 30.48 -20.09
C GLY B 119 -20.32 31.73 -20.92
N ARG B 120 -19.84 31.63 -22.17
CA ARG B 120 -19.55 32.80 -23.02
C ARG B 120 -20.71 32.93 -24.03
N VAL B 121 -21.76 33.60 -23.55
CA VAL B 121 -23.13 33.63 -24.07
C VAL B 121 -23.26 34.18 -25.49
N GLU B 122 -22.58 35.31 -25.78
CA GLU B 122 -22.61 35.95 -27.12
C GLU B 122 -21.87 35.10 -28.16
N ALA B 123 -20.75 34.50 -27.76
CA ALA B 123 -20.01 33.56 -28.60
C ALA B 123 -20.83 32.30 -28.97
N LEU B 124 -21.61 31.80 -28.00
CA LEU B 124 -22.50 30.67 -28.19
C LEU B 124 -23.56 30.91 -29.26
N ARG B 125 -24.13 32.13 -29.30
CA ARG B 125 -25.14 32.54 -30.30
C ARG B 125 -24.52 32.53 -31.71
N PHE B 126 -23.42 33.29 -31.85
CA PHE B 126 -22.60 33.42 -33.06
C PHE B 126 -22.23 32.07 -33.70
N LEU B 127 -21.86 31.10 -32.87
CA LEU B 127 -21.54 29.79 -33.38
C LEU B 127 -22.79 29.03 -33.86
N TYR B 128 -23.91 29.18 -33.15
CA TYR B 128 -25.14 28.43 -33.48
C TYR B 128 -25.70 28.70 -34.88
N GLU B 129 -25.80 29.98 -35.24
CA GLU B 129 -26.33 30.37 -36.57
C GLU B 129 -25.32 30.05 -37.67
N ASN B 130 -24.01 30.15 -37.35
CA ASN B 130 -22.94 29.73 -38.26
C ASN B 130 -22.76 28.18 -38.34
N GLY B 131 -23.83 27.42 -38.06
CA GLY B 131 -23.84 25.97 -38.33
C GLY B 131 -23.52 24.97 -37.22
N ALA B 132 -22.89 25.46 -36.15
CA ALA B 132 -22.43 24.65 -35.00
C ALA B 132 -23.41 23.64 -34.37
N ASP B 133 -22.83 22.57 -33.78
CA ASP B 133 -23.60 21.39 -33.40
C ASP B 133 -23.85 21.28 -31.91
N VAL B 134 -25.13 21.21 -31.59
CA VAL B 134 -25.69 21.37 -30.24
C VAL B 134 -25.85 20.01 -29.53
N ASN B 135 -26.05 18.96 -30.32
CA ASN B 135 -26.18 17.59 -29.82
C ASN B 135 -24.98 16.73 -30.21
N MET B 136 -23.81 17.37 -30.27
CA MET B 136 -22.54 16.69 -30.48
C MET B 136 -22.08 16.17 -29.14
N HIS B 137 -21.93 14.85 -29.06
CA HIS B 137 -21.24 14.17 -27.98
C HIS B 137 -19.73 14.26 -28.29
N ARG B 138 -18.88 14.33 -27.27
CA ARG B 138 -17.44 14.35 -27.46
C ARG B 138 -16.85 13.03 -27.97
N LYS B 139 -16.07 13.09 -29.04
CA LYS B 139 -15.35 11.93 -29.57
C LYS B 139 -13.90 12.02 -29.13
N THR B 140 -13.47 11.08 -28.30
CA THR B 140 -12.09 11.06 -27.80
C THR B 140 -11.24 9.93 -28.44
N LYS B 141 -9.96 9.83 -28.05
CA LYS B 141 -9.05 8.73 -28.50
C LYS B 141 -9.41 7.39 -27.83
N GLN B 142 -9.02 6.27 -28.45
CA GLN B 142 -9.63 4.97 -28.09
C GLN B 142 -9.30 4.47 -26.68
N ASP B 143 -8.16 4.91 -26.13
CA ASP B 143 -7.80 4.72 -24.71
C ASP B 143 -8.93 5.20 -23.76
N GLN B 144 -9.37 6.43 -23.99
CA GLN B 144 -10.39 7.07 -23.17
C GLN B 144 -11.79 6.47 -23.38
N GLU B 145 -12.05 5.99 -24.60
CA GLU B 145 -13.32 5.34 -24.91
C GLU B 145 -13.47 3.99 -24.28
N ARG B 146 -12.37 3.23 -24.17
CA ARG B 146 -12.44 1.84 -23.65
C ARG B 146 -12.82 1.79 -22.17
N ILE B 147 -12.51 2.88 -21.47
CA ILE B 147 -12.89 3.07 -20.08
C ILE B 147 -14.06 4.01 -19.95
N ARG B 148 -14.88 4.06 -20.99
CA ARG B 148 -16.21 4.71 -20.95
C ARG B 148 -16.21 6.19 -20.51
N LYS B 149 -15.14 6.92 -20.85
CA LYS B 149 -15.07 8.35 -20.74
C LYS B 149 -15.61 9.01 -22.01
N GLY B 150 -15.87 10.33 -21.94
CA GLY B 150 -16.28 11.15 -23.10
C GLY B 150 -17.72 10.98 -23.55
N GLY B 151 -18.09 11.71 -24.58
CA GLY B 151 -19.50 11.72 -25.06
C GLY B 151 -20.44 12.68 -24.35
N ALA B 152 -19.84 13.70 -23.71
CA ALA B 152 -20.63 14.75 -23.07
C ALA B 152 -20.98 15.81 -24.09
N THR B 153 -22.22 16.30 -23.98
CA THR B 153 -22.76 17.35 -24.84
C THR B 153 -22.39 18.71 -24.28
N ALA B 154 -22.67 19.78 -25.02
CA ALA B 154 -22.48 21.11 -24.46
C ALA B 154 -23.48 21.40 -23.30
N LEU B 155 -24.63 20.74 -23.33
CA LEU B 155 -25.66 20.86 -22.29
C LEU B 155 -25.12 20.37 -20.95
N MET B 156 -24.46 19.21 -20.95
CA MET B 156 -23.79 18.67 -19.78
C MET B 156 -22.66 19.55 -19.30
N ASP B 157 -21.90 20.15 -20.20
CA ASP B 157 -20.86 21.13 -19.77
C ASP B 157 -21.48 22.31 -19.05
N ALA B 158 -22.64 22.75 -19.54
CA ALA B 158 -23.29 23.93 -19.01
C ALA B 158 -23.88 23.65 -17.63
N ALA B 159 -24.55 22.51 -17.47
CA ALA B 159 -25.06 22.06 -16.18
C ALA B 159 -23.96 21.88 -15.12
N GLU B 160 -22.83 21.29 -15.51
CA GLU B 160 -21.67 21.08 -14.63
C GLU B 160 -21.15 22.41 -14.11
N LYS B 161 -20.87 23.32 -15.02
CA LYS B 161 -20.33 24.62 -14.62
C LYS B 161 -21.37 25.54 -13.96
N GLY B 162 -22.65 25.15 -14.06
CA GLY B 162 -23.73 25.83 -13.36
C GLY B 162 -24.24 27.10 -14.01
N HIS B 163 -23.91 27.30 -15.28
CA HIS B 163 -24.29 28.46 -16.06
C HIS B 163 -25.76 28.38 -16.46
N VAL B 164 -26.57 29.10 -15.67
CA VAL B 164 -28.02 29.12 -15.81
C VAL B 164 -28.37 29.77 -17.14
N GLY B 165 -27.65 30.83 -17.51
CA GLY B 165 -27.82 31.50 -18.80
C GLY B 165 -27.80 30.44 -19.89
N VAL B 166 -26.64 29.79 -19.97
CA VAL B 166 -26.30 28.93 -21.08
C VAL B 166 -27.27 27.76 -21.23
N VAL B 167 -27.75 27.18 -20.12
CA VAL B 167 -28.60 26.00 -20.20
C VAL B 167 -29.90 26.33 -20.94
N THR B 168 -30.55 27.40 -20.45
CA THR B 168 -31.87 27.85 -20.91
C THR B 168 -31.80 28.21 -22.39
N ILE B 169 -30.76 28.98 -22.77
CA ILE B 169 -30.59 29.35 -24.16
C ILE B 169 -30.60 28.05 -24.95
N LEU B 170 -29.76 27.08 -24.56
CA LEU B 170 -29.58 25.81 -25.24
C LEU B 170 -30.84 24.97 -25.30
N LEU B 171 -31.58 24.92 -24.20
CA LEU B 171 -32.78 24.12 -24.13
C LEU B 171 -33.91 24.63 -25.00
N HIS B 172 -33.99 25.95 -25.18
CA HIS B 172 -35.13 26.65 -25.82
C HIS B 172 -34.87 27.27 -27.19
N ALA B 173 -33.85 28.13 -27.26
CA ALA B 173 -33.37 28.66 -28.54
C ALA B 173 -32.71 27.60 -29.44
N MET B 174 -31.97 26.64 -28.85
CA MET B 174 -30.99 25.85 -29.62
C MET B 174 -31.28 24.34 -29.79
N LYS B 175 -32.49 23.93 -29.38
CA LYS B 175 -33.03 22.57 -29.62
C LYS B 175 -32.25 21.41 -28.98
N ALA B 176 -31.52 21.72 -27.89
CA ALA B 176 -30.69 20.75 -27.21
C ALA B 176 -31.47 19.56 -26.64
N GLU B 177 -30.94 18.36 -26.89
CA GLU B 177 -31.49 17.12 -26.34
C GLU B 177 -31.16 17.03 -24.86
N VAL B 178 -32.23 17.02 -24.07
CA VAL B 178 -32.16 17.02 -22.61
C VAL B 178 -31.68 15.66 -22.06
N ASP B 179 -32.18 14.58 -22.67
CA ASP B 179 -31.91 13.24 -22.21
C ASP B 179 -30.80 12.53 -23.03
N ALA B 180 -29.88 13.33 -23.57
CA ALA B 180 -28.60 12.87 -24.09
C ALA B 180 -27.79 12.25 -22.95
N ARG B 181 -27.19 11.08 -23.23
CA ARG B 181 -26.31 10.38 -22.30
C ARG B 181 -24.87 10.56 -22.77
N ASP B 182 -23.93 10.62 -21.83
CA ASP B 182 -22.49 10.42 -22.19
C ASP B 182 -22.18 8.92 -22.21
N ASN B 183 -20.94 8.51 -22.54
CA ASN B 183 -20.60 7.07 -22.59
C ASN B 183 -20.80 6.32 -21.29
N MET B 184 -20.64 7.03 -20.16
CA MET B 184 -20.88 6.49 -18.81
C MET B 184 -22.38 6.18 -18.60
N GLY B 185 -23.25 6.91 -19.32
CA GLY B 185 -24.73 6.70 -19.24
C GLY B 185 -25.47 7.74 -18.41
N ARG B 186 -24.96 8.97 -18.47
CA ARG B 186 -25.32 10.06 -17.53
C ARG B 186 -25.83 11.26 -18.30
N ASN B 187 -26.98 11.80 -17.87
CA ASN B 187 -27.56 12.99 -18.49
C ASN B 187 -27.07 14.26 -17.80
N ALA B 188 -27.51 15.41 -18.32
CA ALA B 188 -27.12 16.72 -17.78
C ALA B 188 -27.54 16.89 -16.33
N LEU B 189 -28.63 16.20 -15.98
CA LEU B 189 -29.18 16.19 -14.64
C LEU B 189 -28.15 15.72 -13.60
N VAL B 190 -27.45 14.63 -13.88
CA VAL B 190 -26.38 14.12 -13.04
C VAL B 190 -25.31 15.17 -12.86
N TYR B 191 -24.84 15.73 -13.98
CA TYR B 191 -23.86 16.82 -13.96
C TYR B 191 -24.35 18.02 -13.14
N ALA B 192 -25.66 18.30 -13.26
CA ALA B 192 -26.28 19.42 -12.60
C ALA B 192 -26.18 19.26 -11.09
N LEU B 193 -26.47 18.08 -10.57
CA LEU B 193 -26.51 17.89 -9.12
C LEU B 193 -25.18 17.80 -8.41
N LEU B 194 -24.08 17.81 -9.16
CA LEU B 194 -22.72 17.71 -8.60
C LEU B 194 -22.08 19.08 -8.52
N ASN B 195 -22.80 20.09 -8.95
CA ASN B 195 -22.42 21.51 -8.86
C ASN B 195 -22.31 21.97 -7.37
N PRO B 196 -21.20 22.66 -6.99
CA PRO B 196 -21.10 23.25 -5.62
C PRO B 196 -22.21 24.27 -5.22
N ASP B 197 -22.69 25.08 -6.18
CA ASP B 197 -23.66 26.19 -5.92
C ASP B 197 -25.14 25.70 -5.87
N ASP B 198 -25.79 25.84 -4.70
CA ASP B 198 -27.11 25.29 -4.44
C ASP B 198 -28.16 25.91 -5.36
N GLY B 199 -28.07 27.24 -5.53
CA GLY B 199 -29.09 28.01 -6.27
C GLY B 199 -29.09 27.66 -7.75
N LYS B 200 -27.94 27.86 -8.37
CA LYS B 200 -27.64 27.41 -9.75
C LYS B 200 -28.06 25.94 -9.98
N ALA B 201 -27.73 25.07 -9.03
CA ALA B 201 -28.12 23.67 -9.12
C ALA B 201 -29.61 23.52 -9.15
N LYS B 202 -30.29 24.29 -8.29
CA LYS B 202 -31.76 24.29 -8.22
C LYS B 202 -32.37 24.75 -9.53
N ALA B 203 -31.85 25.84 -10.07
CA ALA B 203 -32.30 26.42 -11.32
C ALA B 203 -32.18 25.43 -12.50
N ILE B 204 -31.00 24.83 -12.65
CA ILE B 204 -30.69 23.94 -13.77
C ILE B 204 -31.46 22.62 -13.66
N THR B 205 -31.61 22.11 -12.43
CA THR B 205 -32.43 20.92 -12.22
C THR B 205 -33.83 21.16 -12.82
N ARG B 206 -34.46 22.22 -12.35
CA ARG B 206 -35.79 22.69 -12.79
C ARG B 206 -35.91 22.70 -14.31
N LEU B 207 -35.09 23.51 -15.00
CA LEU B 207 -35.07 23.58 -16.47
C LEU B 207 -35.03 22.18 -17.11
N LEU B 208 -34.12 21.32 -16.62
CA LEU B 208 -33.90 20.01 -17.20
C LEU B 208 -35.04 19.09 -16.93
N LEU B 209 -35.55 19.11 -15.70
CA LEU B 209 -36.62 18.22 -15.26
C LEU B 209 -37.92 18.44 -16.01
N ASP B 210 -38.14 19.70 -16.40
CA ASP B 210 -39.37 20.12 -17.07
C ASP B 210 -39.33 19.84 -18.56
N HIS B 211 -38.13 19.84 -19.18
CA HIS B 211 -37.93 19.32 -20.52
C HIS B 211 -37.91 17.77 -20.63
N GLY B 212 -37.92 17.14 -19.47
CA GLY B 212 -38.11 15.70 -19.33
C GLY B 212 -36.87 14.84 -19.18
N ALA B 213 -35.78 15.39 -18.62
CA ALA B 213 -34.57 14.65 -18.30
C ALA B 213 -34.87 13.51 -17.34
N ASP B 214 -34.25 12.36 -17.60
CA ASP B 214 -34.48 11.14 -16.84
C ASP B 214 -34.00 11.32 -15.40
N VAL B 215 -34.85 10.93 -14.46
CA VAL B 215 -34.59 11.11 -13.04
C VAL B 215 -34.19 9.77 -12.39
N ASN B 216 -34.24 8.69 -13.19
CA ASN B 216 -33.84 7.38 -12.80
C ASN B 216 -32.50 6.99 -13.44
N VAL B 217 -31.68 7.98 -13.80
CA VAL B 217 -30.32 7.76 -14.27
C VAL B 217 -29.36 7.41 -13.14
N ARG B 218 -28.17 6.94 -13.50
CA ARG B 218 -27.13 6.56 -12.57
C ARG B 218 -25.86 7.33 -12.87
N GLY B 219 -25.21 7.85 -11.84
CA GLY B 219 -23.89 8.48 -11.97
C GLY B 219 -22.82 7.68 -11.27
N GLU B 220 -21.69 8.35 -10.98
CA GLU B 220 -20.58 7.78 -10.19
C GLU B 220 -21.07 7.05 -8.91
N GLY B 221 -20.57 5.82 -8.72
CA GLY B 221 -20.87 5.04 -7.52
C GLY B 221 -22.24 4.40 -7.55
N SER B 222 -22.81 4.30 -8.76
CA SER B 222 -24.20 3.86 -9.02
C SER B 222 -25.30 4.72 -8.34
N LYS B 223 -24.95 5.96 -8.01
CA LYS B 223 -25.88 6.88 -7.30
C LYS B 223 -26.95 7.45 -8.24
N THR B 224 -28.20 7.49 -7.79
CA THR B 224 -29.30 8.19 -8.51
C THR B 224 -29.19 9.72 -8.33
N PRO B 225 -30.06 10.49 -9.03
CA PRO B 225 -30.15 11.92 -8.71
C PRO B 225 -30.64 12.13 -7.28
N LEU B 226 -31.61 11.32 -6.86
CA LEU B 226 -32.18 11.42 -5.52
C LEU B 226 -31.11 11.29 -4.41
N ILE B 227 -30.21 10.33 -4.57
CA ILE B 227 -29.17 10.06 -3.59
C ILE B 227 -28.14 11.19 -3.62
N LEU B 228 -27.79 11.72 -4.80
CA LEU B 228 -26.94 12.89 -4.86
C LEU B 228 -27.55 14.12 -4.16
N ALA B 229 -28.87 14.24 -4.24
CA ALA B 229 -29.62 15.28 -3.55
C ALA B 229 -29.57 15.16 -2.04
N VAL B 230 -29.76 13.94 -1.55
CA VAL B 230 -29.66 13.61 -0.11
C VAL B 230 -28.24 13.76 0.48
N GLU B 231 -27.20 13.37 -0.28
CA GLU B 231 -25.80 13.49 0.17
C GLU B 231 -25.28 14.93 0.15
N ARG B 232 -25.92 15.75 -0.69
CA ARG B 232 -25.67 17.19 -0.72
C ARG B 232 -26.35 17.92 0.46
N LYS B 233 -27.28 17.23 1.11
CA LYS B 233 -28.10 17.71 2.27
C LYS B 233 -28.98 18.90 1.88
N ASN B 234 -29.73 18.76 0.79
CA ASN B 234 -30.53 19.86 0.26
C ASN B 234 -32.00 19.45 0.00
N LEU B 235 -32.85 19.77 0.98
CA LEU B 235 -34.30 19.54 0.96
C LEU B 235 -35.00 19.98 -0.32
N ASP B 236 -34.59 21.15 -0.82
CA ASP B 236 -35.16 21.73 -2.03
C ASP B 236 -35.04 20.84 -3.26
N LEU B 237 -33.80 20.42 -3.56
CA LEU B 237 -33.56 19.49 -4.68
C LEU B 237 -34.24 18.15 -4.46
N VAL B 238 -34.38 17.75 -3.20
CA VAL B 238 -35.09 16.51 -2.87
C VAL B 238 -36.60 16.65 -3.19
N GLN B 239 -37.17 17.80 -2.84
CA GLN B 239 -38.59 18.07 -3.16
C GLN B 239 -38.81 18.17 -4.65
N MET B 240 -37.97 18.96 -5.33
CA MET B 240 -37.96 19.09 -6.81
C MET B 240 -37.93 17.74 -7.54
N LEU B 241 -37.19 16.76 -7.01
CA LEU B 241 -37.07 15.46 -7.65
C LEU B 241 -38.26 14.58 -7.31
N LEU B 242 -38.68 14.62 -6.06
CA LEU B 242 -39.91 13.91 -5.63
C LEU B 242 -41.21 14.50 -6.23
N GLU B 243 -41.10 15.63 -6.97
CA GLU B 243 -42.20 16.19 -7.73
C GLU B 243 -42.59 15.31 -8.94
N GLN B 244 -41.67 14.46 -9.40
CA GLN B 244 -41.95 13.54 -10.51
C GLN B 244 -42.59 12.25 -10.02
N GLU B 245 -43.61 11.78 -10.75
CA GLU B 245 -44.42 10.62 -10.35
C GLU B 245 -43.74 9.28 -10.66
N GLN B 246 -42.91 9.29 -11.70
CA GLN B 246 -42.23 8.10 -12.21
C GLN B 246 -41.02 7.65 -11.34
N ILE B 247 -40.32 8.63 -10.74
CA ILE B 247 -39.12 8.38 -9.89
C ILE B 247 -39.17 7.18 -8.94
N GLU B 248 -38.02 6.51 -8.77
CA GLU B 248 -37.85 5.38 -7.86
C GLU B 248 -37.17 5.80 -6.57
N VAL B 249 -37.89 5.71 -5.46
CA VAL B 249 -37.34 6.11 -4.16
C VAL B 249 -36.41 5.07 -3.57
N ASN B 250 -36.76 3.81 -3.82
CA ASN B 250 -36.02 2.65 -3.33
C ASN B 250 -34.97 2.16 -4.32
N ASP B 251 -34.32 3.11 -4.97
CA ASP B 251 -33.10 2.84 -5.72
C ASP B 251 -31.87 2.97 -4.82
N THR B 252 -30.91 2.07 -5.05
CA THR B 252 -29.75 1.85 -4.18
C THR B 252 -28.45 2.17 -4.92
N ASP B 253 -27.46 2.67 -4.18
CA ASP B 253 -26.10 2.84 -4.73
C ASP B 253 -25.34 1.50 -4.72
N ARG B 254 -24.10 1.52 -5.24
CA ARG B 254 -23.15 0.38 -5.21
C ARG B 254 -23.14 -0.37 -3.87
N GLU B 255 -22.93 0.35 -2.78
CA GLU B 255 -22.90 -0.22 -1.43
C GLU B 255 -24.26 -0.67 -0.88
N GLY B 256 -25.30 -0.63 -1.71
CA GLY B 256 -26.66 -1.06 -1.35
C GLY B 256 -27.41 -0.19 -0.35
N LYS B 257 -27.15 1.11 -0.42
CA LYS B 257 -27.79 2.09 0.45
C LYS B 257 -28.89 2.80 -0.31
N THR B 258 -30.05 2.83 0.31
CA THR B 258 -31.18 3.55 -0.23
C THR B 258 -31.06 5.04 0.18
N ALA B 259 -31.74 5.90 -0.56
CA ALA B 259 -31.76 7.35 -0.28
C ALA B 259 -32.18 7.69 1.15
N LEU B 260 -33.24 7.03 1.63
CA LEU B 260 -33.71 7.12 3.03
C LEU B 260 -32.66 6.71 4.05
N LEU B 261 -32.13 5.50 3.84
CA LEU B 261 -31.04 4.99 4.68
C LEU B 261 -30.03 6.10 4.80
N LEU B 262 -29.61 6.68 3.67
CA LEU B 262 -28.65 7.79 3.74
C LEU B 262 -29.12 9.01 4.54
N ALA B 263 -30.43 9.31 4.51
CA ALA B 263 -30.96 10.47 5.23
C ALA B 263 -30.96 10.24 6.73
N VAL B 264 -31.41 9.06 7.15
CA VAL B 264 -31.30 8.70 8.55
C VAL B 264 -29.83 8.77 8.99
N GLU B 265 -28.95 8.08 8.27
CA GLU B 265 -27.48 8.06 8.53
C GLU B 265 -26.87 9.46 8.74
N LEU B 266 -27.31 10.40 7.90
CA LEU B 266 -26.78 11.77 7.90
C LEU B 266 -27.47 12.80 8.80
N ARG B 267 -28.47 12.34 9.58
CA ARG B 267 -29.16 13.16 10.60
C ARG B 267 -29.99 14.27 9.94
N LEU B 268 -30.82 13.87 8.98
CA LEU B 268 -31.64 14.79 8.18
C LEU B 268 -33.09 14.40 8.33
N GLU B 269 -33.59 14.61 9.56
CA GLU B 269 -35.01 14.43 9.94
C GLU B 269 -36.01 14.78 8.85
N GLU B 270 -35.90 16.01 8.31
CA GLU B 270 -36.90 16.51 7.36
C GLU B 270 -36.95 15.75 6.06
N ILE B 271 -35.83 15.67 5.35
CA ILE B 271 -35.71 14.85 4.14
C ILE B 271 -36.09 13.37 4.37
N ALA B 272 -35.70 12.82 5.53
CA ALA B 272 -36.05 11.45 5.90
C ALA B 272 -37.57 11.26 6.09
N LYS B 273 -38.21 12.17 6.83
CA LYS B 273 -39.67 12.24 6.94
C LYS B 273 -40.36 12.39 5.60
N LEU B 274 -39.86 13.30 4.75
CA LEU B 274 -40.37 13.48 3.41
C LEU B 274 -40.31 12.22 2.57
N LEU B 275 -39.19 11.48 2.64
CA LEU B 275 -39.01 10.31 1.75
C LEU B 275 -39.93 9.16 2.14
N CYS B 276 -40.16 8.99 3.44
CA CYS B 276 -41.21 8.13 4.01
C CYS B 276 -42.63 8.48 3.59
N HIS B 277 -42.93 9.79 3.48
CA HIS B 277 -44.27 10.23 3.08
C HIS B 277 -44.53 9.99 1.60
N ARG B 278 -43.46 9.95 0.81
CA ARG B 278 -43.53 9.65 -0.62
C ARG B 278 -43.32 8.16 -0.96
N GLY B 279 -43.56 7.31 0.04
CA GLY B 279 -43.60 5.84 -0.15
C GLY B 279 -42.32 5.01 -0.06
N ALA B 280 -41.26 5.60 0.49
CA ALA B 280 -40.00 4.88 0.66
C ALA B 280 -40.12 3.77 1.71
N SER B 281 -39.32 2.72 1.49
CA SER B 281 -39.30 1.52 2.32
C SER B 281 -38.48 1.82 3.56
N THR B 282 -38.99 1.34 4.69
CA THR B 282 -38.46 1.62 6.01
C THR B 282 -37.65 0.38 6.43
N ASN B 283 -37.59 -0.61 5.54
CA ASN B 283 -36.92 -1.88 5.85
C ASN B 283 -35.59 -2.12 5.13
N CYS B 284 -34.94 -1.03 4.75
CA CYS B 284 -33.68 -0.99 4.00
C CYS B 284 -32.42 -0.91 4.90
N GLY B 285 -32.60 -1.13 6.19
CA GLY B 285 -31.60 -0.91 7.22
C GLY B 285 -32.32 -0.85 8.55
N ASP B 286 -31.60 -1.03 9.66
CA ASP B 286 -32.23 -0.80 10.98
C ASP B 286 -32.28 0.70 11.26
N LEU B 287 -33.31 1.33 10.71
CA LEU B 287 -33.37 2.79 10.64
C LEU B 287 -33.51 3.46 11.98
N VAL B 288 -34.29 2.80 12.86
CA VAL B 288 -34.48 3.26 14.24
C VAL B 288 -33.14 3.42 14.95
N ALA B 289 -32.38 2.31 15.02
CA ALA B 289 -31.09 2.27 15.71
C ALA B 289 -30.11 3.33 15.22
N ILE B 290 -30.12 3.58 13.91
CA ILE B 290 -29.33 4.63 13.27
C ILE B 290 -29.70 6.05 13.80
N ALA B 291 -30.98 6.39 13.81
CA ALA B 291 -31.44 7.67 14.35
C ALA B 291 -31.14 7.75 15.84
N ARG B 292 -31.35 6.64 16.56
CA ARG B 292 -31.05 6.57 17.99
C ARG B 292 -29.58 6.90 18.34
N ARG B 293 -28.62 6.37 17.58
CA ARG B 293 -27.20 6.67 17.86
C ARG B 293 -26.81 8.07 17.42
N ASN B 294 -27.57 8.60 16.45
CA ASN B 294 -27.38 9.95 15.98
C ASN B 294 -27.97 11.00 16.96
N TYR B 295 -28.50 10.55 18.11
CA TYR B 295 -29.34 11.30 19.05
C TYR B 295 -30.48 12.10 18.37
N ASP B 296 -31.13 11.50 17.37
CA ASP B 296 -32.16 12.17 16.59
C ASP B 296 -33.63 11.87 17.09
N SER B 297 -33.88 12.25 18.35
CA SER B 297 -35.06 11.91 19.14
C SER B 297 -36.40 11.95 18.42
N ASP B 298 -36.64 13.06 17.71
CA ASP B 298 -37.89 13.27 16.96
C ASP B 298 -38.07 12.24 15.86
N LEU B 299 -37.01 12.06 15.06
CA LEU B 299 -37.00 11.08 13.95
C LEU B 299 -37.10 9.63 14.42
N VAL B 300 -36.58 9.32 15.63
CA VAL B 300 -36.78 8.02 16.26
C VAL B 300 -38.29 7.81 16.45
N LYS B 301 -38.91 8.67 17.27
CA LYS B 301 -40.39 8.77 17.40
C LYS B 301 -41.13 8.55 16.06
N PHE B 302 -40.72 9.30 15.02
CA PHE B 302 -41.39 9.24 13.74
C PHE B 302 -41.33 7.86 13.09
N LEU B 303 -40.15 7.27 13.04
CA LEU B 303 -39.94 5.99 12.39
C LEU B 303 -40.58 4.86 13.23
N ARG B 304 -40.57 5.01 14.55
CA ARG B 304 -41.29 4.12 15.45
C ARG B 304 -42.81 4.20 15.23
N LEU B 305 -43.33 5.40 15.00
CA LEU B 305 -44.78 5.61 14.79
C LEU B 305 -45.27 4.88 13.54
N HIS B 306 -44.42 4.87 12.50
CA HIS B 306 -44.67 4.07 11.31
C HIS B 306 -44.38 2.58 11.58
N ALA B 308 -41.49 0.90 11.30
CA ALA B 308 -40.14 0.84 11.88
C ALA B 308 -39.23 -0.12 11.10
N GLY B 309 -38.10 -0.51 11.70
CA GLY B 309 -37.22 -1.52 11.13
C GLY B 309 -37.46 -2.95 11.60
N GLU B 310 -38.76 -3.32 11.73
CA GLU B 310 -39.22 -4.66 12.14
C GLU B 310 -38.85 -5.75 11.13
N ASP B 311 -39.20 -5.51 9.85
CA ASP B 311 -38.86 -6.42 8.76
C ASP B 311 -37.43 -6.25 8.23
N PHE B 312 -36.46 -6.20 9.15
CA PHE B 312 -35.04 -6.14 8.82
C PHE B 312 -34.28 -6.83 9.93
N PRO B 314 -30.65 -8.15 9.72
CA PRO B 314 -29.27 -7.67 9.57
C PRO B 314 -28.45 -8.60 8.66
N PRO B 315 -27.22 -8.19 8.26
CA PRO B 315 -26.28 -9.14 7.65
C PRO B 315 -25.34 -9.78 8.67
N ALA B 316 -24.73 -10.92 8.31
CA ALA B 316 -23.84 -11.69 9.20
C ALA B 316 -22.41 -11.78 8.67
N ASN B 318 -19.89 -13.24 8.00
CA ASN B 318 -18.94 -14.26 7.52
C ASN B 318 -17.43 -13.90 7.54
N TRP B 319 -17.12 -12.61 7.74
CA TRP B 319 -15.74 -12.13 7.83
C TRP B 319 -14.92 -12.81 8.95
N LYS B 320 -13.82 -13.44 8.57
CA LYS B 320 -12.95 -14.14 9.46
C LYS B 320 -11.59 -13.42 9.43
N PRO B 321 -11.05 -13.02 10.61
CA PRO B 321 -9.69 -12.50 10.64
C PRO B 321 -8.64 -13.57 10.33
N GLN B 322 -7.49 -13.16 9.83
CA GLN B 322 -6.36 -14.05 9.74
C GLN B 322 -5.57 -14.19 11.04
N SER B 323 -5.53 -13.14 11.86
CA SER B 323 -4.84 -13.15 13.15
C SER B 323 -5.48 -14.07 14.19
N SER B 324 -4.65 -14.78 14.93
CA SER B 324 -5.08 -15.71 15.96
C SER B 324 -5.07 -14.99 17.31
N ARG B 325 -3.99 -14.25 17.58
CA ARG B 325 -3.87 -13.44 18.77
C ARG B 325 -4.94 -12.33 18.85
N TRP B 326 -5.16 -11.63 17.74
CA TRP B 326 -6.03 -10.46 17.70
C TRP B 326 -7.41 -10.78 17.11
N GLY B 327 -7.62 -12.05 16.76
CA GLY B 327 -8.85 -12.54 16.14
C GLY B 327 -10.18 -12.08 16.73
N GLU B 328 -10.38 -12.37 18.02
CA GLU B 328 -11.63 -12.07 18.75
C GLU B 328 -12.01 -10.59 18.77
N ALA B 329 -11.02 -9.74 18.96
CA ALA B 329 -11.16 -8.28 18.98
C ALA B 329 -11.36 -7.74 17.58
N LEU B 330 -10.81 -8.39 16.57
CA LEU B 330 -11.05 -7.96 15.20
C LEU B 330 -12.47 -8.29 14.79
N LYS B 331 -12.95 -9.45 15.25
CA LYS B 331 -14.38 -9.80 15.09
C LYS B 331 -15.28 -8.72 15.70
N HIS B 332 -14.98 -8.33 16.94
CA HIS B 332 -15.73 -7.25 17.61
C HIS B 332 -15.70 -5.94 16.81
N LEU B 333 -14.50 -5.51 16.42
CA LEU B 333 -14.34 -4.31 15.63
C LEU B 333 -15.10 -4.33 14.33
N HIS B 334 -15.14 -5.47 13.63
CA HIS B 334 -15.90 -5.61 12.38
C HIS B 334 -17.38 -5.44 12.59
N ARG B 335 -17.86 -6.01 13.70
CA ARG B 335 -19.26 -6.01 14.07
C ARG B 335 -19.82 -4.60 14.42
N ILE B 336 -19.13 -3.85 15.28
CA ILE B 336 -19.60 -2.55 15.75
C ILE B 336 -19.70 -1.47 14.68
N TRP B 337 -20.45 -0.41 14.93
CA TRP B 337 -20.52 0.66 13.95
C TRP B 337 -19.48 1.70 14.30
N ARG B 338 -18.72 2.10 13.28
CA ARG B 338 -17.79 3.19 13.41
C ARG B 338 -17.90 4.06 12.17
N PRO B 339 -17.61 5.35 12.32
CA PRO B 339 -17.50 6.17 11.11
C PRO B 339 -16.07 6.02 10.56
N MET B 340 -15.91 6.24 9.27
CA MET B 340 -14.62 6.00 8.62
C MET B 340 -13.73 7.24 8.66
N ILE B 341 -12.44 7.04 8.82
CA ILE B 341 -11.45 8.12 8.62
C ILE B 341 -10.81 7.78 7.28
N GLY B 342 -11.45 8.22 6.20
CA GLY B 342 -11.13 7.76 4.87
C GLY B 342 -11.41 6.28 4.70
N LYS B 343 -10.37 5.49 4.47
CA LYS B 343 -10.47 4.05 4.26
C LYS B 343 -10.26 3.23 5.53
N LEU B 344 -10.16 3.89 6.69
CA LEU B 344 -9.83 3.23 7.98
C LEU B 344 -10.99 3.22 9.00
N LYS B 345 -11.20 2.06 9.59
CA LYS B 345 -12.14 1.80 10.68
C LYS B 345 -11.39 1.55 11.94
N ILE B 346 -11.55 2.45 12.92
CA ILE B 346 -10.87 2.38 14.19
C ILE B 346 -11.70 2.85 15.41
N PHE B 347 -11.42 2.26 16.57
CA PHE B 347 -12.03 2.66 17.80
C PHE B 347 -10.98 2.76 18.88
N ILE B 348 -10.84 3.92 19.49
CA ILE B 348 -9.85 4.15 20.55
C ILE B 348 -10.41 3.67 21.88
N ASP B 349 -10.05 2.43 22.26
CA ASP B 349 -10.56 1.74 23.46
C ASP B 349 -9.59 0.62 23.85
N GLU B 350 -9.51 0.27 25.12
CA GLU B 350 -8.50 -0.69 25.62
C GLU B 350 -8.60 -2.06 24.98
N GLU B 351 -9.81 -2.46 24.60
CA GLU B 351 -10.01 -3.73 23.96
C GLU B 351 -9.24 -3.90 22.66
N TYR B 352 -9.05 -2.81 21.95
CA TYR B 352 -8.46 -2.83 20.63
C TYR B 352 -7.03 -2.35 20.58
N LYS B 353 -6.39 -2.31 21.72
CA LYS B 353 -5.09 -1.64 21.88
C LYS B 353 -4.03 -2.70 21.84
N ILE B 354 -2.99 -2.45 21.05
CA ILE B 354 -1.96 -3.43 20.78
C ILE B 354 -0.78 -3.09 21.68
N ALA B 355 -0.45 -1.80 21.74
CA ALA B 355 0.69 -1.31 22.49
C ALA B 355 0.63 0.20 22.79
N ASP B 356 1.42 0.60 23.79
CA ASP B 356 1.65 2.03 24.07
C ASP B 356 2.87 2.50 23.30
N THR B 357 2.80 3.73 22.80
CA THR B 357 3.97 4.39 22.22
C THR B 357 4.23 5.75 22.87
N ALA B 358 5.41 6.30 22.58
CA ALA B 358 5.75 7.70 22.95
C ALA B 358 4.75 8.74 22.37
N GLU B 359 4.02 8.33 21.32
CA GLU B 359 2.94 9.08 20.68
C GLU B 359 1.71 8.19 20.31
N GLY B 360 0.65 8.22 21.13
CA GLY B 360 -0.68 7.80 20.65
C GLY B 360 -1.13 6.35 20.70
N GLY B 361 -0.15 5.47 20.81
CA GLY B 361 -0.36 4.02 20.87
C GLY B 361 -0.56 3.42 19.49
N ILE B 362 -0.60 2.08 19.50
CA ILE B 362 -0.92 1.21 18.36
C ILE B 362 -2.26 0.50 18.64
N TYR B 363 -3.18 0.66 17.71
CA TYR B 363 -4.51 0.08 17.79
C TYR B 363 -4.80 -0.81 16.61
N LEU B 364 -5.71 -1.74 16.81
CA LEU B 364 -6.26 -2.54 15.73
C LEU B 364 -7.14 -1.65 14.92
N GLY B 365 -7.18 -1.91 13.63
CA GLY B 365 -7.95 -1.13 12.68
C GLY B 365 -8.36 -2.05 11.57
N LEU B 366 -9.25 -1.57 10.72
CA LEU B 366 -9.56 -2.26 9.45
C LEU B 366 -9.37 -1.23 8.34
N TYR B 367 -8.62 -1.58 7.32
CA TYR B 367 -8.29 -0.63 6.26
C TYR B 367 -8.64 -1.34 5.00
N GLU B 368 -9.57 -0.77 4.23
CA GLU B 368 -10.24 -1.43 3.10
C GLU B 368 -10.62 -2.85 3.50
N ASP B 369 -11.18 -3.00 4.70
CA ASP B 369 -11.61 -4.28 5.25
C ASP B 369 -10.50 -5.31 5.55
N GLN B 370 -9.25 -4.88 5.45
CA GLN B 370 -8.10 -5.71 5.80
C GLN B 370 -7.65 -5.30 7.21
N GLU B 371 -7.35 -6.30 8.04
CA GLU B 371 -6.91 -6.04 9.43
C GLU B 371 -5.50 -5.35 9.46
N VAL B 372 -5.34 -4.34 10.31
CA VAL B 372 -4.10 -3.59 10.38
C VAL B 372 -3.80 -3.12 11.78
N ALA B 373 -2.51 -2.88 12.04
CA ALA B 373 -2.02 -2.14 13.20
C ALA B 373 -1.95 -0.68 12.77
N VAL B 374 -2.40 0.22 13.61
CA VAL B 374 -2.48 1.63 13.31
C VAL B 374 -1.65 2.37 14.36
N LYS B 375 -0.55 2.98 13.92
CA LYS B 375 0.28 3.83 14.75
C LYS B 375 -0.27 5.23 14.64
N ARG B 376 -0.44 5.90 15.77
CA ARG B 376 -1.02 7.26 15.80
C ARG B 376 -0.01 8.35 16.09
N PHE B 377 -0.07 9.41 15.30
CA PHE B 377 0.77 10.59 15.51
C PHE B 377 -0.09 11.84 15.38
N SER B 378 0.22 12.92 16.12
CA SER B 378 -0.41 14.23 15.84
C SER B 378 -0.07 14.63 14.43
N GLU B 379 -1.02 15.17 13.69
CA GLU B 379 -0.74 15.56 12.30
C GLU B 379 0.43 16.54 12.19
N GLY B 380 0.74 17.20 13.32
CA GLY B 380 1.91 18.07 13.44
C GLY B 380 3.24 17.32 13.31
N SER B 381 3.28 16.13 13.87
CA SER B 381 4.53 15.41 14.19
C SER B 381 5.65 15.36 13.16
N THR B 382 6.85 15.74 13.59
CA THR B 382 8.08 15.43 12.84
C THR B 382 8.27 13.92 12.75
N ARG B 383 8.03 13.24 13.86
CA ARG B 383 8.21 11.80 13.94
C ARG B 383 7.27 11.01 12.99
N GLY B 384 6.00 11.39 12.94
CA GLY B 384 5.02 10.86 11.99
C GLY B 384 5.40 11.12 10.54
N GLN B 385 5.92 12.32 10.24
CA GLN B 385 6.40 12.61 8.90
C GLN B 385 7.60 11.74 8.52
N GLN B 386 8.56 11.58 9.45
CA GLN B 386 9.72 10.72 9.22
C GLN B 386 9.34 9.25 8.94
N GLU B 387 8.38 8.75 9.72
CA GLU B 387 7.83 7.40 9.59
C GLU B 387 7.20 7.17 8.23
N VAL B 388 6.28 8.05 7.83
CA VAL B 388 5.55 7.89 6.57
C VAL B 388 6.53 7.92 5.42
N SER B 389 7.52 8.78 5.55
CA SER B 389 8.53 9.00 4.53
C SER B 389 9.37 7.75 4.32
N CYS B 390 9.91 7.21 5.40
CA CYS B 390 10.71 6.00 5.34
C CYS B 390 9.87 4.77 4.96
N LEU B 391 8.63 4.65 5.41
CA LEU B 391 7.77 3.56 4.93
C LEU B 391 7.48 3.61 3.43
N GLN B 392 7.14 4.79 2.93
CA GLN B 392 7.05 5.07 1.46
C GLN B 392 8.25 4.68 0.60
N SER B 393 9.46 4.71 1.17
CA SER B 393 10.65 4.26 0.43
C SER B 393 10.98 2.79 0.63
N SER B 394 10.15 2.07 1.38
CA SER B 394 10.50 0.72 1.83
C SER B 394 9.52 -0.32 1.33
N ARG B 395 8.53 0.10 0.55
CA ARG B 395 7.50 -0.81 0.05
C ARG B 395 8.03 -2.06 -0.67
N ALA B 396 9.19 -1.94 -1.34
CA ALA B 396 9.90 -3.06 -1.94
C ALA B 396 10.70 -3.91 -0.94
N ASN B 397 10.99 -3.39 0.24
CA ASN B 397 11.81 -4.11 1.22
C ASN B 397 10.95 -5.15 1.89
N ASP B 398 11.16 -6.40 1.55
CA ASP B 398 10.30 -7.51 1.97
C ASP B 398 10.32 -7.85 3.43
N ASN B 399 11.32 -7.38 4.17
CA ASN B 399 11.38 -7.67 5.60
C ASN B 399 11.17 -6.42 6.40
N VAL B 400 10.42 -5.49 5.82
CA VAL B 400 9.90 -4.35 6.53
C VAL B 400 8.39 -4.57 6.56
N VAL B 401 7.80 -4.15 7.66
CA VAL B 401 6.41 -4.35 7.90
C VAL B 401 5.64 -3.68 6.76
N THR B 402 4.67 -4.36 6.18
CA THR B 402 3.88 -3.75 5.10
C THR B 402 3.16 -2.47 5.50
N PHE B 403 3.33 -1.44 4.70
CA PHE B 403 2.62 -0.17 4.80
C PHE B 403 1.35 -0.17 3.94
N TYR B 404 0.18 0.02 4.56
CA TYR B 404 -1.06 0.04 3.82
C TYR B 404 -1.32 1.46 3.33
N GLY B 405 -1.26 2.42 4.23
CA GLY B 405 -1.49 3.81 3.89
C GLY B 405 -1.61 4.62 5.16
N SER B 406 -1.67 5.93 5.00
CA SER B 406 -1.88 6.88 6.08
C SER B 406 -3.14 7.68 5.84
N GLU B 407 -3.92 7.88 6.90
CA GLU B 407 -5.15 8.65 6.88
C GLU B 407 -5.10 9.76 7.92
N SER B 408 -5.67 10.93 7.61
CA SER B 408 -5.74 12.07 8.51
C SER B 408 -7.15 12.32 9.08
N ASP B 409 -7.24 12.59 10.39
CA ASP B 409 -8.50 13.01 11.09
C ASP B 409 -8.75 14.53 11.05
N GLY B 410 -7.81 15.27 10.46
CA GLY B 410 -7.70 16.71 10.71
C GLY B 410 -6.80 17.02 11.90
N SER B 411 -6.86 16.16 12.91
CA SER B 411 -6.12 16.34 14.15
C SER B 411 -5.10 15.23 14.42
N CYS B 412 -5.13 14.15 13.62
CA CYS B 412 -4.27 12.96 13.85
C CYS B 412 -3.88 12.16 12.58
N LEU B 413 -2.62 11.75 12.54
CA LEU B 413 -2.04 10.98 11.45
C LEU B 413 -2.14 9.51 11.84
N HIS B 414 -2.92 8.73 11.08
CA HIS B 414 -3.02 7.32 11.28
C HIS B 414 -2.09 6.65 10.31
N VAL B 415 -1.17 5.87 10.84
CA VAL B 415 -0.22 5.09 10.00
C VAL B 415 -0.63 3.63 10.11
N CYS B 416 -1.05 3.02 9.00
CA CYS B 416 -1.61 1.65 9.01
C CYS B 416 -0.62 0.64 8.47
N LEU B 417 -0.42 -0.42 9.23
CA LEU B 417 0.64 -1.38 9.02
C LEU B 417 0.08 -2.79 9.11
N ALA B 418 0.79 -3.73 8.50
CA ALA B 418 0.36 -5.09 8.55
C ALA B 418 0.38 -5.48 10.02
N LEU B 419 -0.55 -6.34 10.39
CA LEU B 419 -0.67 -6.74 11.77
C LEU B 419 0.21 -7.97 11.96
N CYS B 420 1.02 -7.97 13.01
CA CYS B 420 1.80 -9.13 13.32
C CYS B 420 1.32 -9.72 14.63
N GLU B 421 1.59 -11.01 14.81
CA GLU B 421 1.33 -11.72 16.03
C GLU B 421 2.15 -11.16 17.18
N TYR B 422 3.48 -11.32 17.11
CA TYR B 422 4.36 -11.05 18.23
C TYR B 422 5.54 -10.18 17.91
N THR B 423 5.96 -9.49 18.96
CA THR B 423 7.25 -8.85 19.10
C THR B 423 8.34 -9.91 19.12
N LEU B 424 9.57 -9.49 18.88
CA LEU B 424 10.66 -10.48 18.90
C LEU B 424 10.83 -11.02 20.30
N GLN B 425 10.81 -10.10 21.28
CA GLN B 425 10.89 -10.43 22.71
C GLN B 425 9.82 -11.46 23.13
N GLU B 426 8.57 -11.26 22.73
CA GLU B 426 7.50 -12.20 23.08
C GLU B 426 7.76 -13.57 22.47
N HIS B 427 8.09 -13.57 21.20
CA HIS B 427 8.27 -14.75 20.42
C HIS B 427 9.36 -15.66 21.00
N LEU B 428 10.49 -15.07 21.41
CA LEU B 428 11.57 -15.85 21.98
C LEU B 428 11.17 -16.46 23.32
N ALA B 429 10.43 -15.71 24.15
CA ALA B 429 9.79 -16.26 25.35
C ALA B 429 8.93 -17.50 25.06
N ASN B 430 8.01 -17.40 24.09
CA ASN B 430 7.04 -18.45 23.78
C ASN B 430 7.71 -19.68 23.24
N HIS B 431 8.86 -19.49 22.59
CA HIS B 431 9.55 -20.57 21.92
C HIS B 431 10.83 -20.99 22.63
N ARG B 432 10.98 -20.56 23.89
CA ARG B 432 12.17 -20.86 24.71
C ARG B 432 12.29 -22.36 25.01
N GLY B 433 11.15 -23.05 25.18
CA GLY B 433 11.12 -24.50 25.39
C GLY B 433 11.39 -25.47 24.25
N ASP B 434 11.49 -24.94 23.02
CA ASP B 434 11.35 -25.76 21.78
C ASP B 434 12.57 -26.61 21.39
N ALA B 435 13.76 -26.02 21.39
CA ALA B 435 14.99 -26.78 21.23
C ALA B 435 15.39 -27.54 22.52
N VAL B 436 15.71 -28.84 22.37
CA VAL B 436 16.56 -29.51 23.37
C VAL B 436 17.84 -28.64 23.42
N PRO B 437 18.21 -28.09 24.61
CA PRO B 437 19.33 -27.11 24.64
C PRO B 437 20.70 -27.58 24.05
N ASN B 438 20.82 -28.85 23.67
CA ASN B 438 21.99 -29.37 22.91
C ASN B 438 21.67 -29.73 21.44
N GLU B 439 21.26 -28.72 20.68
CA GLU B 439 20.69 -28.87 19.32
C GLU B 439 20.74 -27.54 18.55
N GLU B 440 20.90 -27.67 17.24
CA GLU B 440 21.11 -26.57 16.34
C GLU B 440 19.99 -25.55 16.33
N ASP B 441 20.34 -24.25 16.43
CA ASP B 441 19.33 -23.17 16.43
C ASP B 441 19.09 -22.56 15.02
N GLU B 442 18.28 -23.26 14.24
CA GLU B 442 17.78 -22.82 12.93
C GLU B 442 17.08 -21.45 13.02
N SER B 443 16.30 -21.30 14.09
CA SER B 443 15.46 -20.16 14.32
C SER B 443 16.24 -18.85 14.31
N ALA B 444 17.38 -18.86 15.01
CA ALA B 444 18.26 -17.70 15.15
C ALA B 444 18.78 -17.25 13.82
N ARG B 445 19.21 -18.20 12.98
CA ARG B 445 19.72 -17.87 11.68
C ARG B 445 18.65 -17.21 10.81
N ASN B 446 17.44 -17.75 10.82
CA ASN B 446 16.34 -17.17 10.02
C ASN B 446 16.06 -15.78 10.45
N ILE B 447 15.89 -15.57 11.75
CA ILE B 447 15.52 -14.26 12.26
C ILE B 447 16.58 -13.26 11.85
N LEU B 448 17.85 -13.60 12.16
CA LEU B 448 18.94 -12.70 11.94
C LEU B 448 19.24 -12.48 10.44
N SER B 449 19.13 -13.49 9.58
CA SER B 449 19.29 -13.24 8.14
C SER B 449 18.21 -12.31 7.58
N SER B 450 16.96 -12.46 8.03
CA SER B 450 15.94 -11.47 7.67
C SER B 450 16.31 -10.06 8.10
N LEU B 451 16.81 -9.90 9.34
CA LEU B 451 17.24 -8.55 9.78
C LEU B 451 18.41 -7.96 9.01
N PHE B 452 19.40 -8.80 8.67
CA PHE B 452 20.50 -8.34 7.80
C PHE B 452 19.94 -7.87 6.45
N LYS B 453 19.01 -8.64 5.88
CA LYS B 453 18.36 -8.29 4.63
C LYS B 453 17.60 -6.98 4.85
N ALA B 454 16.80 -6.89 5.92
CA ALA B 454 16.00 -5.70 6.11
C ALA B 454 16.84 -4.45 6.18
N ILE B 455 17.88 -4.47 7.01
CA ILE B 455 18.70 -3.28 7.25
C ILE B 455 19.53 -2.98 6.03
N GLY B 456 20.07 -4.03 5.40
CA GLY B 456 20.75 -3.90 4.11
C GLY B 456 19.96 -3.09 3.09
N GLU B 457 18.70 -3.52 2.88
CA GLU B 457 17.86 -2.87 1.90
C GLU B 457 17.41 -1.49 2.38
N LEU B 458 17.27 -1.33 3.69
CA LEU B 458 16.88 -0.05 4.22
C LEU B 458 17.98 0.96 3.93
N HIS B 459 19.24 0.56 4.13
CA HIS B 459 20.37 1.40 3.76
C HIS B 459 20.38 1.76 2.25
N ARG B 460 20.26 0.77 1.38
CA ARG B 460 20.18 0.99 -0.05
C ARG B 460 19.12 2.02 -0.49
N SER B 461 18.03 2.14 0.27
CA SER B 461 16.95 3.11 0.03
C SER B 461 17.28 4.50 0.60
N GLY B 462 18.49 4.65 1.16
CA GLY B 462 18.94 5.90 1.75
C GLY B 462 18.63 6.12 3.22
N TYR B 463 18.14 5.12 3.92
CA TYR B 463 17.65 5.33 5.28
C TYR B 463 18.42 4.52 6.27
N SER B 464 18.53 5.08 7.48
CA SER B 464 19.04 4.37 8.64
C SER B 464 17.98 4.40 9.73
N HIS B 465 17.89 3.32 10.50
CA HIS B 465 16.85 3.16 11.46
C HIS B 465 16.97 3.99 12.76
N GLN B 466 18.17 3.92 13.35
CA GLN B 466 18.59 4.62 14.58
C GLN B 466 18.12 4.07 15.92
N ASP B 467 17.27 3.07 15.91
CA ASP B 467 16.71 2.55 17.14
C ASP B 467 16.42 1.05 17.07
N LEU B 468 17.33 0.28 16.50
CA LEU B 468 17.09 -1.14 16.39
C LEU B 468 17.13 -1.80 17.78
N GLN B 469 16.00 -2.33 18.21
CA GLN B 469 15.89 -3.09 19.42
C GLN B 469 14.78 -4.11 19.25
N PRO B 470 14.72 -5.10 20.14
CA PRO B 470 13.76 -6.23 19.96
C PRO B 470 12.30 -5.82 19.97
N GLN B 471 11.96 -4.69 20.57
CA GLN B 471 10.58 -4.24 20.55
C GLN B 471 10.12 -3.71 19.18
N ASN B 472 11.08 -3.28 18.36
CA ASN B 472 10.86 -2.81 17.00
C ASN B 472 10.88 -3.92 15.93
N ILE B 473 11.04 -5.18 16.34
CA ILE B 473 11.07 -6.29 15.41
C ILE B 473 9.87 -7.22 15.66
N LEU B 474 9.07 -7.43 14.63
CA LEU B 474 7.84 -8.16 14.80
C LEU B 474 7.87 -9.45 14.02
N ILE B 475 7.23 -10.47 14.58
CA ILE B 475 7.09 -11.78 13.94
C ILE B 475 5.63 -12.05 13.53
N ASP B 476 5.42 -12.55 12.30
CA ASP B 476 4.07 -12.82 11.81
C ASP B 476 3.58 -14.26 12.10
N SER B 477 2.39 -14.62 11.57
CA SER B 477 1.81 -15.96 11.78
C SER B 477 2.68 -17.09 11.24
N LYS B 478 3.36 -16.85 10.12
CA LYS B 478 4.24 -17.90 9.54
C LYS B 478 5.74 -17.72 9.93
N ASN B 479 5.99 -17.07 11.06
CA ASN B 479 7.35 -16.83 11.61
C ASN B 479 8.32 -15.99 10.76
N GLY B 480 7.78 -15.22 9.81
CA GLY B 480 8.56 -14.17 9.18
C GLY B 480 8.82 -13.04 10.17
N THR B 481 10.00 -12.45 10.06
CA THR B 481 10.38 -11.40 10.95
C THR B 481 10.41 -10.12 10.17
N PHE B 482 9.84 -9.07 10.73
CA PHE B 482 9.73 -7.80 10.07
C PHE B 482 10.23 -6.68 10.92
N LEU B 483 10.92 -5.74 10.31
CA LEU B 483 11.43 -4.59 11.00
C LEU B 483 10.39 -3.52 10.96
N ALA B 484 10.16 -2.86 12.08
CA ALA B 484 9.17 -1.81 12.17
C ALA B 484 9.72 -0.61 12.92
N ASP B 485 8.86 0.36 13.15
CA ASP B 485 9.16 1.61 13.85
C ASP B 485 10.13 2.68 13.43
N PHE B 486 9.91 3.22 12.25
CA PHE B 486 10.79 4.24 11.73
C PHE B 486 10.49 5.68 12.03
N ASP B 487 10.15 6.00 13.26
CA ASP B 487 9.88 7.37 13.57
C ASP B 487 11.16 8.08 13.93
N LYS B 488 12.22 7.34 14.16
CA LYS B 488 13.47 7.96 14.50
C LYS B 488 14.48 7.73 13.42
N SER B 489 14.02 7.42 12.23
CA SER B 489 14.92 7.12 11.15
C SER B 489 15.43 8.41 10.51
N ILE B 490 16.56 8.32 9.82
CA ILE B 490 17.16 9.47 9.15
C ILE B 490 17.69 9.06 7.79
N LYS B 491 17.71 9.99 6.85
CA LYS B 491 18.39 9.78 5.56
C LYS B 491 19.86 9.91 5.86
N TRP B 492 20.63 8.85 5.61
CA TRP B 492 22.02 8.82 6.03
C TRP B 492 22.94 9.65 5.14
N ALA B 493 22.50 10.01 3.94
CA ALA B 493 23.34 10.80 3.02
C ALA B 493 23.97 12.04 3.67
N GLU B 494 23.17 12.75 4.47
CA GLU B 494 23.59 13.92 5.28
C GLU B 494 24.69 13.65 6.32
N ASP B 495 24.70 12.45 6.87
CA ASP B 495 25.46 12.05 8.07
C ASP B 495 25.94 10.58 7.92
N PRO B 496 26.90 10.33 7.01
CA PRO B 496 27.20 8.96 6.53
C PRO B 496 27.67 7.92 7.56
N GLN B 497 28.24 8.36 8.69
CA GLN B 497 28.78 7.41 9.63
C GLN B 497 27.81 6.98 10.72
N LYS B 498 26.58 7.51 10.69
CA LYS B 498 25.53 7.12 11.63
C LYS B 498 24.88 5.75 11.25
N ILE B 499 25.08 5.28 10.00
CA ILE B 499 24.96 3.86 9.62
C ILE B 499 25.57 2.93 10.67
N LYS B 500 26.77 3.28 11.18
CA LYS B 500 27.49 2.43 12.13
C LYS B 500 26.76 2.12 13.43
N ARG B 501 25.86 3.00 13.84
CA ARG B 501 25.02 2.77 15.00
C ARG B 501 23.98 1.67 14.77
N ASP B 502 23.34 1.64 13.58
CA ASP B 502 22.48 0.50 13.19
C ASP B 502 23.25 -0.83 13.23
N LEU B 503 24.49 -0.83 12.74
CA LEU B 503 25.27 -2.03 12.62
C LEU B 503 25.73 -2.52 13.97
N GLU B 504 25.91 -1.59 14.92
CA GLU B 504 26.21 -1.91 16.30
C GLU B 504 24.99 -2.54 16.95
N ALA B 505 23.83 -1.92 16.79
CA ALA B 505 22.59 -2.53 17.23
C ALA B 505 22.34 -3.94 16.67
N LEU B 506 22.68 -4.16 15.40
CA LEU B 506 22.60 -5.49 14.86
C LEU B 506 23.53 -6.43 15.66
N GLY B 507 24.65 -5.89 16.14
CA GLY B 507 25.69 -6.68 16.82
C GLY B 507 25.08 -7.10 18.15
N LEU B 508 24.44 -6.14 18.81
CA LEU B 508 23.70 -6.47 20.02
C LEU B 508 22.60 -7.50 19.77
N LEU B 509 21.82 -7.32 18.70
CA LEU B 509 20.74 -8.26 18.35
C LEU B 509 21.24 -9.65 18.05
N VAL B 510 22.44 -9.79 17.48
CA VAL B 510 22.99 -11.12 17.31
C VAL B 510 23.10 -11.89 18.63
N LEU B 511 23.68 -11.26 19.67
CA LEU B 511 23.85 -11.95 20.95
C LEU B 511 22.49 -12.21 21.55
N TYR B 512 21.65 -11.18 21.54
CA TYR B 512 20.29 -11.29 22.09
C TYR B 512 19.57 -12.50 21.57
N VAL B 513 19.63 -12.73 20.25
CA VAL B 513 18.85 -13.78 19.64
C VAL B 513 19.49 -15.13 19.88
N VAL B 514 20.81 -15.20 19.79
CA VAL B 514 21.54 -16.44 20.06
C VAL B 514 21.33 -16.89 21.51
N LYS B 515 21.22 -15.93 22.44
CA LYS B 515 21.01 -16.20 23.86
C LYS B 515 19.54 -16.41 24.16
N LYS B 516 18.74 -16.50 23.09
CA LYS B 516 17.34 -16.96 23.12
C LYS B 516 16.51 -16.06 24.03
N GLY B 517 16.97 -14.84 24.16
CA GLY B 517 16.27 -13.81 24.90
C GLY B 517 16.59 -13.77 26.38
N ASP B 518 17.48 -14.63 26.86
CA ASP B 518 17.80 -14.74 28.29
C ASP B 518 18.56 -13.52 28.85
N ILE B 519 19.51 -12.98 28.07
CA ILE B 519 20.11 -11.70 28.45
C ILE B 519 19.26 -10.58 27.85
N SER B 520 18.82 -9.64 28.70
CA SER B 520 17.97 -8.56 28.26
C SER B 520 18.79 -7.58 27.41
N PHE B 521 18.12 -6.87 26.52
CA PHE B 521 18.72 -5.94 25.63
C PHE B 521 19.32 -4.74 26.36
N GLU B 522 18.62 -4.27 27.39
CA GLU B 522 19.08 -3.18 28.26
C GLU B 522 20.45 -3.56 28.83
N THR B 523 20.54 -4.75 29.41
CA THR B 523 21.79 -5.26 29.95
C THR B 523 22.88 -5.09 28.90
N LEU B 524 22.60 -5.55 27.68
CA LEU B 524 23.56 -5.63 26.59
C LEU B 524 23.94 -4.26 26.07
N LYS B 525 23.02 -3.29 26.12
CA LYS B 525 23.32 -1.91 25.72
C LYS B 525 24.28 -1.18 26.66
N ASN B 526 24.36 -1.64 27.92
CA ASN B 526 25.26 -1.07 28.92
C ASN B 526 26.66 -1.64 28.85
N GLN B 527 26.79 -2.88 28.40
CA GLN B 527 28.07 -3.54 28.21
C GLN B 527 28.94 -2.84 27.13
N SER B 528 30.25 -3.00 27.22
CA SER B 528 31.17 -2.45 26.20
C SER B 528 31.36 -3.47 25.08
N PHE B 529 31.72 -3.01 23.89
CA PHE B 529 32.02 -3.90 22.76
C PHE B 529 32.70 -5.23 23.15
N GLU B 530 33.70 -5.18 24.03
CA GLU B 530 34.50 -6.37 24.39
C GLU B 530 33.75 -7.37 25.27
N GLU B 531 32.92 -6.86 26.18
CA GLU B 531 32.07 -7.64 27.05
C GLU B 531 31.04 -8.43 26.25
N VAL B 532 30.42 -7.80 25.26
CA VAL B 532 29.47 -8.46 24.32
C VAL B 532 30.13 -9.62 23.55
N ILE B 533 31.32 -9.39 23.02
CA ILE B 533 32.10 -10.44 22.35
C ILE B 533 32.37 -11.59 23.32
N GLN B 534 32.76 -11.28 24.56
CA GLN B 534 33.03 -12.29 25.59
C GLN B 534 31.78 -13.13 25.90
N GLY B 535 30.62 -12.46 25.92
CA GLY B 535 29.32 -13.11 26.10
C GLY B 535 28.90 -14.16 25.06
N SER B 536 29.62 -14.24 23.96
CA SER B 536 29.26 -15.10 22.83
C SER B 536 29.55 -16.58 23.11
N PRO B 537 28.57 -17.46 22.91
CA PRO B 537 28.79 -18.90 23.22
C PRO B 537 29.67 -19.68 22.22
N ASP B 538 29.99 -19.13 21.04
CA ASP B 538 30.85 -19.84 20.08
C ASP B 538 31.64 -18.83 19.22
N GLU B 539 32.60 -19.36 18.49
CA GLU B 539 33.46 -18.60 17.60
C GLU B 539 32.79 -18.03 16.33
N GLU B 540 31.72 -18.66 15.82
CA GLU B 540 31.04 -18.09 14.66
C GLU B 540 30.32 -16.82 15.08
N THR B 541 29.76 -16.86 16.27
CA THR B 541 29.05 -15.70 16.81
C THR B 541 30.04 -14.65 17.13
N ARG B 542 31.16 -15.06 17.73
CA ARG B 542 32.18 -14.12 18.15
C ARG B 542 32.63 -13.39 16.90
N ASP B 543 33.07 -14.15 15.89
CA ASP B 543 33.54 -13.52 14.69
C ASP B 543 32.51 -12.61 14.02
N LEU B 544 31.27 -13.10 13.87
CA LEU B 544 30.21 -12.30 13.26
C LEU B 544 30.02 -10.96 13.95
N ILE B 545 29.93 -10.97 15.28
CA ILE B 545 29.61 -9.76 16.06
C ILE B 545 30.74 -8.77 15.91
N HIS B 546 31.95 -9.29 15.99
CA HIS B 546 33.15 -8.51 15.78
C HIS B 546 33.07 -7.68 14.51
N HIS B 547 32.64 -8.34 13.43
CA HIS B 547 32.52 -7.66 12.14
C HIS B 547 31.49 -6.56 12.14
N LEU B 548 30.52 -6.66 13.04
CA LEU B 548 29.44 -5.64 13.14
C LEU B 548 29.84 -4.44 13.95
N PHE B 549 30.57 -4.63 15.04
CA PHE B 549 31.12 -3.51 15.84
C PHE B 549 32.25 -2.77 15.14
N HIS B 550 32.97 -3.46 14.27
CA HIS B 550 34.02 -2.84 13.46
C HIS B 550 33.76 -2.98 11.96
N PRO B 551 32.78 -2.24 11.42
CA PRO B 551 32.35 -2.49 10.04
C PRO B 551 33.29 -1.90 8.99
N GLY B 552 33.96 -0.82 9.35
CA GLY B 552 34.83 -0.10 8.42
C GLY B 552 34.20 1.15 7.87
N ASP B 553 35.02 2.19 7.71
CA ASP B 553 34.58 3.44 7.08
C ASP B 553 34.03 3.12 5.68
N ASN B 554 34.78 2.32 4.94
CA ASN B 554 34.38 1.82 3.64
C ASN B 554 33.33 0.75 3.84
N VAL B 555 32.34 1.06 4.68
CA VAL B 555 31.30 0.10 5.03
C VAL B 555 30.58 -0.50 3.82
N GLU B 556 29.89 0.34 3.04
CA GLU B 556 29.09 -0.09 1.87
C GLU B 556 28.19 -1.29 2.22
N ASP B 557 28.21 -2.34 1.40
CA ASP B 557 27.39 -3.50 1.67
C ASP B 557 28.18 -4.52 2.46
N ARG B 558 28.43 -4.16 3.72
CA ARG B 558 29.13 -5.00 4.66
C ARG B 558 28.18 -6.11 5.05
N LEU B 559 26.92 -5.72 5.26
CA LEU B 559 25.82 -6.61 5.61
C LEU B 559 25.61 -7.78 4.66
N SER B 560 25.58 -7.50 3.37
CA SER B 560 25.36 -8.53 2.37
C SER B 560 26.52 -9.55 2.32
N SER B 561 27.76 -9.10 2.55
CA SER B 561 28.87 -10.08 2.53
C SER B 561 28.87 -10.96 3.79
N LEU B 562 28.31 -10.44 4.89
CA LEU B 562 28.22 -11.18 6.13
C LEU B 562 27.26 -12.37 6.10
N LEU B 563 26.24 -12.31 5.24
CA LEU B 563 25.37 -13.45 4.99
C LEU B 563 26.09 -14.73 4.55
N ALA B 564 27.33 -14.57 4.06
CA ALA B 564 28.17 -15.68 3.55
C ALA B 564 28.99 -16.35 4.63
N HIS B 565 28.93 -15.79 5.84
CA HIS B 565 29.73 -16.15 7.01
C HIS B 565 29.31 -17.48 7.60
N PRO B 566 30.24 -18.22 8.22
CA PRO B 566 29.86 -19.55 8.71
C PRO B 566 28.78 -19.58 9.76
N PHE B 567 28.57 -18.49 10.47
CA PHE B 567 27.44 -18.36 11.36
C PHE B 567 26.11 -18.76 10.67
N PHE B 568 25.93 -18.38 9.39
CA PHE B 568 24.69 -18.71 8.68
C PHE B 568 24.77 -20.06 7.98
N TRP B 569 25.87 -20.79 8.11
CA TRP B 569 25.92 -22.18 7.63
C TRP B 569 25.31 -23.16 8.62
N SER B 570 24.39 -23.99 8.13
CA SER B 570 23.89 -25.12 8.89
C SER B 570 25.05 -26.02 9.37
N TRP B 571 24.83 -26.80 10.41
CA TRP B 571 25.85 -27.73 10.94
C TRP B 571 26.16 -28.75 9.87
N GLU B 572 25.15 -29.13 9.09
CA GLU B 572 25.31 -30.10 8.03
C GLU B 572 26.30 -29.56 6.98
N SER B 573 26.19 -28.28 6.70
CA SER B 573 27.01 -27.67 5.64
C SER B 573 28.43 -27.39 6.11
N ARG B 574 28.63 -26.96 7.35
CA ARG B 574 29.98 -26.87 7.98
C ARG B 574 30.77 -28.20 7.84
N TYR B 575 30.12 -29.28 8.26
CA TYR B 575 30.67 -30.61 8.21
C TYR B 575 30.95 -31.02 6.80
N ARG B 576 30.03 -30.70 5.91
CA ARG B 576 30.18 -31.00 4.49
C ARG B 576 31.38 -30.26 3.91
N THR B 577 31.60 -29.03 4.37
CA THR B 577 32.74 -28.27 3.91
C THR B 577 34.07 -28.86 4.42
N LEU B 578 34.12 -29.22 5.69
CA LEU B 578 35.35 -29.80 6.27
C LEU B 578 35.66 -31.12 5.61
N ARG B 579 34.62 -31.91 5.31
CA ARG B 579 34.78 -33.17 4.58
C ARG B 579 35.28 -32.99 3.17
N ASP B 580 34.78 -31.97 2.48
CA ASP B 580 35.15 -31.69 1.10
C ASP B 580 36.58 -31.19 1.00
N VAL B 581 36.98 -30.29 1.90
CA VAL B 581 38.37 -29.85 2.02
C VAL B 581 39.25 -31.09 2.26
N GLY B 582 38.90 -31.92 3.25
CA GLY B 582 39.59 -33.17 3.52
C GLY B 582 39.72 -34.20 2.40
N ASN B 583 38.97 -34.03 1.32
CA ASN B 583 39.03 -34.93 0.16
C ASN B 583 39.95 -34.42 -0.95
N GLU B 584 40.63 -33.31 -0.68
CA GLU B 584 41.63 -32.77 -1.60
C GLU B 584 42.78 -33.74 -1.70
N SER B 585 43.24 -33.98 -2.93
CA SER B 585 44.25 -35.01 -3.16
C SER B 585 45.56 -34.73 -2.35
N ASP B 586 45.92 -33.46 -2.18
CA ASP B 586 47.14 -33.07 -1.49
C ASP B 586 47.06 -33.18 0.04
N ILE B 587 45.84 -33.18 0.56
CA ILE B 587 45.59 -33.56 1.96
C ILE B 587 45.78 -35.08 2.12
N LYS B 588 45.24 -35.86 1.17
CA LYS B 588 45.34 -37.33 1.22
C LYS B 588 46.76 -37.88 0.98
N THR B 589 47.50 -37.27 0.06
CA THR B 589 48.91 -37.63 -0.19
C THR B 589 49.89 -36.96 0.79
N ARG B 590 49.33 -36.16 1.72
CA ARG B 590 50.09 -35.35 2.69
C ARG B 590 51.21 -34.49 2.06
N ASN B 591 50.93 -33.93 0.87
CA ASN B 591 51.92 -33.22 0.09
C ASN B 591 52.19 -31.83 0.69
N GLN B 592 53.28 -31.70 1.42
CA GLN B 592 53.59 -30.46 2.18
C GLN B 592 53.82 -29.21 1.36
N ASN B 593 54.34 -29.40 0.15
CA ASN B 593 54.63 -28.31 -0.80
C ASN B 593 53.38 -27.71 -1.44
N SER B 594 52.24 -28.42 -1.39
CA SER B 594 51.06 -28.06 -2.18
C SER B 594 50.43 -26.73 -1.80
N ARG B 595 49.64 -26.19 -2.72
CA ARG B 595 48.89 -24.99 -2.44
C ARG B 595 47.98 -25.12 -1.20
N ILE B 596 47.07 -26.12 -1.15
CA ILE B 596 46.21 -26.31 0.01
C ILE B 596 46.94 -26.29 1.39
N LEU B 597 48.01 -27.06 1.48
CA LEU B 597 48.73 -27.20 2.75
C LEU B 597 49.55 -26.01 3.13
N GLN B 598 50.01 -25.27 2.13
CA GLN B 598 50.58 -23.93 2.32
C GLN B 598 49.56 -22.93 2.90
N LEU B 599 48.32 -22.95 2.41
CA LEU B 599 47.24 -22.15 2.98
C LEU B 599 46.88 -22.57 4.43
N LEU B 600 46.86 -23.85 4.72
CA LEU B 600 46.30 -24.30 5.99
C LEU B 600 47.24 -24.19 7.17
N GLN B 601 48.51 -24.40 6.88
CA GLN B 601 49.44 -25.00 7.83
C GLN B 601 50.87 -24.54 7.57
N PRO B 602 51.13 -23.26 7.24
CA PRO B 602 52.53 -22.96 6.88
C PRO B 602 53.39 -22.57 8.10
N GLY B 603 54.66 -23.02 8.14
CA GLY B 603 55.61 -22.66 9.19
C GLY B 603 55.57 -23.40 10.53
N THR B 604 56.58 -23.17 11.36
CA THR B 604 56.65 -23.73 12.71
C THR B 604 57.31 -22.72 13.63
N GLU B 606 51.36 -23.21 16.58
CA GLU B 606 50.40 -24.31 16.51
C GLU B 606 49.49 -24.25 17.70
N SER B 608 48.25 -23.48 20.38
CA SER B 608 47.32 -22.42 20.72
C SER B 608 45.89 -22.63 20.21
N THR B 609 45.74 -23.46 19.17
CA THR B 609 44.42 -23.78 18.65
C THR B 609 44.00 -25.10 19.26
N SER B 610 42.71 -25.29 19.48
CA SER B 610 42.22 -26.47 20.19
C SER B 610 42.39 -27.77 19.40
N PHE B 611 42.91 -27.66 18.19
CA PHE B 611 43.17 -28.84 17.34
C PHE B 611 44.70 -29.13 17.21
N ALA B 612 45.50 -28.39 17.96
CA ALA B 612 46.87 -28.76 18.23
C ALA B 612 46.78 -30.08 18.98
N GLN B 613 47.64 -31.04 18.62
CA GLN B 613 47.55 -32.40 19.18
C GLN B 613 46.13 -32.99 19.28
N TRP B 614 45.40 -32.88 18.16
CA TRP B 614 44.00 -33.32 18.05
C TRP B 614 43.84 -34.83 18.21
N THR B 615 44.89 -35.57 17.87
CA THR B 615 44.91 -37.05 17.96
C THR B 615 44.78 -37.51 19.42
N THR B 616 45.31 -36.73 20.35
CA THR B 616 45.23 -36.98 21.79
C THR B 616 43.94 -36.47 22.43
N LYS B 617 42.94 -36.08 21.64
CA LYS B 617 41.73 -35.49 22.23
C LYS B 617 40.46 -36.18 21.79
N ILE B 618 40.57 -37.17 20.88
CA ILE B 618 39.44 -37.98 20.53
C ILE B 618 39.56 -39.39 21.15
N ASP B 619 38.44 -39.95 21.59
CA ASP B 619 38.35 -41.32 22.17
C ASP B 619 39.26 -42.37 21.51
N SER B 620 40.02 -43.08 22.35
CA SER B 620 41.14 -43.93 21.88
C SER B 620 40.75 -45.07 20.94
N PHE B 621 39.50 -45.55 21.07
CA PHE B 621 38.91 -46.60 20.22
C PHE B 621 38.72 -46.13 18.77
N VAL B 622 38.15 -44.92 18.65
CA VAL B 622 37.90 -44.25 17.38
C VAL B 622 39.25 -44.00 16.72
N MET B 623 40.19 -43.44 17.49
CA MET B 623 41.55 -43.20 17.01
C MET B 623 42.20 -44.48 16.46
N GLU B 624 42.09 -45.55 17.24
CA GLU B 624 42.64 -46.85 16.90
C GLU B 624 41.98 -47.46 15.69
N GLU B 625 40.65 -47.52 15.70
CA GLU B 625 39.90 -48.10 14.56
C GLU B 625 40.16 -47.35 13.26
N MET B 626 40.29 -46.03 13.38
CA MET B 626 40.57 -45.18 12.24
C MET B 626 41.92 -45.44 11.59
N ASN B 627 42.91 -45.85 12.37
CA ASN B 627 44.23 -46.17 11.82
C ASN B 627 44.19 -47.54 11.10
N ALA B 628 43.64 -47.56 9.89
CA ALA B 628 43.54 -48.76 9.04
C ALA B 628 44.16 -48.29 7.73
N TYR B 629 45.49 -48.16 7.78
CA TYR B 629 46.33 -47.67 6.67
C TYR B 629 45.95 -48.24 5.30
N ASN B 646 52.18 -44.47 7.44
CA ASN B 646 52.13 -43.20 8.15
C ASN B 646 50.81 -43.03 8.89
N LEU B 647 50.80 -43.37 10.20
CA LEU B 647 49.66 -43.13 11.12
C LEU B 647 49.34 -41.62 11.30
N TYR B 648 48.05 -41.26 11.46
CA TYR B 648 47.54 -39.86 11.61
C TYR B 648 48.37 -38.92 12.51
N GLN B 649 48.74 -37.77 11.93
CA GLN B 649 49.61 -36.76 12.55
C GLN B 649 48.83 -35.60 13.14
N ASP B 650 49.45 -34.83 14.03
CA ASP B 650 48.80 -33.64 14.60
C ASP B 650 48.80 -32.42 13.71
N THR B 651 48.73 -32.63 12.40
CA THR B 651 48.46 -31.53 11.48
C THR B 651 46.95 -31.35 11.28
N LEU B 652 46.56 -30.12 10.96
CA LEU B 652 45.21 -29.78 10.53
C LEU B 652 44.86 -30.53 9.24
N GLY B 653 45.81 -30.64 8.31
CA GLY B 653 45.65 -31.45 7.11
C GLY B 653 45.15 -32.86 7.42
N ASP B 654 45.80 -33.49 8.40
CA ASP B 654 45.43 -34.82 8.87
C ASP B 654 44.06 -34.88 9.62
N LEU B 655 43.69 -33.79 10.30
CA LEU B 655 42.36 -33.65 10.88
C LEU B 655 41.25 -33.60 9.82
N LEU B 656 41.47 -32.82 8.76
CA LEU B 656 40.48 -32.71 7.69
C LEU B 656 40.36 -34.07 7.00
N LYS B 657 41.50 -34.72 6.77
CA LYS B 657 41.59 -36.13 6.34
C LYS B 657 40.80 -37.08 7.24
N PHE B 658 40.85 -36.85 8.53
CA PHE B 658 40.14 -37.67 9.51
C PHE B 658 38.65 -37.49 9.33
N ILE B 659 38.23 -36.23 9.19
CA ILE B 659 36.81 -35.90 9.06
C ILE B 659 36.29 -36.43 7.71
N ARG B 660 37.04 -36.29 6.64
CA ARG B 660 36.60 -36.89 5.36
C ARG B 660 36.42 -38.40 5.47
N ASN B 661 37.42 -39.09 6.03
CA ASN B 661 37.38 -40.56 6.20
C ASN B 661 36.25 -41.04 7.06
N LEU B 662 36.06 -40.40 8.21
CA LEU B 662 34.94 -40.71 9.07
C LEU B 662 33.62 -40.46 8.35
N GLY B 663 33.56 -39.37 7.58
CA GLY B 663 32.32 -38.97 6.88
C GLY B 663 31.87 -40.07 5.97
N GLU B 664 32.81 -40.59 5.21
CA GLU B 664 32.57 -41.63 4.23
C GLU B 664 32.16 -43.00 4.79
N HIS B 665 32.70 -43.35 5.96
CA HIS B 665 32.61 -44.73 6.45
C HIS B 665 31.75 -44.92 7.68
N ILE B 666 31.46 -43.84 8.40
CA ILE B 666 30.78 -43.90 9.70
C ILE B 666 29.58 -44.85 9.75
N ASN B 667 28.89 -45.02 8.63
CA ASN B 667 27.62 -45.77 8.58
C ASN B 667 27.73 -47.19 8.04
N GLU B 668 28.94 -47.59 7.59
CA GLU B 668 29.22 -48.96 7.21
C GLU B 668 28.98 -49.93 8.37
N GLN B 669 28.40 -51.09 8.01
CA GLN B 669 28.04 -52.19 8.94
C GLN B 669 29.03 -52.41 10.09
N LYS B 670 30.30 -52.56 9.73
CA LYS B 670 31.40 -52.88 10.66
C LYS B 670 31.85 -51.74 11.58
N ASN B 671 31.29 -50.54 11.44
CA ASN B 671 31.71 -49.40 12.24
C ASN B 671 30.64 -48.92 13.21
N LYS B 672 29.74 -49.84 13.53
CA LYS B 672 28.60 -49.56 14.39
C LYS B 672 29.00 -49.00 15.77
N LYS B 673 30.10 -49.47 16.34
CA LYS B 673 30.60 -49.06 17.69
C LYS B 673 31.13 -47.62 17.72
N MET B 674 31.90 -47.27 16.69
CA MET B 674 32.35 -45.90 16.41
C MET B 674 31.16 -44.89 16.33
N LYS B 675 30.18 -45.23 15.49
CA LYS B 675 28.95 -44.46 15.29
C LYS B 675 28.25 -44.05 16.58
N SER B 676 28.16 -44.96 17.55
CA SER B 676 27.53 -44.62 18.84
C SER B 676 28.38 -43.73 19.75
N ILE B 677 29.70 -43.86 19.66
CA ILE B 677 30.63 -43.04 20.49
C ILE B 677 30.57 -41.57 20.04
N ILE B 678 30.63 -41.39 18.73
CA ILE B 678 30.65 -40.09 18.08
C ILE B 678 29.27 -39.42 18.09
N GLY B 679 28.21 -40.19 17.82
CA GLY B 679 26.88 -39.59 17.70
C GLY B 679 26.80 -38.91 16.36
N GLU B 680 26.10 -37.77 16.30
CA GLU B 680 26.10 -36.96 15.07
C GLU B 680 27.47 -36.24 14.89
N PRO B 681 28.19 -36.64 13.82
CA PRO B 681 29.57 -36.17 13.63
C PRO B 681 29.76 -34.67 13.51
N SER B 682 28.84 -33.98 12.84
CA SER B 682 28.89 -32.52 12.82
C SER B 682 28.98 -31.91 14.21
N GLN B 683 28.02 -32.27 15.06
CA GLN B 683 28.00 -31.81 16.46
C GLN B 683 29.33 -32.13 17.18
N TYR B 684 29.90 -33.30 16.85
CA TYR B 684 31.04 -33.86 17.57
C TYR B 684 32.27 -32.99 17.37
N PHE B 685 32.71 -32.93 16.11
CA PHE B 685 33.88 -32.19 15.69
C PHE B 685 33.82 -30.71 16.02
N GLN B 686 32.63 -30.11 15.93
CA GLN B 686 32.49 -28.71 16.34
C GLN B 686 32.70 -28.55 17.84
N GLU B 687 32.23 -29.54 18.61
CA GLU B 687 32.25 -29.42 20.05
C GLU B 687 33.66 -29.66 20.60
N LYS B 688 34.27 -30.73 20.14
CA LYS B 688 35.62 -31.08 20.54
C LYS B 688 36.68 -30.11 20.00
N PHE B 689 36.35 -29.43 18.89
CA PHE B 689 37.23 -28.42 18.29
C PHE B 689 36.51 -27.11 17.86
N PRO B 690 36.16 -26.19 18.80
CA PRO B 690 35.26 -25.07 18.48
C PRO B 690 35.76 -24.09 17.41
N ASP B 691 37.06 -23.92 17.33
CA ASP B 691 37.61 -22.96 16.37
C ASP B 691 37.86 -23.54 14.97
N LEU B 692 37.60 -24.83 14.78
CA LEU B 692 37.96 -25.48 13.51
C LEU B 692 37.28 -24.83 12.27
N VAL B 693 35.96 -24.59 12.32
CA VAL B 693 35.20 -24.15 11.16
C VAL B 693 35.72 -22.76 10.75
N MET B 694 35.82 -21.86 11.73
CA MET B 694 36.30 -20.51 11.55
C MET B 694 37.73 -20.46 11.05
N TYR B 695 38.57 -21.35 11.57
CA TYR B 695 39.95 -21.42 11.15
C TYR B 695 40.05 -21.72 9.66
N VAL B 696 39.29 -22.71 9.21
CA VAL B 696 39.26 -23.08 7.79
C VAL B 696 38.65 -21.96 6.95
N TYR B 697 37.55 -21.38 7.45
CA TYR B 697 36.92 -20.27 6.79
C TYR B 697 37.97 -19.19 6.51
N THR B 698 38.68 -18.81 7.55
CA THR B 698 39.66 -17.74 7.44
C THR B 698 40.79 -18.05 6.49
N LYS B 699 41.27 -19.28 6.49
CA LYS B 699 42.33 -19.64 5.57
C LYS B 699 41.94 -19.77 4.10
N LEU B 700 40.68 -20.07 3.81
CA LEU B 700 40.29 -20.36 2.41
C LEU B 700 39.43 -19.24 1.81
N GLN B 701 39.17 -18.24 2.63
CA GLN B 701 38.20 -17.22 2.38
C GLN B 701 38.29 -16.55 1.01
N ASN B 702 39.47 -16.14 0.58
CA ASN B 702 39.55 -15.52 -0.78
C ASN B 702 40.57 -16.27 -1.59
N THR B 703 40.36 -17.58 -1.65
CA THR B 703 41.17 -18.48 -2.46
C THR B 703 40.25 -19.22 -3.43
N GLU B 704 40.86 -19.99 -4.33
CA GLU B 704 40.16 -20.94 -5.16
C GLU B 704 39.39 -22.01 -4.34
N TYR B 705 39.86 -22.36 -3.12
CA TYR B 705 39.22 -23.40 -2.31
C TYR B 705 37.89 -22.98 -1.67
N MET B 706 37.53 -21.72 -1.90
CA MET B 706 36.29 -21.13 -1.46
C MET B 706 35.13 -21.89 -2.09
N LYS B 707 35.39 -22.70 -3.11
CA LYS B 707 34.35 -23.46 -3.83
C LYS B 707 33.78 -24.60 -2.98
N HIS B 708 34.47 -24.90 -1.89
CA HIS B 708 34.03 -25.92 -0.95
C HIS B 708 33.07 -25.39 0.09
N PHE B 709 32.90 -24.07 0.13
CA PHE B 709 31.93 -23.43 1.05
C PHE B 709 30.52 -23.71 0.51
N PRO B 710 29.50 -23.64 1.39
CA PRO B 710 28.11 -23.92 0.96
C PRO B 710 27.61 -22.81 0.05
N LYS B 711 26.43 -22.99 -0.55
CA LYS B 711 25.80 -21.95 -1.35
C LYS B 711 24.89 -21.06 -0.52
N THR B 712 24.70 -19.83 -1.03
CA THR B 712 23.80 -18.86 -0.41
C THR B 712 22.70 -18.32 -1.31
#